data_1BDN
# 
_entry.id   1BDN 
# 
_audit_conform.dict_name       mmcif_pdbx.dic 
_audit_conform.dict_version    5.385 
_audit_conform.dict_location   http://mmcif.pdb.org/dictionaries/ascii/mmcif_pdbx.dic 
# 
loop_
_database_2.database_id 
_database_2.database_code 
_database_2.pdbx_database_accession 
_database_2.pdbx_DOI 
PDB   1BDN         pdb_00001bdn 10.2210/pdb1bdn/pdb 
RCSB  BDL015       ?            ?                   
WWPDB D_1000171629 ?            ?                   
# 
loop_
_pdbx_audit_revision_history.ordinal 
_pdbx_audit_revision_history.data_content_type 
_pdbx_audit_revision_history.major_revision 
_pdbx_audit_revision_history.minor_revision 
_pdbx_audit_revision_history.revision_date 
1 'Structure model' 1 0 1991-04-15 
2 'Structure model' 1 1 2008-05-22 
3 'Structure model' 1 2 2011-07-13 
4 'Structure model' 1 3 2024-02-07 
# 
_pdbx_audit_revision_details.ordinal             1 
_pdbx_audit_revision_details.revision_ordinal    1 
_pdbx_audit_revision_details.data_content_type   'Structure model' 
_pdbx_audit_revision_details.provider            repository 
_pdbx_audit_revision_details.type                'Initial release' 
_pdbx_audit_revision_details.description         ? 
_pdbx_audit_revision_details.details             ? 
# 
loop_
_pdbx_audit_revision_group.ordinal 
_pdbx_audit_revision_group.revision_ordinal 
_pdbx_audit_revision_group.data_content_type 
_pdbx_audit_revision_group.group 
1 2 'Structure model' 'Version format compliance' 
2 3 'Structure model' 'Version format compliance' 
3 4 'Structure model' 'Data collection'           
4 4 'Structure model' 'Database references'       
5 4 'Structure model' 'Derived calculations'      
# 
loop_
_pdbx_audit_revision_category.ordinal 
_pdbx_audit_revision_category.revision_ordinal 
_pdbx_audit_revision_category.data_content_type 
_pdbx_audit_revision_category.category 
1 4 'Structure model' chem_comp_atom 
2 4 'Structure model' chem_comp_bond 
3 4 'Structure model' database_2     
4 4 'Structure model' struct_conn    
5 4 'Structure model' struct_site    
# 
loop_
_pdbx_audit_revision_item.ordinal 
_pdbx_audit_revision_item.revision_ordinal 
_pdbx_audit_revision_item.data_content_type 
_pdbx_audit_revision_item.item 
1  4 'Structure model' '_database_2.pdbx_DOI'                
2  4 'Structure model' '_database_2.pdbx_database_accession' 
3  4 'Structure model' '_struct_conn.ptnr1_auth_comp_id'     
4  4 'Structure model' '_struct_conn.ptnr1_auth_seq_id'      
5  4 'Structure model' '_struct_conn.ptnr1_label_asym_id'    
6  4 'Structure model' '_struct_conn.ptnr1_label_atom_id'    
7  4 'Structure model' '_struct_conn.ptnr1_label_comp_id'    
8  4 'Structure model' '_struct_conn.ptnr1_label_seq_id'     
9  4 'Structure model' '_struct_conn.ptnr2_auth_comp_id'     
10 4 'Structure model' '_struct_conn.ptnr2_auth_seq_id'      
11 4 'Structure model' '_struct_conn.ptnr2_label_asym_id'    
12 4 'Structure model' '_struct_conn.ptnr2_label_atom_id'    
13 4 'Structure model' '_struct_conn.ptnr2_label_comp_id'    
14 4 'Structure model' '_struct_conn.ptnr2_label_seq_id'     
15 4 'Structure model' '_struct_site.pdbx_auth_asym_id'      
16 4 'Structure model' '_struct_site.pdbx_auth_comp_id'      
17 4 'Structure model' '_struct_site.pdbx_auth_seq_id'       
# 
_pdbx_database_status.status_code                     REL 
_pdbx_database_status.entry_id                        1BDN 
_pdbx_database_status.recvd_initial_deposition_date   1989-07-25 
_pdbx_database_status.deposit_site                    BNL 
_pdbx_database_status.process_site                    BNL 
_pdbx_database_status.SG_entry                        . 
_pdbx_database_status.pdb_format_compatible           Y 
_pdbx_database_status.status_code_mr                  ? 
_pdbx_database_status.status_code_sf                  ? 
_pdbx_database_status.status_code_cs                  ? 
_pdbx_database_status.status_code_nmr_data            ? 
_pdbx_database_status.methods_development_category    ? 
# 
loop_
_audit_author.name 
_audit_author.pdbx_ordinal 
'DiGabriele, A.D.' 1 
'Sanderson, M.R.'  2 
'Steitz, T.A.'     3 
# 
_citation.id                        primary 
_citation.title                     
'Crystal lattice packing is important in determining the bend of a DNA dodecamer containing an adenine tract.' 
_citation.journal_abbrev            Proc.Natl.Acad.Sci.USA 
_citation.journal_volume            86 
_citation.page_first                1816 
_citation.page_last                 1820 
_citation.year                      1989 
_citation.journal_id_ASTM           PNASA6 
_citation.country                   US 
_citation.journal_id_ISSN           0027-8424 
_citation.journal_id_CSD            0040 
_citation.book_publisher            ? 
_citation.pdbx_database_id_PubMed   2928304 
_citation.pdbx_database_id_DOI      10.1073/pnas.86.6.1816 
# 
loop_
_citation_author.citation_id 
_citation_author.name 
_citation_author.ordinal 
_citation_author.identifier_ORCID 
primary 'DiGabriele, A.D.' 1 ? 
primary 'Sanderson, M.R.'  2 ? 
primary 'Steitz, T.A.'     3 ? 
# 
loop_
_entity.id 
_entity.type 
_entity.src_method 
_entity.pdbx_description 
_entity.formula_weight 
_entity.pdbx_number_of_molecules 
_entity.pdbx_ec 
_entity.pdbx_mutation 
_entity.pdbx_fragment 
_entity.details 
1 polymer     syn 
;DNA (5'-D(*CP*GP*CP*AP*AP*AP*AP*AP*TP*GP*CP*G)-3')
;
3680.432 2  ? ? ? ? 
2 polymer     syn 
;DNA (5'-D(*CP*GP*CP*AP*TP*TP*TP*TP*TP*GP*CP*G)-3')
;
3644.376 2  ? ? ? ? 
3 non-polymer syn 'MAGNESIUM ION'                                      24.305   2  ? ? ? ? 
4 water       nat water                                                18.015   21 ? ? ? ? 
# 
loop_
_entity_poly.entity_id 
_entity_poly.type 
_entity_poly.nstd_linkage 
_entity_poly.nstd_monomer 
_entity_poly.pdbx_seq_one_letter_code 
_entity_poly.pdbx_seq_one_letter_code_can 
_entity_poly.pdbx_strand_id 
_entity_poly.pdbx_target_identifier 
1 polydeoxyribonucleotide no no '(DC)(DG)(DC)(DA)(DA)(DA)(DA)(DA)(DT)(DG)(DC)(DG)' CGCAAAAATGCG A,C ? 
2 polydeoxyribonucleotide no no '(DC)(DG)(DC)(DA)(DT)(DT)(DT)(DT)(DT)(DG)(DC)(DG)' CGCATTTTTGCG B,D ? 
# 
loop_
_pdbx_entity_nonpoly.entity_id 
_pdbx_entity_nonpoly.name 
_pdbx_entity_nonpoly.comp_id 
3 'MAGNESIUM ION' MG  
4 water           HOH 
# 
loop_
_entity_poly_seq.entity_id 
_entity_poly_seq.num 
_entity_poly_seq.mon_id 
_entity_poly_seq.hetero 
1 1  DC n 
1 2  DG n 
1 3  DC n 
1 4  DA n 
1 5  DA n 
1 6  DA n 
1 7  DA n 
1 8  DA n 
1 9  DT n 
1 10 DG n 
1 11 DC n 
1 12 DG n 
2 1  DC n 
2 2  DG n 
2 3  DC n 
2 4  DA n 
2 5  DT n 
2 6  DT n 
2 7  DT n 
2 8  DT n 
2 9  DT n 
2 10 DG n 
2 11 DC n 
2 12 DG n 
# 
loop_
_chem_comp.id 
_chem_comp.type 
_chem_comp.mon_nstd_flag 
_chem_comp.name 
_chem_comp.pdbx_synonyms 
_chem_comp.formula 
_chem_comp.formula_weight 
DA  'DNA linking' y "2'-DEOXYADENOSINE-5'-MONOPHOSPHATE" ? 'C10 H14 N5 O6 P' 331.222 
DC  'DNA linking' y "2'-DEOXYCYTIDINE-5'-MONOPHOSPHATE"  ? 'C9 H14 N3 O7 P'  307.197 
DG  'DNA linking' y "2'-DEOXYGUANOSINE-5'-MONOPHOSPHATE" ? 'C10 H14 N5 O7 P' 347.221 
DT  'DNA linking' y "THYMIDINE-5'-MONOPHOSPHATE"         ? 'C10 H15 N2 O8 P' 322.208 
HOH non-polymer   . WATER                                ? 'H2 O'            18.015  
MG  non-polymer   . 'MAGNESIUM ION'                      ? 'Mg 2'            24.305  
# 
loop_
_pdbx_poly_seq_scheme.asym_id 
_pdbx_poly_seq_scheme.entity_id 
_pdbx_poly_seq_scheme.seq_id 
_pdbx_poly_seq_scheme.mon_id 
_pdbx_poly_seq_scheme.ndb_seq_num 
_pdbx_poly_seq_scheme.pdb_seq_num 
_pdbx_poly_seq_scheme.auth_seq_num 
_pdbx_poly_seq_scheme.pdb_mon_id 
_pdbx_poly_seq_scheme.auth_mon_id 
_pdbx_poly_seq_scheme.pdb_strand_id 
_pdbx_poly_seq_scheme.pdb_ins_code 
_pdbx_poly_seq_scheme.hetero 
A 1 1  DC 1  1  1  DC C A . n 
A 1 2  DG 2  2  2  DG G A . n 
A 1 3  DC 3  3  3  DC C A . n 
A 1 4  DA 4  4  4  DA A A . n 
A 1 5  DA 5  5  5  DA A A . n 
A 1 6  DA 6  6  6  DA A A . n 
A 1 7  DA 7  7  7  DA A A . n 
A 1 8  DA 8  8  8  DA A A . n 
A 1 9  DT 9  9  9  DT T A . n 
A 1 10 DG 10 10 10 DG G A . n 
A 1 11 DC 11 11 11 DC C A . n 
A 1 12 DG 12 12 12 DG G A . n 
B 2 1  DC 1  13 13 DC C B . n 
B 2 2  DG 2  14 14 DG G B . n 
B 2 3  DC 3  15 15 DC C B . n 
B 2 4  DA 4  16 16 DA A B . n 
B 2 5  DT 5  17 17 DT T B . n 
B 2 6  DT 6  18 18 DT T B . n 
B 2 7  DT 7  19 19 DT T B . n 
B 2 8  DT 8  20 20 DT T B . n 
B 2 9  DT 9  21 21 DT T B . n 
B 2 10 DG 10 22 22 DG G B . n 
B 2 11 DC 11 23 23 DC C B . n 
B 2 12 DG 12 24 24 DG G B . n 
C 1 1  DC 1  25 25 DC C C . n 
C 1 2  DG 2  26 26 DG G C . n 
C 1 3  DC 3  27 27 DC C C . n 
C 1 4  DA 4  28 28 DA A C . n 
C 1 5  DA 5  29 29 DA A C . n 
C 1 6  DA 6  30 30 DA A C . n 
C 1 7  DA 7  31 31 DA A C . n 
C 1 8  DA 8  32 32 DA A C . n 
C 1 9  DT 9  33 33 DT T C . n 
C 1 10 DG 10 34 34 DG G C . n 
C 1 11 DC 11 35 35 DC C C . n 
C 1 12 DG 12 36 36 DG G C . n 
D 2 1  DC 1  37 37 DC C D . n 
D 2 2  DG 2  38 38 DG G D . n 
D 2 3  DC 3  39 39 DC C D . n 
D 2 4  DA 4  40 40 DA A D . n 
D 2 5  DT 5  41 41 DT T D . n 
D 2 6  DT 6  42 42 DT T D . n 
D 2 7  DT 7  43 43 DT T D . n 
D 2 8  DT 8  44 44 DT T D . n 
D 2 9  DT 9  45 45 DT T D . n 
D 2 10 DG 10 46 46 DG G D . n 
D 2 11 DC 11 47 47 DC C D . n 
D 2 12 DG 12 48 48 DG G D . n 
# 
loop_
_pdbx_nonpoly_scheme.asym_id 
_pdbx_nonpoly_scheme.entity_id 
_pdbx_nonpoly_scheme.mon_id 
_pdbx_nonpoly_scheme.ndb_seq_num 
_pdbx_nonpoly_scheme.pdb_seq_num 
_pdbx_nonpoly_scheme.auth_seq_num 
_pdbx_nonpoly_scheme.pdb_mon_id 
_pdbx_nonpoly_scheme.auth_mon_id 
_pdbx_nonpoly_scheme.pdb_strand_id 
_pdbx_nonpoly_scheme.pdb_ins_code 
E 3 MG  1 50 50 MG  MG  A . 
F 3 MG  1 49 49 MG  MG  D . 
G 4 HOH 1 56 56 HOH HOH A . 
G 4 HOH 2 58 58 HOH HOH A . 
G 4 HOH 3 60 60 HOH HOH A . 
G 4 HOH 4 61 61 HOH HOH A . 
G 4 HOH 5 65 65 HOH HOH A . 
G 4 HOH 6 66 66 HOH HOH A . 
G 4 HOH 7 71 71 HOH HOH A . 
H 4 HOH 1 51 51 HOH HOH B . 
H 4 HOH 2 53 53 HOH HOH B . 
H 4 HOH 3 55 55 HOH HOH B . 
I 4 HOH 1 52 52 HOH HOH C . 
I 4 HOH 2 62 62 HOH HOH C . 
I 4 HOH 3 64 64 HOH HOH C . 
J 4 HOH 1 54 54 HOH HOH D . 
J 4 HOH 2 57 57 HOH HOH D . 
J 4 HOH 3 59 59 HOH HOH D . 
J 4 HOH 4 63 63 HOH HOH D . 
J 4 HOH 5 67 67 HOH HOH D . 
J 4 HOH 6 68 68 HOH HOH D . 
J 4 HOH 7 69 69 HOH HOH D . 
J 4 HOH 8 70 70 HOH HOH D . 
# 
_software.name             CORELS 
_software.classification   refinement 
_software.version          . 
_software.citation_id      ? 
_software.pdbx_ordinal     1 
# 
_cell.entry_id           1BDN 
_cell.length_a           24.540 
_cell.length_b           40.320 
_cell.length_c           65.860 
_cell.angle_alpha        90.00 
_cell.angle_beta         90.00 
_cell.angle_gamma        90.00 
_cell.Z_PDB              8 
_cell.pdbx_unique_axis   ? 
# 
_symmetry.entry_id                         1BDN 
_symmetry.space_group_name_H-M             'P 21 21 21' 
_symmetry.pdbx_full_space_group_name_H-M   ? 
_symmetry.cell_setting                     ? 
_symmetry.Int_Tables_number                19 
# 
_exptl.entry_id          1BDN 
_exptl.method            'X-RAY DIFFRACTION' 
_exptl.crystals_number   ? 
# 
_exptl_crystal.id                    1 
_exptl_crystal.density_meas          ? 
_exptl_crystal.density_Matthews      ? 
_exptl_crystal.density_percent_sol   ? 
_exptl_crystal.description           ? 
# 
_exptl_crystal_grow.crystal_id      1 
_exptl_crystal_grow.method          'VAPOR DIFFUSION, HANGING DROP' 
_exptl_crystal_grow.temp            283.00 
_exptl_crystal_grow.temp_details    ? 
_exptl_crystal_grow.pH              7.00 
_exptl_crystal_grow.pdbx_details    'pH 7.00, VAPOR DIFFUSION, HANGING DROP, temperature 283.00K' 
_exptl_crystal_grow.pdbx_pH_range   ? 
# 
loop_
_exptl_crystal_grow_comp.crystal_id 
_exptl_crystal_grow_comp.id 
_exptl_crystal_grow_comp.sol_id 
_exptl_crystal_grow_comp.name 
_exptl_crystal_grow_comp.volume 
_exptl_crystal_grow_comp.conc 
_exptl_crystal_grow_comp.details 
1 1 1 WATER           ? ? ? 
1 2 1 MPD             ? ? ? 
1 3 1 MGCL2           ? ? ? 
1 4 1 'NA CACODYLATE' ? ? ? 
1 5 2 WATER           ? ? ? 
1 6 2 MPD             ? ? ? 
# 
_diffrn.id                     1 
_diffrn.ambient_temp           285.00 
_diffrn.ambient_temp_details   ? 
_diffrn.crystal_id             1 
# 
_diffrn_detector.diffrn_id              1 
_diffrn_detector.detector               'AREA DETECTOR' 
_diffrn_detector.type                   'UCSD MARK II' 
_diffrn_detector.pdbx_collection_date   ? 
_diffrn_detector.details                ? 
# 
_diffrn_radiation.diffrn_id                        1 
_diffrn_radiation.wavelength_id                    1 
_diffrn_radiation.pdbx_monochromatic_or_laue_m_l   ? 
_diffrn_radiation.monochromator                    ? 
_diffrn_radiation.pdbx_diffrn_protocol             ? 
_diffrn_radiation.pdbx_scattering_type             x-ray 
# 
_diffrn_radiation_wavelength.id           1 
_diffrn_radiation_wavelength.wavelength   . 
_diffrn_radiation_wavelength.wt           1.0 
# 
_diffrn_source.diffrn_id                   1 
_diffrn_source.source                      ? 
_diffrn_source.type                        ? 
_diffrn_source.pdbx_synchrotron_site       ? 
_diffrn_source.pdbx_synchrotron_beamline   ? 
_diffrn_source.pdbx_wavelength             ? 
_diffrn_source.pdbx_wavelength_list        ? 
# 
_reflns.entry_id                     1BDN 
_reflns.observed_criterion_sigma_I   0.500 
_reflns.observed_criterion_sigma_F   ? 
_reflns.d_resolution_low             10.000 
_reflns.d_resolution_high            2.500 
_reflns.number_obs                   2267 
_reflns.number_all                   ? 
_reflns.percent_possible_obs         ? 
_reflns.pdbx_Rmerge_I_obs            ? 
_reflns.pdbx_Rsym_value              ? 
_reflns.pdbx_netI_over_sigmaI        ? 
_reflns.B_iso_Wilson_estimate        ? 
_reflns.pdbx_redundancy              ? 
_reflns.pdbx_diffrn_id               1 
_reflns.pdbx_ordinal                 1 
# 
_refine.entry_id                                 1BDN 
_refine.ls_number_reflns_obs                     1975 
_refine.ls_number_reflns_all                     ? 
_refine.pdbx_ls_sigma_I                          0.500 
_refine.pdbx_ls_sigma_F                          ? 
_refine.pdbx_data_cutoff_high_absF               ? 
_refine.pdbx_data_cutoff_low_absF                ? 
_refine.pdbx_data_cutoff_high_rms_absF           ? 
_refine.ls_d_res_low                             8.000 
_refine.ls_d_res_high                            2.600 
_refine.ls_percent_reflns_obs                    ? 
_refine.ls_R_factor_obs                          0.2010000 
_refine.ls_R_factor_all                          ? 
_refine.ls_R_factor_R_work                       ? 
_refine.ls_R_factor_R_free                       ? 
_refine.ls_R_factor_R_free_error                 ? 
_refine.ls_R_factor_R_free_error_details         ? 
_refine.ls_percent_reflns_R_free                 ? 
_refine.ls_number_reflns_R_free                  ? 
_refine.ls_number_parameters                     ? 
_refine.ls_number_restraints                     ? 
_refine.occupancy_min                            ? 
_refine.occupancy_max                            ? 
_refine.B_iso_mean                               ? 
_refine.aniso_B[1][1]                            ? 
_refine.aniso_B[2][2]                            ? 
_refine.aniso_B[3][3]                            ? 
_refine.aniso_B[1][2]                            ? 
_refine.aniso_B[1][3]                            ? 
_refine.aniso_B[2][3]                            ? 
_refine.solvent_model_details                    ? 
_refine.solvent_model_param_ksol                 ? 
_refine.solvent_model_param_bsol                 ? 
_refine.pdbx_ls_cross_valid_method               ? 
_refine.details                                  ? 
_refine.pdbx_starting_model                      ? 
_refine.pdbx_method_to_determine_struct          ? 
_refine.pdbx_isotropic_thermal_model             ? 
_refine.pdbx_stereochemistry_target_values       ? 
_refine.pdbx_stereochem_target_val_spec_case     ? 
_refine.pdbx_R_Free_selection_details            ? 
_refine.pdbx_overall_ESU_R                       ? 
_refine.pdbx_overall_ESU_R_Free                  ? 
_refine.overall_SU_ML                            ? 
_refine.overall_SU_B                             ? 
_refine.pdbx_refine_id                           'X-RAY DIFFRACTION' 
_refine.pdbx_diffrn_id                           1 
_refine.pdbx_TLS_residual_ADP_flag               ? 
_refine.correlation_coeff_Fo_to_Fc               ? 
_refine.correlation_coeff_Fo_to_Fc_free          ? 
_refine.pdbx_solvent_vdw_probe_radii             ? 
_refine.pdbx_solvent_ion_probe_radii             ? 
_refine.pdbx_solvent_shrinkage_radii             ? 
_refine.pdbx_overall_phase_error                 ? 
_refine.overall_SU_R_Cruickshank_DPI             ? 
_refine.pdbx_overall_SU_R_free_Cruickshank_DPI   ? 
_refine.pdbx_overall_SU_R_Blow_DPI               ? 
_refine.pdbx_overall_SU_R_free_Blow_DPI          ? 
# 
_refine_hist.pdbx_refine_id                   'X-RAY DIFFRACTION' 
_refine_hist.cycle_id                         LAST 
_refine_hist.pdbx_number_atoms_protein        0 
_refine_hist.pdbx_number_atoms_nucleic_acid   972 
_refine_hist.pdbx_number_atoms_ligand         2 
_refine_hist.number_atoms_solvent             21 
_refine_hist.number_atoms_total               995 
_refine_hist.d_res_high                       2.600 
_refine_hist.d_res_low                        8.000 
# 
_struct.entry_id                  1BDN 
_struct.title                     
'CRYSTAL LATTICE PACKING IS IMPORTANT IN DETERMINING THE BEND OF A DNA DODECAMER CONTAINING AN ADENINE TRACT' 
_struct.pdbx_model_details        ? 
_struct.pdbx_CASP_flag            ? 
_struct.pdbx_model_type_details   ? 
# 
_struct_keywords.entry_id        1BDN 
_struct_keywords.pdbx_keywords   DNA 
_struct_keywords.text            'B-DNA, DOUBLE HELIX, DNA' 
# 
loop_
_struct_asym.id 
_struct_asym.pdbx_blank_PDB_chainid_flag 
_struct_asym.pdbx_modified 
_struct_asym.entity_id 
_struct_asym.details 
A N N 1 ? 
B N N 2 ? 
C N N 1 ? 
D N N 2 ? 
E N N 3 ? 
F N N 3 ? 
G N N 4 ? 
H N N 4 ? 
I N N 4 ? 
J N N 4 ? 
# 
loop_
_struct_ref.id 
_struct_ref.entity_id 
_struct_ref.db_name 
_struct_ref.db_code 
_struct_ref.pdbx_db_accession 
_struct_ref.pdbx_db_isoform 
_struct_ref.pdbx_seq_one_letter_code 
_struct_ref.pdbx_align_begin 
1 1 PDB 1BDN 1BDN ? ? ? 
2 2 PDB 1BDN 1BDN ? ? ? 
# 
loop_
_struct_ref_seq.align_id 
_struct_ref_seq.ref_id 
_struct_ref_seq.pdbx_PDB_id_code 
_struct_ref_seq.pdbx_strand_id 
_struct_ref_seq.seq_align_beg 
_struct_ref_seq.pdbx_seq_align_beg_ins_code 
_struct_ref_seq.seq_align_end 
_struct_ref_seq.pdbx_seq_align_end_ins_code 
_struct_ref_seq.pdbx_db_accession 
_struct_ref_seq.db_align_beg 
_struct_ref_seq.pdbx_db_align_beg_ins_code 
_struct_ref_seq.db_align_end 
_struct_ref_seq.pdbx_db_align_end_ins_code 
_struct_ref_seq.pdbx_auth_seq_align_beg 
_struct_ref_seq.pdbx_auth_seq_align_end 
1 1 1BDN A 1 ? 12 ? 1BDN 1  ? 12 ? 1  12 
2 2 1BDN B 1 ? 12 ? 1BDN 13 ? 24 ? 13 24 
3 1 1BDN C 1 ? 12 ? 1BDN 25 ? 36 ? 25 36 
4 2 1BDN D 1 ? 12 ? 1BDN 37 ? 48 ? 37 48 
# 
loop_
_pdbx_struct_assembly.id 
_pdbx_struct_assembly.details 
_pdbx_struct_assembly.method_details 
_pdbx_struct_assembly.oligomeric_details 
_pdbx_struct_assembly.oligomeric_count 
1 author_defined_assembly ? dimeric 2 
2 author_defined_assembly ? dimeric 2 
# 
loop_
_pdbx_struct_assembly_gen.assembly_id 
_pdbx_struct_assembly_gen.oper_expression 
_pdbx_struct_assembly_gen.asym_id_list 
1 1 A,B,E,G,H 
2 1 C,D,F,I,J 
# 
_pdbx_struct_oper_list.id                   1 
_pdbx_struct_oper_list.type                 'identity operation' 
_pdbx_struct_oper_list.name                 1_555 
_pdbx_struct_oper_list.symmetry_operation   x,y,z 
_pdbx_struct_oper_list.matrix[1][1]         1.0000000000 
_pdbx_struct_oper_list.matrix[1][2]         0.0000000000 
_pdbx_struct_oper_list.matrix[1][3]         0.0000000000 
_pdbx_struct_oper_list.vector[1]            0.0000000000 
_pdbx_struct_oper_list.matrix[2][1]         0.0000000000 
_pdbx_struct_oper_list.matrix[2][2]         1.0000000000 
_pdbx_struct_oper_list.matrix[2][3]         0.0000000000 
_pdbx_struct_oper_list.vector[2]            0.0000000000 
_pdbx_struct_oper_list.matrix[3][1]         0.0000000000 
_pdbx_struct_oper_list.matrix[3][2]         0.0000000000 
_pdbx_struct_oper_list.matrix[3][3]         1.0000000000 
_pdbx_struct_oper_list.vector[3]            0.0000000000 
# 
loop_
_struct_biol.id 
1 
2 
# 
loop_
_struct_conn.id 
_struct_conn.conn_type_id 
_struct_conn.pdbx_leaving_atom_flag 
_struct_conn.pdbx_PDB_id 
_struct_conn.ptnr1_label_asym_id 
_struct_conn.ptnr1_label_comp_id 
_struct_conn.ptnr1_label_seq_id 
_struct_conn.ptnr1_label_atom_id 
_struct_conn.pdbx_ptnr1_label_alt_id 
_struct_conn.pdbx_ptnr1_PDB_ins_code 
_struct_conn.pdbx_ptnr1_standard_comp_id 
_struct_conn.ptnr1_symmetry 
_struct_conn.ptnr2_label_asym_id 
_struct_conn.ptnr2_label_comp_id 
_struct_conn.ptnr2_label_seq_id 
_struct_conn.ptnr2_label_atom_id 
_struct_conn.pdbx_ptnr2_label_alt_id 
_struct_conn.pdbx_ptnr2_PDB_ins_code 
_struct_conn.ptnr1_auth_asym_id 
_struct_conn.ptnr1_auth_comp_id 
_struct_conn.ptnr1_auth_seq_id 
_struct_conn.ptnr2_auth_asym_id 
_struct_conn.ptnr2_auth_comp_id 
_struct_conn.ptnr2_auth_seq_id 
_struct_conn.ptnr2_symmetry 
_struct_conn.pdbx_ptnr3_label_atom_id 
_struct_conn.pdbx_ptnr3_label_seq_id 
_struct_conn.pdbx_ptnr3_label_comp_id 
_struct_conn.pdbx_ptnr3_label_asym_id 
_struct_conn.pdbx_ptnr3_label_alt_id 
_struct_conn.pdbx_ptnr3_PDB_ins_code 
_struct_conn.details 
_struct_conn.pdbx_dist_value 
_struct_conn.pdbx_value_order 
_struct_conn.pdbx_role 
metalc1  metalc ? ? A DA 7  OP2 ? ? ? 1_555 E MG  .  MG ? ? A DA 7  A MG  50 1_555 ? ? ? ? ? ? ?                       2.676 ? ? 
metalc2  metalc ? ? F MG .  MG  ? ? ? 1_555 J HOH .  O  ? ? D MG 49 D HOH 69 3_645 ? ? ? ? ? ? ?                       2.439 ? ? 
hydrog1  hydrog ? ? A DC 1  N3  ? ? ? 1_555 B DG  12 N1 ? ? A DC 1  B DG  24 1_555 ? ? ? ? ? ? WATSON-CRICK            ?     ? ? 
hydrog2  hydrog ? ? A DC 1  N4  ? ? ? 1_555 B DG  12 O6 ? ? A DC 1  B DG  24 1_555 ? ? ? ? ? ? WATSON-CRICK            ?     ? ? 
hydrog3  hydrog ? ? A DC 1  O2  ? ? ? 1_555 B DG  12 N2 ? ? A DC 1  B DG  24 1_555 ? ? ? ? ? ? WATSON-CRICK            ?     ? ? 
hydrog4  hydrog ? ? A DC 1  N3  ? ? ? 1_555 C DG  12 N2 ? ? A DC 1  C DG  36 1_555 ? ? ? ? ? ? 'REVERSED WATSON-CRICK' ?     ? ? 
hydrog5  hydrog ? ? A DC 1  O2  ? ? ? 1_555 C DG  12 N1 ? ? A DC 1  C DG  36 1_555 ? ? ? ? ? ? 'REVERSED WATSON-CRICK' ?     ? ? 
hydrog6  hydrog ? ? A DG 2  N1  ? ? ? 1_555 B DC  11 N3 ? ? A DG 2  B DC  23 1_555 ? ? ? ? ? ? WATSON-CRICK            ?     ? ? 
hydrog7  hydrog ? ? A DG 2  N2  ? ? ? 1_555 B DC  11 O2 ? ? A DG 2  B DC  23 1_555 ? ? ? ? ? ? WATSON-CRICK            ?     ? ? 
hydrog8  hydrog ? ? A DG 2  O6  ? ? ? 1_555 B DC  11 N4 ? ? A DG 2  B DC  23 1_555 ? ? ? ? ? ? WATSON-CRICK            ?     ? ? 
hydrog9  hydrog ? ? A DG 2  N1  ? ? ? 1_555 C DC  11 O2 ? ? A DG 2  C DC  35 1_555 ? ? ? ? ? ? 'REVERSED WATSON-CRICK' ?     ? ? 
hydrog10 hydrog ? ? A DG 2  N2  ? ? ? 1_555 C DC  11 N3 ? ? A DG 2  C DC  35 1_555 ? ? ? ? ? ? 'REVERSED WATSON-CRICK' ?     ? ? 
hydrog11 hydrog ? ? A DC 3  N3  ? ? ? 1_555 B DG  10 N1 ? ? A DC 3  B DG  22 1_555 ? ? ? ? ? ? WATSON-CRICK            ?     ? ? 
hydrog12 hydrog ? ? A DC 3  N4  ? ? ? 1_555 B DG  10 O6 ? ? A DC 3  B DG  22 1_555 ? ? ? ? ? ? WATSON-CRICK            ?     ? ? 
hydrog13 hydrog ? ? A DC 3  O2  ? ? ? 1_555 B DG  10 N2 ? ? A DC 3  B DG  22 1_555 ? ? ? ? ? ? WATSON-CRICK            ?     ? ? 
hydrog14 hydrog ? ? A DC 3  N3  ? ? ? 1_555 C DG  10 N2 ? ? A DC 3  C DG  34 1_555 ? ? ? ? ? ? 'DC-DG PAIR'            ?     ? ? 
hydrog15 hydrog ? ? A DA 4  N1  ? ? ? 1_555 B DT  9  N3 ? ? A DA 4  B DT  21 1_555 ? ? ? ? ? ? WATSON-CRICK            ?     ? ? 
hydrog16 hydrog ? ? A DA 4  N6  ? ? ? 1_555 B DT  9  O4 ? ? A DA 4  B DT  21 1_555 ? ? ? ? ? ? WATSON-CRICK            ?     ? ? 
hydrog17 hydrog ? ? A DA 4  N1  ? ? ? 1_555 C DT  9  N3 ? ? A DA 4  C DT  33 1_555 ? ? ? ? ? ? 'DA-DT PAIR'            ?     ? ? 
hydrog18 hydrog ? ? A DA 5  N1  ? ? ? 1_555 B DT  8  N3 ? ? A DA 5  B DT  20 1_555 ? ? ? ? ? ? WATSON-CRICK            ?     ? ? 
hydrog19 hydrog ? ? A DA 5  N6  ? ? ? 1_555 B DT  8  O4 ? ? A DA 5  B DT  20 1_555 ? ? ? ? ? ? WATSON-CRICK            ?     ? ? 
hydrog20 hydrog ? ? A DA 5  N6  ? ? ? 1_555 C DA  8  N1 ? ? A DA 5  C DA  32 1_555 ? ? ? ? ? ? 'DA-DA MISPAIR'         ?     ? ? 
hydrog21 hydrog ? ? A DA 6  N1  ? ? ? 1_555 B DT  7  N3 ? ? A DA 6  B DT  19 1_555 ? ? ? ? ? ? WATSON-CRICK            ?     ? ? 
hydrog22 hydrog ? ? A DA 6  N6  ? ? ? 1_555 B DT  7  O4 ? ? A DA 6  B DT  19 1_555 ? ? ? ? ? ? WATSON-CRICK            ?     ? ? 
hydrog23 hydrog ? ? A DA 6  N1  ? ? ? 1_555 C DA  7  N6 ? ? A DA 6  C DA  31 1_555 ? ? ? ? ? ? TYPE_1_PAIR             ?     ? ? 
hydrog24 hydrog ? ? A DA 6  N6  ? ? ? 1_555 C DA  7  N1 ? ? A DA 6  C DA  31 1_555 ? ? ? ? ? ? TYPE_1_PAIR             ?     ? ? 
hydrog25 hydrog ? ? A DA 7  N1  ? ? ? 1_555 B DT  6  N3 ? ? A DA 7  B DT  18 1_555 ? ? ? ? ? ? WATSON-CRICK            ?     ? ? 
hydrog26 hydrog ? ? A DA 7  N6  ? ? ? 1_555 B DT  6  O4 ? ? A DA 7  B DT  18 1_555 ? ? ? ? ? ? WATSON-CRICK            ?     ? ? 
hydrog27 hydrog ? ? A DA 7  N1  ? ? ? 1_555 C DA  6  N6 ? ? A DA 7  C DA  30 1_555 ? ? ? ? ? ? 'DA-DA MISPAIR'         ?     ? ? 
hydrog28 hydrog ? ? A DA 8  N1  ? ? ? 1_555 B DT  5  N3 ? ? A DA 8  B DT  17 1_555 ? ? ? ? ? ? WATSON-CRICK            ?     ? ? 
hydrog29 hydrog ? ? A DA 8  N6  ? ? ? 1_555 B DT  5  O4 ? ? A DA 8  B DT  17 1_555 ? ? ? ? ? ? WATSON-CRICK            ?     ? ? 
hydrog30 hydrog ? ? A DA 8  N1  ? ? ? 1_555 C DA  5  N6 ? ? A DA 8  C DA  29 1_555 ? ? ? ? ? ? TYPE_1_PAIR             ?     ? ? 
hydrog31 hydrog ? ? A DA 8  N6  ? ? ? 1_555 C DA  5  N1 ? ? A DA 8  C DA  29 1_555 ? ? ? ? ? ? TYPE_1_PAIR             ?     ? ? 
hydrog32 hydrog ? ? A DT 9  N3  ? ? ? 1_555 B DA  4  N1 ? ? A DT 9  B DA  16 1_555 ? ? ? ? ? ? WATSON-CRICK            ?     ? ? 
hydrog33 hydrog ? ? A DT 9  O4  ? ? ? 1_555 B DA  4  N6 ? ? A DT 9  B DA  16 1_555 ? ? ? ? ? ? WATSON-CRICK            ?     ? ? 
hydrog34 hydrog ? ? A DT 9  N3  ? ? ? 1_555 C DA  4  N1 ? ? A DT 9  C DA  28 1_555 ? ? ? ? ? ? WATSON-CRICK            ?     ? ? 
hydrog35 hydrog ? ? A DT 9  O4  ? ? ? 1_555 C DA  4  N6 ? ? A DT 9  C DA  28 1_555 ? ? ? ? ? ? WATSON-CRICK            ?     ? ? 
hydrog36 hydrog ? ? A DG 10 N1  ? ? ? 1_555 B DC  3  N3 ? ? A DG 10 B DC  15 1_555 ? ? ? ? ? ? WATSON-CRICK            ?     ? ? 
hydrog37 hydrog ? ? A DG 10 N2  ? ? ? 1_555 B DC  3  O2 ? ? A DG 10 B DC  15 1_555 ? ? ? ? ? ? WATSON-CRICK            ?     ? ? 
hydrog38 hydrog ? ? A DG 10 O6  ? ? ? 1_555 B DC  3  N4 ? ? A DG 10 B DC  15 1_555 ? ? ? ? ? ? WATSON-CRICK            ?     ? ? 
hydrog39 hydrog ? ? A DG 10 N2  ? ? ? 1_555 C DC  3  N3 ? ? A DG 10 C DC  27 1_555 ? ? ? ? ? ? 'DG-DC PAIR'            ?     ? ? 
hydrog40 hydrog ? ? A DC 11 N3  ? ? ? 1_555 B DG  2  N1 ? ? A DC 11 B DG  14 1_555 ? ? ? ? ? ? WATSON-CRICK            ?     ? ? 
hydrog41 hydrog ? ? A DC 11 N4  ? ? ? 1_555 B DG  2  O6 ? ? A DC 11 B DG  14 1_555 ? ? ? ? ? ? WATSON-CRICK            ?     ? ? 
hydrog42 hydrog ? ? A DC 11 O2  ? ? ? 1_555 B DG  2  N2 ? ? A DC 11 B DG  14 1_555 ? ? ? ? ? ? WATSON-CRICK            ?     ? ? 
hydrog43 hydrog ? ? A DC 11 N3  ? ? ? 1_555 C DG  2  N1 ? ? A DC 11 C DG  26 1_555 ? ? ? ? ? ? WATSON-CRICK            ?     ? ? 
hydrog44 hydrog ? ? A DC 11 N4  ? ? ? 1_555 C DG  2  O6 ? ? A DC 11 C DG  26 1_555 ? ? ? ? ? ? WATSON-CRICK            ?     ? ? 
hydrog45 hydrog ? ? A DC 11 O2  ? ? ? 1_555 C DG  2  N2 ? ? A DC 11 C DG  26 1_555 ? ? ? ? ? ? WATSON-CRICK            ?     ? ? 
hydrog46 hydrog ? ? A DG 12 N1  ? ? ? 1_555 B DC  1  N3 ? ? A DG 12 B DC  13 1_555 ? ? ? ? ? ? WATSON-CRICK            ?     ? ? 
hydrog47 hydrog ? ? A DG 12 N2  ? ? ? 1_555 B DC  1  O2 ? ? A DG 12 B DC  13 1_555 ? ? ? ? ? ? WATSON-CRICK            ?     ? ? 
hydrog48 hydrog ? ? A DG 12 O6  ? ? ? 1_555 B DC  1  N4 ? ? A DG 12 B DC  13 1_555 ? ? ? ? ? ? WATSON-CRICK            ?     ? ? 
hydrog49 hydrog ? ? A DG 12 N1  ? ? ? 1_555 C DC  1  N3 ? ? A DG 12 C DC  25 1_555 ? ? ? ? ? ? WATSON-CRICK            ?     ? ? 
hydrog50 hydrog ? ? A DG 12 N2  ? ? ? 1_555 C DC  1  O2 ? ? A DG 12 C DC  25 1_555 ? ? ? ? ? ? WATSON-CRICK            ?     ? ? 
hydrog51 hydrog ? ? A DG 12 O6  ? ? ? 1_555 C DC  1  N4 ? ? A DG 12 C DC  25 1_555 ? ? ? ? ? ? WATSON-CRICK            ?     ? ? 
hydrog52 hydrog ? ? B DC 1  N3  ? ? ? 1_555 D DG  12 N1 ? ? B DC 13 D DG  48 1_555 ? ? ? ? ? ? WATSON-CRICK            ?     ? ? 
hydrog53 hydrog ? ? B DC 1  N4  ? ? ? 1_555 D DG  12 O6 ? ? B DC 13 D DG  48 1_555 ? ? ? ? ? ? WATSON-CRICK            ?     ? ? 
hydrog54 hydrog ? ? B DC 1  O2  ? ? ? 1_555 D DG  12 N2 ? ? B DC 13 D DG  48 1_555 ? ? ? ? ? ? WATSON-CRICK            ?     ? ? 
hydrog55 hydrog ? ? B DG 2  N1  ? ? ? 1_555 D DC  11 N3 ? ? B DG 14 D DC  47 1_555 ? ? ? ? ? ? 'DG-DC PAIR'            ?     ? ? 
hydrog56 hydrog ? ? B DC 3  N3  ? ? ? 1_555 D DG  10 N1 ? ? B DC 15 D DG  46 1_555 ? ? ? ? ? ? WATSON-CRICK            ?     ? ? 
hydrog57 hydrog ? ? B DC 3  N4  ? ? ? 1_555 D DG  10 O6 ? ? B DC 15 D DG  46 1_555 ? ? ? ? ? ? WATSON-CRICK            ?     ? ? 
hydrog58 hydrog ? ? B DC 3  O2  ? ? ? 1_555 D DG  10 N2 ? ? B DC 15 D DG  46 1_555 ? ? ? ? ? ? WATSON-CRICK            ?     ? ? 
hydrog59 hydrog ? ? B DA 4  N1  ? ? ? 1_555 D DT  9  N3 ? ? B DA 16 D DT  45 1_555 ? ? ? ? ? ? WATSON-CRICK            ?     ? ? 
hydrog60 hydrog ? ? B DA 4  N6  ? ? ? 1_555 D DT  9  O4 ? ? B DA 16 D DT  45 1_555 ? ? ? ? ? ? WATSON-CRICK            ?     ? ? 
hydrog61 hydrog ? ? B DT 9  N3  ? ? ? 1_555 D DA  4  N1 ? ? B DT 21 D DA  40 1_555 ? ? ? ? ? ? WATSON-CRICK            ?     ? ? 
hydrog62 hydrog ? ? B DT 9  O4  ? ? ? 1_555 D DA  4  N6 ? ? B DT 21 D DA  40 1_555 ? ? ? ? ? ? WATSON-CRICK            ?     ? ? 
hydrog63 hydrog ? ? B DG 12 N2  ? ? ? 1_555 D DC  1  O2 ? ? B DG 24 D DC  37 1_555 ? ? ? ? ? ? 'DG-DC PAIR'            ?     ? ? 
hydrog64 hydrog ? ? C DC 1  N3  ? ? ? 1_555 D DG  12 N1 ? ? C DC 25 D DG  48 1_555 ? ? ? ? ? ? WATSON-CRICK            ?     ? ? 
hydrog65 hydrog ? ? C DC 1  N4  ? ? ? 1_555 D DG  12 O6 ? ? C DC 25 D DG  48 1_555 ? ? ? ? ? ? WATSON-CRICK            ?     ? ? 
hydrog66 hydrog ? ? C DC 1  O2  ? ? ? 1_555 D DG  12 N2 ? ? C DC 25 D DG  48 1_555 ? ? ? ? ? ? WATSON-CRICK            ?     ? ? 
hydrog67 hydrog ? ? C DG 2  N1  ? ? ? 1_555 D DC  11 N3 ? ? C DG 26 D DC  47 1_555 ? ? ? ? ? ? WATSON-CRICK            ?     ? ? 
hydrog68 hydrog ? ? C DG 2  N2  ? ? ? 1_555 D DC  11 O2 ? ? C DG 26 D DC  47 1_555 ? ? ? ? ? ? WATSON-CRICK            ?     ? ? 
hydrog69 hydrog ? ? C DG 2  O6  ? ? ? 1_555 D DC  11 N4 ? ? C DG 26 D DC  47 1_555 ? ? ? ? ? ? WATSON-CRICK            ?     ? ? 
hydrog70 hydrog ? ? C DC 3  O2  ? ? ? 1_555 D DG  10 N2 ? ? C DC 27 D DG  46 1_555 ? ? ? ? ? ? 'DC-DG PAIR'            ?     ? ? 
hydrog71 hydrog ? ? C DA 4  N1  ? ? ? 1_555 D DT  9  N3 ? ? C DA 28 D DT  45 1_555 ? ? ? ? ? ? WATSON-CRICK            ?     ? ? 
hydrog72 hydrog ? ? C DA 4  N6  ? ? ? 1_555 D DT  9  O4 ? ? C DA 28 D DT  45 1_555 ? ? ? ? ? ? WATSON-CRICK            ?     ? ? 
hydrog73 hydrog ? ? C DA 5  N1  ? ? ? 1_555 D DT  8  N3 ? ? C DA 29 D DT  44 1_555 ? ? ? ? ? ? WATSON-CRICK            ?     ? ? 
hydrog74 hydrog ? ? C DA 5  N6  ? ? ? 1_555 D DT  8  O4 ? ? C DA 29 D DT  44 1_555 ? ? ? ? ? ? WATSON-CRICK            ?     ? ? 
hydrog75 hydrog ? ? C DA 6  N1  ? ? ? 1_555 D DT  7  N3 ? ? C DA 30 D DT  43 1_555 ? ? ? ? ? ? WATSON-CRICK            ?     ? ? 
hydrog76 hydrog ? ? C DA 6  N6  ? ? ? 1_555 D DT  7  O4 ? ? C DA 30 D DT  43 1_555 ? ? ? ? ? ? WATSON-CRICK            ?     ? ? 
hydrog77 hydrog ? ? C DA 7  N1  ? ? ? 1_555 D DT  6  N3 ? ? C DA 31 D DT  42 1_555 ? ? ? ? ? ? WATSON-CRICK            ?     ? ? 
hydrog78 hydrog ? ? C DA 7  N6  ? ? ? 1_555 D DT  6  O4 ? ? C DA 31 D DT  42 1_555 ? ? ? ? ? ? WATSON-CRICK            ?     ? ? 
hydrog79 hydrog ? ? C DA 8  N1  ? ? ? 1_555 D DT  5  N3 ? ? C DA 32 D DT  41 1_555 ? ? ? ? ? ? WATSON-CRICK            ?     ? ? 
hydrog80 hydrog ? ? C DA 8  N6  ? ? ? 1_555 D DT  5  O4 ? ? C DA 32 D DT  41 1_555 ? ? ? ? ? ? WATSON-CRICK            ?     ? ? 
hydrog81 hydrog ? ? C DT 9  N3  ? ? ? 1_555 D DA  4  N1 ? ? C DT 33 D DA  40 1_555 ? ? ? ? ? ? WATSON-CRICK            ?     ? ? 
hydrog82 hydrog ? ? C DT 9  O4  ? ? ? 1_555 D DA  4  N6 ? ? C DT 33 D DA  40 1_555 ? ? ? ? ? ? WATSON-CRICK            ?     ? ? 
hydrog83 hydrog ? ? C DG 10 N1  ? ? ? 1_555 D DC  3  O2 ? ? C DG 34 D DC  39 1_555 ? ? ? ? ? ? 'REVERSED WATSON-CRICK' ?     ? ? 
hydrog84 hydrog ? ? C DG 10 N2  ? ? ? 1_555 D DC  3  N3 ? ? C DG 34 D DC  39 1_555 ? ? ? ? ? ? 'REVERSED WATSON-CRICK' ?     ? ? 
hydrog85 hydrog ? ? C DC 11 N3  ? ? ? 1_555 D DG  2  N1 ? ? C DC 35 D DG  38 1_555 ? ? ? ? ? ? WATSON-CRICK            ?     ? ? 
hydrog86 hydrog ? ? C DC 11 N4  ? ? ? 1_555 D DG  2  O6 ? ? C DC 35 D DG  38 1_555 ? ? ? ? ? ? WATSON-CRICK            ?     ? ? 
hydrog87 hydrog ? ? C DC 11 O2  ? ? ? 1_555 D DG  2  N2 ? ? C DC 35 D DG  38 1_555 ? ? ? ? ? ? WATSON-CRICK            ?     ? ? 
hydrog88 hydrog ? ? C DG 12 N1  ? ? ? 1_555 D DC  1  N3 ? ? C DG 36 D DC  37 1_555 ? ? ? ? ? ? WATSON-CRICK            ?     ? ? 
hydrog89 hydrog ? ? C DG 12 N2  ? ? ? 1_555 D DC  1  O2 ? ? C DG 36 D DC  37 1_555 ? ? ? ? ? ? WATSON-CRICK            ?     ? ? 
hydrog90 hydrog ? ? C DG 12 O6  ? ? ? 1_555 D DC  1  N4 ? ? C DG 36 D DC  37 1_555 ? ? ? ? ? ? WATSON-CRICK            ?     ? ? 
# 
loop_
_struct_conn_type.id 
_struct_conn_type.criteria 
_struct_conn_type.reference 
metalc ? ? 
hydrog ? ? 
# 
loop_
_struct_site.id 
_struct_site.pdbx_evidence_code 
_struct_site.pdbx_auth_asym_id 
_struct_site.pdbx_auth_comp_id 
_struct_site.pdbx_auth_seq_id 
_struct_site.pdbx_auth_ins_code 
_struct_site.pdbx_num_residues 
_struct_site.details 
AC1 Software D MG 49 ? 1 'BINDING SITE FOR RESIDUE MG D 49' 
AC2 Software A MG 50 ? 3 'BINDING SITE FOR RESIDUE MG A 50' 
# 
loop_
_struct_site_gen.id 
_struct_site_gen.site_id 
_struct_site_gen.pdbx_num_res 
_struct_site_gen.label_comp_id 
_struct_site_gen.label_asym_id 
_struct_site_gen.label_seq_id 
_struct_site_gen.pdbx_auth_ins_code 
_struct_site_gen.auth_comp_id 
_struct_site_gen.auth_asym_id 
_struct_site_gen.auth_seq_id 
_struct_site_gen.label_atom_id 
_struct_site_gen.label_alt_id 
_struct_site_gen.symmetry 
_struct_site_gen.details 
1 AC1 1 HOH J . ? HOH D 69 . ? 3_645 ? 
2 AC2 3 DA  A 7 ? DA  A 7  . ? 1_555 ? 
3 AC2 3 DC  D 1 ? DC  D 37 . ? 3_645 ? 
4 AC2 3 DT  D 7 ? DT  D 43 . ? 1_555 ? 
# 
_pdbx_validate_symm_contact.id                1 
_pdbx_validate_symm_contact.PDB_model_num     1 
_pdbx_validate_symm_contact.auth_atom_id_1    "O4'" 
_pdbx_validate_symm_contact.auth_asym_id_1    C 
_pdbx_validate_symm_contact.auth_comp_id_1    DC 
_pdbx_validate_symm_contact.auth_seq_id_1     35 
_pdbx_validate_symm_contact.PDB_ins_code_1    ? 
_pdbx_validate_symm_contact.label_alt_id_1    ? 
_pdbx_validate_symm_contact.site_symmetry_1   1_555 
_pdbx_validate_symm_contact.auth_atom_id_2    O 
_pdbx_validate_symm_contact.auth_asym_id_2    A 
_pdbx_validate_symm_contact.auth_comp_id_2    HOH 
_pdbx_validate_symm_contact.auth_seq_id_2     71 
_pdbx_validate_symm_contact.PDB_ins_code_2    ? 
_pdbx_validate_symm_contact.label_alt_id_2    ? 
_pdbx_validate_symm_contact.site_symmetry_2   2_665 
_pdbx_validate_symm_contact.dist              2.08 
# 
loop_
_pdbx_validate_rmsd_bond.id 
_pdbx_validate_rmsd_bond.PDB_model_num 
_pdbx_validate_rmsd_bond.auth_atom_id_1 
_pdbx_validate_rmsd_bond.auth_asym_id_1 
_pdbx_validate_rmsd_bond.auth_comp_id_1 
_pdbx_validate_rmsd_bond.auth_seq_id_1 
_pdbx_validate_rmsd_bond.PDB_ins_code_1 
_pdbx_validate_rmsd_bond.label_alt_id_1 
_pdbx_validate_rmsd_bond.auth_atom_id_2 
_pdbx_validate_rmsd_bond.auth_asym_id_2 
_pdbx_validate_rmsd_bond.auth_comp_id_2 
_pdbx_validate_rmsd_bond.auth_seq_id_2 
_pdbx_validate_rmsd_bond.PDB_ins_code_2 
_pdbx_validate_rmsd_bond.label_alt_id_2 
_pdbx_validate_rmsd_bond.bond_value 
_pdbx_validate_rmsd_bond.bond_target_value 
_pdbx_validate_rmsd_bond.bond_deviation 
_pdbx_validate_rmsd_bond.bond_standard_deviation 
_pdbx_validate_rmsd_bond.linker_flag 
1  1 N1    A DC 1  ? ? C6    A DC 1  ? ? 1.319 1.367 -0.048 0.006 N 
2  1 C4    A DC 1  ? ? C5    A DC 1  ? ? 1.360 1.425 -0.065 0.008 N 
3  1 P     A DG 2  ? ? "O5'" A DG 2  ? ? 1.807 1.593 0.214  0.010 N 
4  1 C6    A DG 2  ? ? N1    A DG 2  ? ? 1.342 1.391 -0.049 0.007 N 
5  1 C5    A DG 2  ? ? N7    A DG 2  ? ? 1.454 1.388 0.066  0.006 N 
6  1 P     A DC 3  ? ? "O5'" A DC 3  ? ? 1.427 1.593 -0.166 0.010 N 
7  1 P     A DA 4  ? ? "O5'" A DA 4  ? ? 1.827 1.593 0.234  0.010 N 
8  1 P     A DA 6  ? ? OP1   A DA 6  ? ? 1.626 1.485 0.141  0.017 N 
9  1 P     A DA 6  ? ? "O5'" A DA 6  ? ? 1.656 1.593 0.063  0.010 N 
10 1 C6    A DA 6  ? ? N1    A DA 6  ? ? 1.393 1.351 0.042  0.007 N 
11 1 N1    A DA 7  ? ? C2    A DA 7  ? ? 1.394 1.339 0.055  0.009 N 
12 1 N3    A DA 7  ? ? C4    A DA 7  ? ? 1.382 1.344 0.038  0.006 N 
13 1 C8    A DA 7  ? ? N9    A DA 7  ? ? 1.324 1.373 -0.049 0.008 N 
14 1 P     A DA 8  ? ? "O5'" A DA 8  ? ? 1.684 1.593 0.091  0.010 N 
15 1 N1    A DA 8  ? ? C2    A DA 8  ? ? 1.418 1.339 0.079  0.009 N 
16 1 C5    A DA 8  ? ? N7    A DA 8  ? ? 1.425 1.388 0.037  0.006 N 
17 1 P     A DT 9  ? ? OP2   A DT 9  ? ? 1.696 1.485 0.211  0.017 N 
18 1 P     A DG 10 ? ? "O5'" A DG 10 ? ? 1.857 1.593 0.264  0.010 N 
19 1 N1    A DG 10 ? ? C2    A DG 10 ? ? 1.322 1.373 -0.051 0.008 N 
20 1 P     A DC 11 ? ? "O5'" A DC 11 ? ? 1.684 1.593 0.091  0.010 N 
21 1 P     A DG 12 ? ? OP1   A DG 12 ? ? 1.605 1.485 0.120  0.017 N 
22 1 P     A DG 12 ? ? OP2   A DG 12 ? ? 1.371 1.485 -0.114 0.017 N 
23 1 P     A DG 12 ? ? "O5'" A DG 12 ? ? 1.797 1.593 0.204  0.010 N 
24 1 C6    A DG 12 ? ? N1    A DG 12 ? ? 1.337 1.391 -0.054 0.007 N 
25 1 N3    B DC 13 ? ? C4    B DC 13 ? ? 1.384 1.335 0.049  0.007 N 
26 1 P     B DG 14 ? ? "O5'" B DG 14 ? ? 1.746 1.593 0.153  0.010 N 
27 1 C5    B DG 14 ? ? N7    B DG 14 ? ? 1.432 1.388 0.044  0.006 N 
28 1 "O3'" B DC 15 ? ? "C3'" B DC 15 ? ? 1.377 1.419 -0.042 0.006 N 
29 1 N1    B DC 15 ? ? C6    B DC 15 ? ? 1.320 1.367 -0.047 0.006 N 
30 1 C4    B DC 15 ? ? C5    B DC 15 ? ? 1.377 1.425 -0.048 0.008 N 
31 1 P     B DA 16 ? ? OP2   B DA 16 ? ? 1.324 1.485 -0.161 0.017 N 
32 1 P     B DA 16 ? ? "O5'" B DA 16 ? ? 1.783 1.593 0.190  0.010 N 
33 1 C5    B DA 16 ? ? N7    B DA 16 ? ? 1.344 1.388 -0.044 0.006 N 
34 1 P     B DT 17 ? ? OP2   B DT 17 ? ? 1.680 1.485 0.195  0.017 N 
35 1 P     B DT 18 ? ? "O5'" B DT 18 ? ? 1.507 1.593 -0.086 0.010 N 
36 1 P     B DT 19 ? ? "O5'" B DT 19 ? ? 1.828 1.593 0.235  0.010 N 
37 1 C6    B DT 19 ? ? N1    B DT 19 ? ? 1.331 1.378 -0.047 0.007 N 
38 1 C4    B DT 19 ? ? O4    B DT 19 ? ? 1.301 1.228 0.073  0.009 N 
39 1 P     B DT 21 ? ? OP2   B DT 21 ? ? 1.376 1.485 -0.109 0.017 N 
40 1 P     B DT 21 ? ? "O5'" B DT 21 ? ? 1.713 1.593 0.120  0.010 N 
41 1 C4    B DT 21 ? ? C5    B DT 21 ? ? 1.387 1.445 -0.058 0.009 N 
42 1 C4    B DT 21 ? ? O4    B DT 21 ? ? 1.283 1.228 0.055  0.009 N 
43 1 P     B DG 22 ? ? OP2   B DG 22 ? ? 1.623 1.485 0.138  0.017 N 
44 1 C4    B DG 22 ? ? C5    B DG 22 ? ? 1.333 1.379 -0.046 0.007 N 
45 1 C6    B DG 22 ? ? N1    B DG 22 ? ? 1.325 1.391 -0.066 0.007 N 
46 1 P     B DC 23 ? ? "O5'" B DC 23 ? ? 1.763 1.593 0.170  0.010 N 
47 1 C6    B DG 24 ? ? N1    B DG 24 ? ? 1.315 1.391 -0.076 0.007 N 
48 1 "O5'" C DC 25 ? ? "C5'" C DC 25 ? ? 1.562 1.440 0.122  0.016 N 
49 1 N3    C DC 25 ? ? C4    C DC 25 ? ? 1.380 1.335 0.045  0.007 N 
50 1 P     C DG 26 ? ? "O5'" C DG 26 ? ? 1.681 1.593 0.088  0.010 N 
51 1 N3    C DC 27 ? ? C4    C DC 27 ? ? 1.384 1.335 0.049  0.007 N 
52 1 C4    C DC 27 ? ? C5    C DC 27 ? ? 1.376 1.425 -0.049 0.008 N 
53 1 P     C DA 29 ? ? OP2   C DA 29 ? ? 1.614 1.485 0.129  0.017 N 
54 1 "O3'" C DA 29 ? ? P     C DA 30 ? ? 1.742 1.607 0.135  0.012 Y 
55 1 N7    C DA 30 ? ? C8    C DA 30 ? ? 1.371 1.311 0.060  0.007 N 
56 1 P     C DA 31 ? ? "O5'" C DA 31 ? ? 1.659 1.593 0.066  0.010 N 
57 1 "O5'" C DA 31 ? ? "C5'" C DA 31 ? ? 1.579 1.440 0.139  0.016 N 
58 1 C6    C DA 31 ? ? N1    C DA 31 ? ? 1.395 1.351 0.044  0.007 N 
59 1 P     C DA 32 ? ? OP2   C DA 32 ? ? 1.658 1.485 0.173  0.017 N 
60 1 C5    C DA 32 ? ? C6    C DA 32 ? ? 1.345 1.406 -0.061 0.009 N 
61 1 C4    C DG 34 ? ? C5    C DG 34 ? ? 1.335 1.379 -0.044 0.007 N 
62 1 C6    C DG 34 ? ? N1    C DG 34 ? ? 1.338 1.391 -0.053 0.007 N 
63 1 P     C DC 35 ? ? OP2   C DC 35 ? ? 1.371 1.485 -0.114 0.017 N 
64 1 P     C DC 35 ? ? "O5'" C DC 35 ? ? 1.689 1.593 0.096  0.010 N 
65 1 C6    C DG 36 ? ? N1    C DG 36 ? ? 1.340 1.391 -0.051 0.007 N 
66 1 C6    D DG 38 ? ? N1    D DG 38 ? ? 1.338 1.391 -0.053 0.007 N 
67 1 C5    D DG 38 ? ? N7    D DG 38 ? ? 1.426 1.388 0.038  0.006 N 
68 1 P     D DA 40 ? ? OP2   D DA 40 ? ? 1.365 1.485 -0.120 0.017 N 
69 1 P     D DA 40 ? ? "O5'" D DA 40 ? ? 1.770 1.593 0.177  0.010 N 
70 1 "C5'" D DA 40 ? ? "C4'" D DA 40 ? ? 1.439 1.509 -0.070 0.011 N 
71 1 P     D DT 41 ? ? "O5'" D DT 41 ? ? 1.748 1.593 0.155  0.010 N 
72 1 C4    D DT 41 ? ? O4    D DT 41 ? ? 1.293 1.228 0.065  0.009 N 
73 1 P     D DT 42 ? ? "O5'" D DT 42 ? ? 1.666 1.593 0.073  0.010 N 
74 1 C4    D DT 42 ? ? O4    D DT 42 ? ? 1.284 1.228 0.056  0.009 N 
75 1 P     D DT 44 ? ? "O5'" D DT 44 ? ? 1.668 1.593 0.075  0.010 N 
76 1 N3    D DT 44 ? ? C4    D DT 44 ? ? 1.308 1.382 -0.074 0.008 N 
77 1 C5    D DT 44 ? ? C7    D DT 44 ? ? 1.547 1.496 0.051  0.006 N 
78 1 P     D DT 45 ? ? OP2   D DT 45 ? ? 1.652 1.485 0.167  0.017 N 
79 1 P     D DT 45 ? ? "O5'" D DT 45 ? ? 1.659 1.593 0.066  0.010 N 
80 1 C4    D DT 45 ? ? O4    D DT 45 ? ? 1.285 1.228 0.057  0.009 N 
81 1 P     D DG 46 ? ? "O5'" D DG 46 ? ? 1.733 1.593 0.140  0.010 N 
82 1 "O4'" D DG 46 ? ? "C1'" D DG 46 ? ? 1.489 1.420 0.069  0.011 N 
83 1 N1    D DG 46 ? ? C2    D DG 46 ? ? 1.317 1.373 -0.056 0.008 N 
84 1 "C5'" D DC 47 ? ? "C4'" D DC 47 ? ? 1.568 1.512 0.056  0.007 N 
# 
loop_
_pdbx_validate_rmsd_angle.id 
_pdbx_validate_rmsd_angle.PDB_model_num 
_pdbx_validate_rmsd_angle.auth_atom_id_1 
_pdbx_validate_rmsd_angle.auth_asym_id_1 
_pdbx_validate_rmsd_angle.auth_comp_id_1 
_pdbx_validate_rmsd_angle.auth_seq_id_1 
_pdbx_validate_rmsd_angle.PDB_ins_code_1 
_pdbx_validate_rmsd_angle.label_alt_id_1 
_pdbx_validate_rmsd_angle.auth_atom_id_2 
_pdbx_validate_rmsd_angle.auth_asym_id_2 
_pdbx_validate_rmsd_angle.auth_comp_id_2 
_pdbx_validate_rmsd_angle.auth_seq_id_2 
_pdbx_validate_rmsd_angle.PDB_ins_code_2 
_pdbx_validate_rmsd_angle.label_alt_id_2 
_pdbx_validate_rmsd_angle.auth_atom_id_3 
_pdbx_validate_rmsd_angle.auth_asym_id_3 
_pdbx_validate_rmsd_angle.auth_comp_id_3 
_pdbx_validate_rmsd_angle.auth_seq_id_3 
_pdbx_validate_rmsd_angle.PDB_ins_code_3 
_pdbx_validate_rmsd_angle.label_alt_id_3 
_pdbx_validate_rmsd_angle.angle_value 
_pdbx_validate_rmsd_angle.angle_target_value 
_pdbx_validate_rmsd_angle.angle_deviation 
_pdbx_validate_rmsd_angle.angle_standard_deviation 
_pdbx_validate_rmsd_angle.linker_flag 
1   1 "O4'" A DC 1  ? ? "C4'" A DC 1  ? ? "C3'" A DC 1  ? ? 101.05 104.50 -3.45  0.40 N 
2   1 "O4'" A DC 1  ? ? "C1'" A DC 1  ? ? N1    A DC 1  ? ? 122.82 108.30 14.52  0.30 N 
3   1 N1    A DC 1  ? ? C2    A DC 1  ? ? O2    A DC 1  ? ? 124.52 118.90 5.62   0.60 N 
4   1 N3    A DC 1  ? ? C2    A DC 1  ? ? O2    A DC 1  ? ? 116.68 121.90 -5.22  0.70 N 
5   1 N3    A DC 1  ? ? C4    A DC 1  ? ? N4    A DC 1  ? ? 113.68 118.00 -4.32  0.70 N 
6   1 C5    A DC 1  ? ? C4    A DC 1  ? ? N4    A DC 1  ? ? 124.50 120.20 4.30   0.70 N 
7   1 "O3'" A DC 1  ? ? P     A DG 2  ? ? "O5'" A DG 2  ? ? 91.48  104.00 -12.52 1.90 Y 
8   1 OP1   A DG 2  ? ? P     A DG 2  ? ? OP2   A DG 2  ? ? 154.64 119.60 35.04  1.50 N 
9   1 "O5'" A DG 2  ? ? P     A DG 2  ? ? OP2   A DG 2  ? ? 82.92  105.70 -22.78 0.90 N 
10  1 P     A DG 2  ? ? "O5'" A DG 2  ? ? "C5'" A DG 2  ? ? 110.87 120.90 -10.03 1.60 N 
11  1 "O4'" A DG 2  ? ? "C1'" A DG 2  ? ? N9    A DG 2  ? ? 111.86 108.30 3.56   0.30 N 
12  1 C6    A DG 2  ? ? N1    A DG 2  ? ? C2    A DG 2  ? ? 120.93 125.10 -4.17  0.60 N 
13  1 C5    A DG 2  ? ? C6    A DG 2  ? ? N1    A DG 2  ? ? 116.45 111.50 4.95   0.50 N 
14  1 C5    A DG 2  ? ? N7    A DG 2  ? ? C8    A DG 2  ? ? 100.33 104.30 -3.97  0.50 N 
15  1 "O5'" A DC 3  ? ? P     A DC 3  ? ? OP1   A DC 3  ? ? 126.75 110.70 16.05  1.20 N 
16  1 "C5'" A DC 3  ? ? "C4'" A DC 3  ? ? "O4'" A DC 3  ? ? 118.39 109.80 8.59   1.10 N 
17  1 "C1'" A DC 3  ? ? "O4'" A DC 3  ? ? "C4'" A DC 3  ? ? 115.28 110.30 4.98   0.70 N 
18  1 "O4'" A DC 3  ? ? "C1'" A DC 3  ? ? "C2'" A DC 3  ? ? 98.41  105.90 -7.49  0.80 N 
19  1 N3    A DC 3  ? ? C4    A DC 3  ? ? C5    A DC 3  ? ? 119.28 121.90 -2.62  0.40 N 
20  1 N1    A DC 3  ? ? C2    A DC 3  ? ? O2    A DC 3  ? ? 125.37 118.90 6.47   0.60 N 
21  1 N3    A DC 3  ? ? C2    A DC 3  ? ? O2    A DC 3  ? ? 117.47 121.90 -4.43  0.70 N 
22  1 "O3'" A DC 3  ? ? P     A DA 4  ? ? "O5'" A DA 4  ? ? 87.93  104.00 -16.07 1.90 Y 
23  1 OP1   A DA 4  ? ? P     A DA 4  ? ? OP2   A DA 4  ? ? 146.03 119.60 26.43  1.50 N 
24  1 "O5'" A DA 4  ? ? P     A DA 4  ? ? OP1   A DA 4  ? ? 98.36  105.70 -7.34  0.90 N 
25  1 P     A DA 4  ? ? "O5'" A DA 4  ? ? "C5'" A DA 4  ? ? 109.02 120.90 -11.88 1.60 N 
26  1 "O4'" A DA 4  ? ? "C1'" A DA 4  ? ? N9    A DA 4  ? ? 110.36 108.30 2.06   0.30 N 
27  1 C6    A DA 4  ? ? N1    A DA 4  ? ? C2    A DA 4  ? ? 124.01 118.60 5.41   0.60 N 
28  1 C2    A DA 4  ? ? N3    A DA 4  ? ? C4    A DA 4  ? ? 106.26 110.60 -4.34  0.50 N 
29  1 C5    A DA 4  ? ? C6    A DA 4  ? ? N1    A DA 4  ? ? 111.67 117.70 -6.03  0.50 N 
30  1 N1    A DA 4  ? ? C6    A DA 4  ? ? N6    A DA 4  ? ? 123.32 118.60 4.72   0.60 N 
31  1 "O4'" A DA 5  ? ? "C4'" A DA 5  ? ? "C3'" A DA 5  ? ? 100.32 104.50 -4.18  0.40 N 
32  1 "C1'" A DA 5  ? ? "O4'" A DA 5  ? ? "C4'" A DA 5  ? ? 115.66 110.30 5.36   0.70 N 
33  1 "O4'" A DA 5  ? ? "C1'" A DA 5  ? ? N9    A DA 5  ? ? 117.43 108.30 9.13   0.30 N 
34  1 N1    A DA 5  ? ? C2    A DA 5  ? ? N3    A DA 5  ? ? 134.51 129.30 5.21   0.50 N 
35  1 C2    A DA 5  ? ? N3    A DA 5  ? ? C4    A DA 5  ? ? 104.95 110.60 -5.65  0.50 N 
36  1 "C3'" A DA 5  ? ? "O3'" A DA 5  ? ? P     A DA 6  ? ? 128.67 119.70 8.97   1.20 Y 
37  1 OP1   A DA 6  ? ? P     A DA 6  ? ? OP2   A DA 6  ? ? 143.57 119.60 23.97  1.50 N 
38  1 "O5'" A DA 6  ? ? P     A DA 6  ? ? OP1   A DA 6  ? ? 91.25  105.70 -14.45 0.90 N 
39  1 "O4'" A DA 6  ? ? "C4'" A DA 6  ? ? "C3'" A DA 6  ? ? 100.51 104.50 -3.99  0.40 N 
40  1 "C1'" A DA 6  ? ? "O4'" A DA 6  ? ? "C4'" A DA 6  ? ? 116.17 110.30 5.87   0.70 N 
41  1 "O4'" A DA 6  ? ? "C1'" A DA 6  ? ? N9    A DA 6  ? ? 112.34 108.30 4.04   0.30 N 
42  1 C2    A DA 6  ? ? N3    A DA 6  ? ? C4    A DA 6  ? ? 107.04 110.60 -3.56  0.50 N 
43  1 C4    A DA 6  ? ? C5    A DA 6  ? ? C6    A DA 6  ? ? 120.04 117.00 3.04   0.50 N 
44  1 C5    A DA 6  ? ? C6    A DA 6  ? ? N1    A DA 6  ? ? 113.82 117.70 -3.88  0.50 N 
45  1 "O5'" A DA 7  ? ? P     A DA 7  ? ? OP2   A DA 7  ? ? 97.16  105.70 -8.54  0.90 N 
46  1 "O4'" A DA 7  ? ? "C1'" A DA 7  ? ? N9    A DA 7  ? ? 110.55 108.30 2.25   0.30 N 
47  1 C5    A DA 7  ? ? N7    A DA 7  ? ? C8    A DA 7  ? ? 99.63  103.90 -4.27  0.50 N 
48  1 N7    A DA 7  ? ? C8    A DA 7  ? ? N9    A DA 7  ? ? 117.55 113.80 3.75   0.50 N 
49  1 OP1   A DA 8  ? ? P     A DA 8  ? ? OP2   A DA 8  ? ? 138.66 119.60 19.06  1.50 N 
50  1 "O5'" A DA 8  ? ? P     A DA 8  ? ? OP2   A DA 8  ? ? 98.21  105.70 -7.49  0.90 N 
51  1 P     A DA 8  ? ? "O5'" A DA 8  ? ? "C5'" A DA 8  ? ? 108.78 120.90 -12.12 1.60 N 
52  1 N1    A DA 8  ? ? C2    A DA 8  ? ? N3    A DA 8  ? ? 120.73 129.30 -8.57  0.50 N 
53  1 C2    A DA 8  ? ? N3    A DA 8  ? ? C4    A DA 8  ? ? 116.52 110.60 5.92   0.50 N 
54  1 N1    A DA 8  ? ? C6    A DA 8  ? ? N6    A DA 8  ? ? 113.17 118.60 -5.43  0.60 N 
55  1 "C3'" A DA 8  ? ? "O3'" A DA 8  ? ? P     A DT 9  ? ? 129.47 119.70 9.77   1.20 Y 
56  1 "O3'" A DA 8  ? ? P     A DT 9  ? ? OP1   A DT 9  ? ? 121.23 110.50 10.73  1.10 Y 
57  1 OP1   A DT 9  ? ? P     A DT 9  ? ? OP2   A DT 9  ? ? 87.31  119.60 -32.29 1.50 N 
58  1 "O5'" A DT 9  ? ? P     A DT 9  ? ? OP1   A DT 9  ? ? 135.16 110.70 24.46  1.20 N 
59  1 "O5'" A DT 9  ? ? P     A DT 9  ? ? OP2   A DT 9  ? ? 98.36  105.70 -7.34  0.90 N 
60  1 "O5'" A DT 9  ? ? "C5'" A DT 9  ? ? "C4'" A DT 9  ? ? 103.75 109.40 -5.65  0.80 N 
61  1 "O4'" A DT 9  ? ? "C4'" A DT 9  ? ? "C3'" A DT 9  ? ? 100.31 104.50 -4.19  0.40 N 
62  1 "C1'" A DT 9  ? ? "O4'" A DT 9  ? ? "C4'" A DT 9  ? ? 116.80 110.30 6.50   0.70 N 
63  1 "O4'" A DT 9  ? ? "C1'" A DT 9  ? ? N1    A DT 9  ? ? 113.80 108.30 5.50   0.30 N 
64  1 N1    A DT 9  ? ? C2    A DT 9  ? ? N3    A DT 9  ? ? 119.37 114.60 4.77   0.60 N 
65  1 C2    A DT 9  ? ? N3    A DT 9  ? ? C4    A DT 9  ? ? 120.79 127.20 -6.41  0.60 N 
66  1 N3    A DT 9  ? ? C4    A DT 9  ? ? C5    A DT 9  ? ? 119.09 115.20 3.89   0.60 N 
67  1 "O3'" A DT 9  ? ? P     A DG 10 ? ? "O5'" A DG 10 ? ? 86.35  104.00 -17.65 1.90 Y 
68  1 OP1   A DG 10 ? ? P     A DG 10 ? ? OP2   A DG 10 ? ? 140.31 119.60 20.71  1.50 N 
69  1 "O5'" A DG 10 ? ? P     A DG 10 ? ? OP1   A DG 10 ? ? 123.78 110.70 13.08  1.20 N 
70  1 "O5'" A DG 10 ? ? P     A DG 10 ? ? OP2   A DG 10 ? ? 76.35  105.70 -29.35 0.90 N 
71  1 P     A DG 10 ? ? "O5'" A DG 10 ? ? "C5'" A DG 10 ? ? 98.88  120.90 -22.02 1.60 N 
72  1 "O4'" A DG 10 ? ? "C1'" A DG 10 ? ? N9    A DG 10 ? ? 113.70 108.30 5.40   0.30 N 
73  1 C2    A DG 10 ? ? N3    A DG 10 ? ? C4    A DG 10 ? ? 108.89 111.90 -3.01  0.50 N 
74  1 N3    A DG 10 ? ? C2    A DG 10 ? ? N2    A DG 10 ? ? 113.54 119.90 -6.36  0.70 N 
75  1 N1    A DG 10 ? ? C6    A DG 10 ? ? O6    A DG 10 ? ? 127.13 119.90 7.23   0.60 N 
76  1 C5    A DG 10 ? ? C6    A DG 10 ? ? O6    A DG 10 ? ? 121.81 128.60 -6.79  0.60 N 
77  1 OP1   A DC 11 ? ? P     A DC 11 ? ? OP2   A DC 11 ? ? 130.17 119.60 10.57  1.50 N 
78  1 "O4'" A DC 11 ? ? "C4'" A DC 11 ? ? "C3'" A DC 11 ? ? 101.18 104.50 -3.32  0.40 N 
79  1 "C1'" A DC 11 ? ? "O4'" A DC 11 ? ? "C4'" A DC 11 ? ? 115.48 110.30 5.18   0.70 N 
80  1 "O4'" A DC 11 ? ? "C1'" A DC 11 ? ? "C2'" A DC 11 ? ? 101.09 105.90 -4.81  0.80 N 
81  1 N1    A DC 11 ? ? C2    A DC 11 ? ? O2    A DC 11 ? ? 122.83 118.90 3.93   0.60 N 
82  1 N3    A DC 11 ? ? C2    A DC 11 ? ? O2    A DC 11 ? ? 116.69 121.90 -5.21  0.70 N 
83  1 OP1   A DG 12 ? ? P     A DG 12 ? ? OP2   A DG 12 ? ? 138.02 119.60 18.42  1.50 N 
84  1 "O5'" A DG 12 ? ? P     A DG 12 ? ? OP2   A DG 12 ? ? 90.30  105.70 -15.40 0.90 N 
85  1 C4    A DG 12 ? ? C5    A DG 12 ? ? N7    A DG 12 ? ? 113.99 110.80 3.19   0.40 N 
86  1 C5    A DG 12 ? ? N7    A DG 12 ? ? C8    A DG 12 ? ? 98.33  104.30 -5.97  0.50 N 
87  1 N7    A DG 12 ? ? C8    A DG 12 ? ? N9    A DG 12 ? ? 119.08 113.10 5.98   0.50 N 
88  1 N1    A DG 12 ? ? C2    A DG 12 ? ? N2    A DG 12 ? ? 108.54 116.20 -7.66  0.90 N 
89  1 N3    A DG 12 ? ? C2    A DG 12 ? ? N2    A DG 12 ? ? 126.30 119.90 6.40   0.70 N 
90  1 C5    A DG 12 ? ? C6    A DG 12 ? ? O6    A DG 12 ? ? 124.01 128.60 -4.59  0.60 N 
91  1 "O4'" B DC 13 ? ? "C1'" B DC 13 ? ? N1    B DC 13 ? ? 116.04 108.30 7.74   0.30 N 
92  1 "O3'" B DC 13 ? ? P     B DG 14 ? ? "O5'" B DG 14 ? ? 90.91  104.00 -13.09 1.90 Y 
93  1 OP1   B DG 14 ? ? P     B DG 14 ? ? OP2   B DG 14 ? ? 144.64 119.60 25.04  1.50 N 
94  1 "O5'" B DG 14 ? ? P     B DG 14 ? ? OP1   B DG 14 ? ? 94.52  105.70 -11.18 0.90 N 
95  1 N1    B DG 14 ? ? C6    B DG 14 ? ? O6    B DG 14 ? ? 114.89 119.90 -5.01  0.60 N 
96  1 "O4'" B DC 15 ? ? "C4'" B DC 15 ? ? "C3'" B DC 15 ? ? 101.30 104.50 -3.20  0.40 N 
97  1 "O4'" B DC 15 ? ? "C1'" B DC 15 ? ? "C2'" B DC 15 ? ? 100.43 105.90 -5.47  0.80 N 
98  1 "O4'" B DC 15 ? ? "C1'" B DC 15 ? ? N1    B DC 15 ? ? 112.99 108.30 4.69   0.30 N 
99  1 C5    B DC 15 ? ? C6    B DC 15 ? ? N1    B DC 15 ? ? 126.60 121.00 5.60   0.50 N 
100 1 "O3'" B DC 15 ? ? P     B DA 16 ? ? "O5'" B DA 16 ? ? 87.85  104.00 -16.15 1.90 Y 
101 1 OP1   B DA 16 ? ? P     B DA 16 ? ? OP2   B DA 16 ? ? 135.39 119.60 15.79  1.50 N 
102 1 "O5'" B DA 16 ? ? P     B DA 16 ? ? OP1   B DA 16 ? ? 93.00  105.70 -12.70 0.90 N 
103 1 "O5'" B DA 16 ? ? P     B DA 16 ? ? OP2   B DA 16 ? ? 127.35 110.70 16.65  1.20 N 
104 1 "O4'" B DA 16 ? ? "C4'" B DA 16 ? ? "C3'" B DA 16 ? ? 100.97 104.50 -3.53  0.40 N 
105 1 "C1'" B DA 16 ? ? "O4'" B DA 16 ? ? "C4'" B DA 16 ? ? 115.56 110.30 5.26   0.70 N 
106 1 "O4'" B DA 16 ? ? "C1'" B DA 16 ? ? "C2'" B DA 16 ? ? 100.29 105.90 -5.61  0.80 N 
107 1 "O4'" B DA 16 ? ? "C1'" B DA 16 ? ? N9    B DA 16 ? ? 113.54 108.30 5.24   0.30 N 
108 1 N7    B DA 16 ? ? C8    B DA 16 ? ? N9    B DA 16 ? ? 117.44 113.80 3.64   0.50 N 
109 1 C8    B DA 16 ? ? N9    B DA 16 ? ? C4    B DA 16 ? ? 101.72 105.80 -4.08  0.40 N 
110 1 N1    B DA 16 ? ? C6    B DA 16 ? ? N6    B DA 16 ? ? 123.10 118.60 4.50   0.60 N 
111 1 "C3'" B DA 16 ? ? "O3'" B DA 16 ? ? P     B DT 17 ? ? 129.07 119.70 9.37   1.20 Y 
112 1 OP1   B DT 17 ? ? P     B DT 17 ? ? OP2   B DT 17 ? ? 102.84 119.60 -16.76 1.50 N 
113 1 "O5'" B DT 17 ? ? P     B DT 17 ? ? OP1   B DT 17 ? ? 119.59 110.70 8.89   1.20 N 
114 1 "C5'" B DT 17 ? ? "C4'" B DT 17 ? ? "O4'" B DT 17 ? ? 117.27 109.80 7.47   1.10 N 
115 1 "C1'" B DT 17 ? ? "O4'" B DT 17 ? ? "C4'" B DT 17 ? ? 117.20 110.30 6.90   0.70 N 
116 1 "O4'" B DT 17 ? ? "C1'" B DT 17 ? ? "C2'" B DT 17 ? ? 97.90  105.90 -8.00  0.80 N 
117 1 "O4'" B DT 17 ? ? "C1'" B DT 17 ? ? N1    B DT 17 ? ? 115.01 108.30 6.71   0.30 N 
118 1 C6    B DT 17 ? ? N1    B DT 17 ? ? C2    B DT 17 ? ? 116.69 121.30 -4.61  0.50 N 
119 1 N1    B DT 17 ? ? C2    B DT 17 ? ? N3    B DT 17 ? ? 122.07 114.60 7.47   0.60 N 
120 1 C2    B DT 17 ? ? N3    B DT 17 ? ? C4    B DT 17 ? ? 119.82 127.20 -7.38  0.60 N 
121 1 N3    B DT 17 ? ? C2    B DT 17 ? ? O2    B DT 17 ? ? 117.80 122.30 -4.50  0.60 N 
122 1 C4    B DT 17 ? ? C5    B DT 17 ? ? C7    B DT 17 ? ? 123.45 119.00 4.45   0.60 N 
123 1 C6    B DT 17 ? ? C5    B DT 17 ? ? C7    B DT 17 ? ? 117.02 122.90 -5.88  0.60 N 
124 1 "O5'" B DT 18 ? ? P     B DT 18 ? ? OP2   B DT 18 ? ? 131.50 110.70 20.80  1.20 N 
125 1 "O4'" B DT 18 ? ? "C4'" B DT 18 ? ? "C3'" B DT 18 ? ? 102.01 104.50 -2.49  0.40 N 
126 1 "C1'" B DT 18 ? ? "O4'" B DT 18 ? ? "C4'" B DT 18 ? ? 115.12 110.30 4.82   0.70 N 
127 1 "O4'" B DT 18 ? ? "C1'" B DT 18 ? ? "C2'" B DT 18 ? ? 100.23 105.90 -5.67  0.80 N 
128 1 "O4'" B DT 18 ? ? "C1'" B DT 18 ? ? N1    B DT 18 ? ? 114.38 108.30 6.08   0.30 N 
129 1 N1    B DT 18 ? ? C2    B DT 18 ? ? N3    B DT 18 ? ? 121.13 114.60 6.53   0.60 N 
130 1 C2    B DT 18 ? ? N3    B DT 18 ? ? C4    B DT 18 ? ? 120.47 127.20 -6.73  0.60 N 
131 1 C4    B DT 18 ? ? C5    B DT 18 ? ? C6    B DT 18 ? ? 121.65 118.00 3.65   0.60 N 
132 1 C5    B DT 18 ? ? C6    B DT 18 ? ? N1    B DT 18 ? ? 119.77 123.70 -3.93  0.60 N 
133 1 N1    B DT 18 ? ? C2    B DT 18 ? ? O2    B DT 18 ? ? 128.11 123.10 5.01   0.80 N 
134 1 N3    B DT 18 ? ? C2    B DT 18 ? ? O2    B DT 18 ? ? 110.76 122.30 -11.54 0.60 N 
135 1 C4    B DT 18 ? ? C5    B DT 18 ? ? C7    B DT 18 ? ? 115.03 119.00 -3.97  0.60 N 
136 1 "O3'" B DT 18 ? ? P     B DT 19 ? ? "O5'" B DT 19 ? ? 89.80  104.00 -14.20 1.90 Y 
137 1 OP1   B DT 19 ? ? P     B DT 19 ? ? OP2   B DT 19 ? ? 146.89 119.60 27.29  1.50 N 
138 1 "O5'" B DT 19 ? ? P     B DT 19 ? ? OP2   B DT 19 ? ? 94.69  105.70 -11.01 0.90 N 
139 1 P     B DT 19 ? ? "O5'" B DT 19 ? ? "C5'" B DT 19 ? ? 102.31 120.90 -18.59 1.60 N 
140 1 "O4'" B DT 19 ? ? "C4'" B DT 19 ? ? "C3'" B DT 19 ? ? 101.84 104.50 -2.66  0.40 N 
141 1 "C1'" B DT 19 ? ? "O4'" B DT 19 ? ? "C4'" B DT 19 ? ? 117.47 110.30 7.17   0.70 N 
142 1 "O4'" B DT 19 ? ? "C1'" B DT 19 ? ? "C2'" B DT 19 ? ? 98.74  105.90 -7.16  0.80 N 
143 1 "O4'" B DT 19 ? ? "C1'" B DT 19 ? ? N1    B DT 19 ? ? 115.28 108.30 6.98   0.30 N 
144 1 N1    B DT 19 ? ? C2    B DT 19 ? ? N3    B DT 19 ? ? 120.45 114.60 5.85   0.60 N 
145 1 C2    B DT 19 ? ? N3    B DT 19 ? ? C4    B DT 19 ? ? 119.91 127.20 -7.29  0.60 N 
146 1 N3    B DT 19 ? ? C2    B DT 19 ? ? O2    B DT 19 ? ? 114.77 122.30 -7.53  0.60 N 
147 1 C4    B DT 19 ? ? C5    B DT 19 ? ? C7    B DT 19 ? ? 124.78 119.00 5.78   0.60 N 
148 1 C6    B DT 19 ? ? C5    B DT 19 ? ? C7    B DT 19 ? ? 113.75 122.90 -9.15  0.60 N 
149 1 "C3'" B DT 19 ? ? "O3'" B DT 19 ? ? P     B DT 20 ? ? 129.39 119.70 9.69   1.20 Y 
150 1 "O5'" B DT 20 ? ? P     B DT 20 ? ? OP2   B DT 20 ? ? 94.22  105.70 -11.48 0.90 N 
151 1 "C5'" B DT 20 ? ? "C4'" B DT 20 ? ? "O4'" B DT 20 ? ? 121.18 109.80 11.38  1.10 N 
152 1 "C1'" B DT 20 ? ? "O4'" B DT 20 ? ? "C4'" B DT 20 ? ? 116.03 110.30 5.73   0.70 N 
153 1 "O4'" B DT 20 ? ? "C1'" B DT 20 ? ? "C2'" B DT 20 ? ? 99.60  105.90 -6.30  0.80 N 
154 1 N1    B DT 20 ? ? C2    B DT 20 ? ? N3    B DT 20 ? ? 119.01 114.60 4.41   0.60 N 
155 1 C2    B DT 20 ? ? N3    B DT 20 ? ? C4    B DT 20 ? ? 116.34 127.20 -10.86 0.60 N 
156 1 N3    B DT 20 ? ? C4    B DT 20 ? ? C5    B DT 20 ? ? 125.07 115.20 9.87   0.60 N 
157 1 N1    B DT 20 ? ? C2    B DT 20 ? ? O2    B DT 20 ? ? 130.42 123.10 7.32   0.80 N 
158 1 N3    B DT 20 ? ? C2    B DT 20 ? ? O2    B DT 20 ? ? 110.15 122.30 -12.15 0.60 N 
159 1 N3    B DT 20 ? ? C4    B DT 20 ? ? O4    B DT 20 ? ? 110.48 119.90 -9.42  0.60 N 
160 1 "O3'" B DT 20 ? ? P     B DT 21 ? ? "O5'" B DT 21 ? ? 91.84  104.00 -12.16 1.90 Y 
161 1 OP1   B DT 21 ? ? P     B DT 21 ? ? OP2   B DT 21 ? ? 139.50 119.60 19.90  1.50 N 
162 1 "O5'" B DT 21 ? ? P     B DT 21 ? ? OP2   B DT 21 ? ? 94.25  105.70 -11.45 0.90 N 
163 1 "O4'" B DT 21 ? ? "C1'" B DT 21 ? ? "C2'" B DT 21 ? ? 101.09 105.90 -4.81  0.80 N 
164 1 N1    B DT 21 ? ? C2    B DT 21 ? ? N3    B DT 21 ? ? 120.04 114.60 5.44   0.60 N 
165 1 C2    B DT 21 ? ? N3    B DT 21 ? ? C4    B DT 21 ? ? 117.21 127.20 -9.99  0.60 N 
166 1 N3    B DT 21 ? ? C4    B DT 21 ? ? C5    B DT 21 ? ? 122.68 115.20 7.48   0.60 N 
167 1 C5    B DT 21 ? ? C4    B DT 21 ? ? O4    B DT 21 ? ? 119.53 124.90 -5.37  0.70 N 
168 1 C4    B DT 21 ? ? C5    B DT 21 ? ? C7    B DT 21 ? ? 124.66 119.00 5.66   0.60 N 
169 1 C6    B DT 21 ? ? C5    B DT 21 ? ? C7    B DT 21 ? ? 117.78 122.90 -5.12  0.60 N 
170 1 OP1   B DG 22 ? ? P     B DG 22 ? ? OP2   B DG 22 ? ? 105.02 119.60 -14.58 1.50 N 
171 1 "O5'" B DG 22 ? ? P     B DG 22 ? ? OP1   B DG 22 ? ? 126.23 110.70 15.53  1.20 N 
172 1 "O5'" B DG 22 ? ? P     B DG 22 ? ? OP2   B DG 22 ? ? 98.25  105.70 -7.45  0.90 N 
173 1 "O4'" B DG 22 ? ? "C1'" B DG 22 ? ? N9    B DG 22 ? ? 114.20 108.30 5.90   0.30 N 
174 1 C4    B DG 22 ? ? C5    B DG 22 ? ? N7    B DG 22 ? ? 114.26 110.80 3.46   0.40 N 
175 1 C5    B DG 22 ? ? N7    B DG 22 ? ? C8    B DG 22 ? ? 100.90 104.30 -3.40  0.50 N 
176 1 N1    B DG 22 ? ? C6    B DG 22 ? ? O6    B DG 22 ? ? 124.08 119.90 4.18   0.60 N 
177 1 C5    B DG 22 ? ? C6    B DG 22 ? ? O6    B DG 22 ? ? 123.17 128.60 -5.43  0.60 N 
178 1 "O3'" B DG 22 ? ? P     B DC 23 ? ? "O5'" B DC 23 ? ? 90.37  104.00 -13.63 1.90 Y 
179 1 OP1   B DC 23 ? ? P     B DC 23 ? ? OP2   B DC 23 ? ? 134.15 119.60 14.55  1.50 N 
180 1 P     B DC 23 ? ? "O5'" B DC 23 ? ? "C5'" B DC 23 ? ? 108.59 120.90 -12.31 1.60 N 
181 1 "O4'" B DC 23 ? ? "C1'" B DC 23 ? ? N1    B DC 23 ? ? 117.69 108.30 9.39   0.30 N 
182 1 C5    B DC 23 ? ? C6    B DC 23 ? ? N1    B DC 23 ? ? 124.18 121.00 3.18   0.50 N 
183 1 N1    B DC 23 ? ? C2    B DC 23 ? ? O2    B DC 23 ? ? 123.00 118.90 4.10   0.60 N 
184 1 "C4'" B DG 24 ? ? "C3'" B DG 24 ? ? "C2'" B DG 24 ? ? 96.92  102.20 -5.28  0.70 N 
185 1 N9    B DG 24 ? ? "C1'" B DG 24 ? ? "C2'" B DG 24 ? ? 96.80  112.60 -15.80 1.90 N 
186 1 "O4'" B DG 24 ? ? "C1'" B DG 24 ? ? N9    B DG 24 ? ? 115.29 108.30 6.99   0.30 N 
187 1 N3    B DG 24 ? ? C4    B DG 24 ? ? C5    B DG 24 ? ? 125.13 128.60 -3.47  0.50 N 
188 1 C5    B DG 24 ? ? C6    B DG 24 ? ? N1    B DG 24 ? ? 114.74 111.50 3.24   0.50 N 
189 1 C5    B DG 24 ? ? C6    B DG 24 ? ? O6    B DG 24 ? ? 123.20 128.60 -5.40  0.60 N 
190 1 "C5'" C DC 25 ? ? "C4'" C DC 25 ? ? "C3'" C DC 25 ? ? 123.19 115.70 7.49   1.20 N 
191 1 "O4'" C DC 25 ? ? "C1'" C DC 25 ? ? N1    C DC 25 ? ? 117.60 108.30 9.30   0.30 N 
192 1 N3    C DC 25 ? ? C4    C DC 25 ? ? N4    C DC 25 ? ? 111.26 118.00 -6.74  0.70 N 
193 1 C5    C DC 25 ? ? C4    C DC 25 ? ? N4    C DC 25 ? ? 127.41 120.20 7.21   0.70 N 
194 1 OP1   C DG 26 ? ? P     C DG 26 ? ? OP2   C DG 26 ? ? 143.70 119.60 24.10  1.50 N 
195 1 "O5'" C DG 26 ? ? P     C DG 26 ? ? OP1   C DG 26 ? ? 91.43  105.70 -14.27 0.90 N 
196 1 "O4'" C DC 27 ? ? "C4'" C DC 27 ? ? "C3'" C DC 27 ? ? 98.95  104.50 -5.55  0.40 N 
197 1 "C1'" C DC 27 ? ? "O4'" C DC 27 ? ? "C4'" C DC 27 ? ? 119.28 110.30 8.98   0.70 N 
198 1 "O4'" C DC 27 ? ? "C1'" C DC 27 ? ? "C2'" C DC 27 ? ? 99.23  105.90 -6.67  0.80 N 
199 1 "O4'" C DC 27 ? ? "C1'" C DC 27 ? ? N1    C DC 27 ? ? 115.44 108.30 7.14   0.30 N 
200 1 C6    C DC 27 ? ? N1    C DC 27 ? ? C2    C DC 27 ? ? 117.84 120.30 -2.46  0.40 N 
201 1 C5    C DC 27 ? ? C6    C DC 27 ? ? N1    C DC 27 ? ? 125.73 121.00 4.73   0.50 N 
202 1 OP1   C DA 28 ? ? P     C DA 28 ? ? OP2   C DA 28 ? ? 108.02 119.60 -11.58 1.50 N 
203 1 "O5'" C DA 28 ? ? P     C DA 28 ? ? OP2   C DA 28 ? ? 138.52 110.70 27.82  1.20 N 
204 1 "O4'" C DA 28 ? ? "C1'" C DA 28 ? ? N9    C DA 28 ? ? 115.01 108.30 6.71   0.30 N 
205 1 C5    C DA 28 ? ? N7    C DA 28 ? ? C8    C DA 28 ? ? 100.51 103.90 -3.39  0.50 N 
206 1 C8    C DA 28 ? ? N9    C DA 28 ? ? C4    C DA 28 ? ? 103.34 105.80 -2.46  0.40 N 
207 1 N1    C DA 28 ? ? C6    C DA 28 ? ? N6    C DA 28 ? ? 123.85 118.60 5.25   0.60 N 
208 1 "C3'" C DA 28 ? ? "O3'" C DA 28 ? ? P     C DA 29 ? ? 135.46 119.70 15.76  1.20 Y 
209 1 "O3'" C DA 28 ? ? P     C DA 29 ? ? OP1   C DA 29 ? ? 119.68 110.50 9.18   1.10 Y 
210 1 OP1   C DA 29 ? ? P     C DA 29 ? ? OP2   C DA 29 ? ? 97.82  119.60 -21.78 1.50 N 
211 1 "O5'" C DA 29 ? ? P     C DA 29 ? ? OP1   C DA 29 ? ? 126.65 110.70 15.95  1.20 N 
212 1 "O5'" C DA 29 ? ? P     C DA 29 ? ? OP2   C DA 29 ? ? 99.15  105.70 -6.55  0.90 N 
213 1 "O4'" C DA 29 ? ? "C4'" C DA 29 ? ? "C3'" C DA 29 ? ? 99.57  104.50 -4.93  0.40 N 
214 1 "C1'" C DA 29 ? ? "O4'" C DA 29 ? ? "C4'" C DA 29 ? ? 119.94 110.30 9.64   0.70 N 
215 1 "O4'" C DA 29 ? ? "C1'" C DA 29 ? ? "C2'" C DA 29 ? ? 98.38  105.90 -7.52  0.80 N 
216 1 "O4'" C DA 29 ? ? "C1'" C DA 29 ? ? N9    C DA 29 ? ? 112.38 108.30 4.08   0.30 N 
217 1 C4    C DA 29 ? ? C5    C DA 29 ? ? N7    C DA 29 ? ? 114.37 110.70 3.67   0.50 N 
218 1 C5    C DA 29 ? ? N7    C DA 29 ? ? C8    C DA 29 ? ? 98.77  103.90 -5.13  0.50 N 
219 1 N7    C DA 29 ? ? C8    C DA 29 ? ? N9    C DA 29 ? ? 117.01 113.80 3.21   0.50 N 
220 1 C6    C DA 29 ? ? C5    C DA 29 ? ? N7    C DA 29 ? ? 128.09 132.30 -4.21  0.70 N 
221 1 "O3'" C DA 29 ? ? P     C DA 30 ? ? "O5'" C DA 30 ? ? 90.38  104.00 -13.62 1.90 Y 
222 1 "O3'" C DA 29 ? ? P     C DA 30 ? ? OP1   C DA 30 ? ? 91.49  105.20 -13.71 2.20 Y 
223 1 "O5'" C DA 30 ? ? P     C DA 30 ? ? OP2   C DA 30 ? ? 129.61 110.70 18.91  1.20 N 
224 1 "C5'" C DA 30 ? ? "C4'" C DA 30 ? ? "O4'" C DA 30 ? ? 117.51 109.80 7.71   1.10 N 
225 1 C2    C DA 30 ? ? N3    C DA 30 ? ? C4    C DA 30 ? ? 107.57 110.60 -3.03  0.50 N 
226 1 N3    C DA 30 ? ? C4    C DA 30 ? ? C5    C DA 30 ? ? 131.04 126.80 4.24   0.70 N 
227 1 C4    C DA 30 ? ? C5    C DA 30 ? ? N7    C DA 30 ? ? 113.91 110.70 3.21   0.50 N 
228 1 C5    C DA 30 ? ? N7    C DA 30 ? ? C8    C DA 30 ? ? 98.41  103.90 -5.49  0.50 N 
229 1 N7    C DA 30 ? ? C8    C DA 30 ? ? N9    C DA 30 ? ? 117.14 113.80 3.34   0.50 N 
230 1 C8    C DA 30 ? ? N9    C DA 30 ? ? "C1'" C DA 30 ? ? 139.24 127.70 11.54  1.80 N 
231 1 OP1   C DA 31 ? ? P     C DA 31 ? ? OP2   C DA 31 ? ? 131.25 119.60 11.65  1.50 N 
232 1 "O5'" C DA 31 ? ? P     C DA 31 ? ? OP2   C DA 31 ? ? 97.28  105.70 -8.42  0.90 N 
233 1 "O4'" C DA 31 ? ? "C4'" C DA 31 ? ? "C3'" C DA 31 ? ? 100.74 104.50 -3.76  0.40 N 
234 1 "C1'" C DA 31 ? ? "O4'" C DA 31 ? ? "C4'" C DA 31 ? ? 115.06 110.30 4.76   0.70 N 
235 1 "O4'" C DA 31 ? ? "C1'" C DA 31 ? ? N9    C DA 31 ? ? 110.60 108.30 2.30   0.30 N 
236 1 C5    C DA 31 ? ? N7    C DA 31 ? ? C8    C DA 31 ? ? 99.89  103.90 -4.01  0.50 N 
237 1 N1    C DA 31 ? ? C6    C DA 31 ? ? N6    C DA 31 ? ? 110.98 118.60 -7.62  0.60 N 
238 1 C5    C DA 31 ? ? C6    C DA 31 ? ? N6    C DA 31 ? ? 132.75 123.70 9.05   0.80 N 
239 1 OP1   C DA 32 ? ? P     C DA 32 ? ? OP2   C DA 32 ? ? 105.02 119.60 -14.58 1.50 N 
240 1 "O5'" C DA 32 ? ? P     C DA 32 ? ? OP1   C DA 32 ? ? 127.29 110.70 16.59  1.20 N 
241 1 "O5'" C DA 32 ? ? P     C DA 32 ? ? OP2   C DA 32 ? ? 95.14  105.70 -10.56 0.90 N 
242 1 N1    C DA 32 ? ? C2    C DA 32 ? ? N3    C DA 32 ? ? 125.98 129.30 -3.32  0.50 N 
243 1 "O3'" C DA 32 ? ? P     C DT 33 ? ? OP1   C DT 33 ? ? 117.98 110.50 7.48   1.10 Y 
244 1 "O5'" C DT 33 ? ? P     C DT 33 ? ? OP2   C DT 33 ? ? 93.78  105.70 -11.92 0.90 N 
245 1 "C5'" C DT 33 ? ? "C4'" C DT 33 ? ? "O4'" C DT 33 ? ? 116.51 109.80 6.71   1.10 N 
246 1 N1    C DT 33 ? ? "C1'" C DT 33 ? ? "C2'" C DT 33 ? ? 123.14 114.30 8.84   1.40 N 
247 1 C2    C DT 33 ? ? N3    C DT 33 ? ? C4    C DT 33 ? ? 118.20 127.20 -9.00  0.60 N 
248 1 N3    C DT 33 ? ? C4    C DT 33 ? ? C5    C DT 33 ? ? 123.38 115.20 8.18   0.60 N 
249 1 N3    C DT 33 ? ? C4    C DT 33 ? ? O4    C DT 33 ? ? 112.75 119.90 -7.15  0.60 N 
250 1 C4    C DT 33 ? ? C5    C DT 33 ? ? C7    C DT 33 ? ? 127.40 119.00 8.40   0.60 N 
251 1 C6    C DT 33 ? ? C5    C DT 33 ? ? C7    C DT 33 ? ? 115.84 122.90 -7.06  0.60 N 
252 1 OP1   C DG 34 ? ? P     C DG 34 ? ? OP2   C DG 34 ? ? 103.36 119.60 -16.24 1.50 N 
253 1 "O5'" C DG 34 ? ? P     C DG 34 ? ? OP1   C DG 34 ? ? 119.42 110.70 8.72   1.20 N 
254 1 "O4'" C DG 34 ? ? "C4'" C DG 34 ? ? "C3'" C DG 34 ? ? 100.68 104.50 -3.82  0.40 N 
255 1 "C3'" C DG 34 ? ? "C2'" C DG 34 ? ? "C1'" C DG 34 ? ? 96.33  102.40 -6.07  0.80 N 
256 1 "O4'" C DG 34 ? ? "C1'" C DG 34 ? ? N9    C DG 34 ? ? 119.19 108.30 10.89  0.30 N 
257 1 C4    C DG 34 ? ? C5    C DG 34 ? ? N7    C DG 34 ? ? 114.81 110.80 4.01   0.40 N 
258 1 C5    C DG 34 ? ? N7    C DG 34 ? ? C8    C DG 34 ? ? 101.06 104.30 -3.24  0.50 N 
259 1 N9    C DG 34 ? ? C4    C DG 34 ? ? C5    C DG 34 ? ? 102.34 105.40 -3.06  0.40 N 
260 1 N3    C DG 34 ? ? C2    C DG 34 ? ? N2    C DG 34 ? ? 125.24 119.90 5.34   0.70 N 
261 1 N1    C DG 34 ? ? C6    C DG 34 ? ? O6    C DG 34 ? ? 126.60 119.90 6.70   0.60 N 
262 1 C5    C DG 34 ? ? C6    C DG 34 ? ? O6    C DG 34 ? ? 121.86 128.60 -6.74  0.60 N 
263 1 OP1   C DC 35 ? ? P     C DC 35 ? ? OP2   C DC 35 ? ? 129.42 119.60 9.82   1.50 N 
264 1 "O4'" C DC 35 ? ? "C1'" C DC 35 ? ? N1    C DC 35 ? ? 115.23 108.30 6.93   0.30 N 
265 1 N1    C DC 35 ? ? C2    C DC 35 ? ? O2    C DC 35 ? ? 126.09 118.90 7.19   0.60 N 
266 1 N3    C DC 35 ? ? C2    C DC 35 ? ? O2    C DC 35 ? ? 116.37 121.90 -5.53  0.70 N 
267 1 N3    C DC 35 ? ? C4    C DC 35 ? ? N4    C DC 35 ? ? 112.23 118.00 -5.77  0.70 N 
268 1 "C5'" C DG 36 ? ? "C4'" C DG 36 ? ? "O4'" C DG 36 ? ? 122.60 109.80 12.80  1.10 N 
269 1 N9    C DG 36 ? ? "C1'" C DG 36 ? ? "C2'" C DG 36 ? ? 98.99  112.60 -13.61 1.90 N 
270 1 "O4'" C DG 36 ? ? "C1'" C DG 36 ? ? N9    C DG 36 ? ? 114.91 108.30 6.61   0.30 N 
271 1 C5    C DG 36 ? ? C6    C DG 36 ? ? N1    C DG 36 ? ? 114.71 111.50 3.21   0.50 N 
272 1 C5    C DG 36 ? ? N7    C DG 36 ? ? C8    C DG 36 ? ? 101.11 104.30 -3.19  0.50 N 
273 1 N3    C DG 36 ? ? C2    C DG 36 ? ? N2    C DG 36 ? ? 124.53 119.90 4.63   0.70 N 
274 1 "O4'" D DC 37 ? ? "C4'" D DC 37 ? ? "C3'" D DC 37 ? ? 102.04 104.50 -2.46  0.40 N 
275 1 "O4'" D DC 37 ? ? "C1'" D DC 37 ? ? N1    D DC 37 ? ? 119.64 108.30 11.34  0.30 N 
276 1 N3    D DC 37 ? ? C4    D DC 37 ? ? C5    D DC 37 ? ? 118.32 121.90 -3.58  0.40 N 
277 1 N3    D DC 37 ? ? C2    D DC 37 ? ? O2    D DC 37 ? ? 116.64 121.90 -5.26  0.70 N 
278 1 C6    D DC 37 ? ? N1    D DC 37 ? ? "C1'" D DC 37 ? ? 128.75 120.80 7.95   1.20 N 
279 1 OP1   D DG 38 ? ? P     D DG 38 ? ? OP2   D DG 38 ? ? 138.67 119.60 19.07  1.50 N 
280 1 "O5'" D DG 38 ? ? P     D DG 38 ? ? OP1   D DG 38 ? ? 94.95  105.70 -10.75 0.90 N 
281 1 "O5'" D DG 38 ? ? P     D DG 38 ? ? OP2   D DG 38 ? ? 89.34  105.70 -16.36 0.90 N 
282 1 "O4'" D DG 38 ? ? "C1'" D DG 38 ? ? N9    D DG 38 ? ? 115.71 108.30 7.41   0.30 N 
283 1 C5    D DG 38 ? ? C6    D DG 38 ? ? N1    D DG 38 ? ? 115.49 111.50 3.99   0.50 N 
284 1 C5    D DG 38 ? ? C6    D DG 38 ? ? O6    D DG 38 ? ? 121.41 128.60 -7.19  0.60 N 
285 1 "O4'" D DC 39 ? ? "C4'" D DC 39 ? ? "C3'" D DC 39 ? ? 101.08 104.50 -3.42  0.40 N 
286 1 C6    D DC 39 ? ? N1    D DC 39 ? ? C2    D DC 39 ? ? 122.75 120.30 2.45   0.40 N 
287 1 N3    D DC 39 ? ? C2    D DC 39 ? ? O2    D DC 39 ? ? 126.82 121.90 4.92   0.70 N 
288 1 "O3'" D DC 39 ? ? P     D DA 40 ? ? "O5'" D DA 40 ? ? 83.69  104.00 -20.31 1.90 Y 
289 1 OP1   D DA 40 ? ? P     D DA 40 ? ? OP2   D DA 40 ? ? 130.58 119.60 10.98  1.50 N 
290 1 P     D DA 40 ? ? "O5'" D DA 40 ? ? "C5'" D DA 40 ? ? 108.38 120.90 -12.52 1.60 N 
291 1 "C5'" D DA 40 ? ? "C4'" D DA 40 ? ? "O4'" D DA 40 ? ? 123.62 109.80 13.82  1.10 N 
292 1 "O4'" D DA 40 ? ? "C1'" D DA 40 ? ? N9    D DA 40 ? ? 115.12 108.30 6.82   0.30 N 
293 1 C6    D DA 40 ? ? N1    D DA 40 ? ? C2    D DA 40 ? ? 123.51 118.60 4.91   0.60 N 
294 1 C5    D DA 40 ? ? C6    D DA 40 ? ? N1    D DA 40 ? ? 114.22 117.70 -3.48  0.50 N 
295 1 C5    D DA 40 ? ? N7    D DA 40 ? ? C8    D DA 40 ? ? 100.72 103.90 -3.18  0.50 N 
296 1 N1    D DA 40 ? ? C6    D DA 40 ? ? N6    D DA 40 ? ? 123.45 118.60 4.85   0.60 N 
297 1 "O3'" D DA 40 ? ? P     D DT 41 ? ? OP2   D DT 41 ? ? 120.34 110.50 9.84   1.10 Y 
298 1 P     D DT 41 ? ? "O5'" D DT 41 ? ? "C5'" D DT 41 ? ? 110.31 120.90 -10.59 1.60 N 
299 1 "O4'" D DT 41 ? ? "C1'" D DT 41 ? ? "C2'" D DT 41 ? ? 100.26 105.90 -5.64  0.80 N 
300 1 "O4'" D DT 41 ? ? "C1'" D DT 41 ? ? N1    D DT 41 ? ? 113.78 108.30 5.48   0.30 N 
301 1 C2    D DT 41 ? ? N3    D DT 41 ? ? C4    D DT 41 ? ? 116.93 127.20 -10.27 0.60 N 
302 1 N3    D DT 41 ? ? C4    D DT 41 ? ? C5    D DT 41 ? ? 124.01 115.20 8.81   0.60 N 
303 1 C5    D DT 41 ? ? C4    D DT 41 ? ? O4    D DT 41 ? ? 114.20 124.90 -10.70 0.70 N 
304 1 C4    D DT 41 ? ? C5    D DT 41 ? ? C7    D DT 41 ? ? 124.79 119.00 5.79   0.60 N 
305 1 C6    D DT 41 ? ? C5    D DT 41 ? ? C7    D DT 41 ? ? 118.14 122.90 -4.76  0.60 N 
306 1 OP1   D DT 42 ? ? P     D DT 42 ? ? OP2   D DT 42 ? ? 132.49 119.60 12.89  1.50 N 
307 1 "O5'" D DT 42 ? ? P     D DT 42 ? ? OP1   D DT 42 ? ? 91.59  105.70 -14.11 0.90 N 
308 1 "O5'" D DT 42 ? ? P     D DT 42 ? ? OP2   D DT 42 ? ? 120.05 110.70 9.35   1.20 N 
309 1 "O4'" D DT 42 ? ? "C1'" D DT 42 ? ? N1    D DT 42 ? ? 117.15 108.30 8.85   0.30 N 
310 1 N1    D DT 42 ? ? C2    D DT 42 ? ? N3    D DT 42 ? ? 124.84 114.60 10.24  0.60 N 
311 1 C2    D DT 42 ? ? N3    D DT 42 ? ? C4    D DT 42 ? ? 115.62 127.20 -11.58 0.60 N 
312 1 N3    D DT 42 ? ? C4    D DT 42 ? ? C5    D DT 42 ? ? 119.10 115.20 3.90   0.60 N 
313 1 C4    D DT 42 ? ? C5    D DT 42 ? ? C6    D DT 42 ? ? 122.99 118.00 4.99   0.60 N 
314 1 C5    D DT 42 ? ? C6    D DT 42 ? ? N1    D DT 42 ? ? 118.54 123.70 -5.16  0.60 N 
315 1 N1    D DT 42 ? ? C2    D DT 42 ? ? O2    D DT 42 ? ? 115.37 123.10 -7.73  0.80 N 
316 1 N3    D DT 42 ? ? C4    D DT 42 ? ? O4    D DT 42 ? ? 125.41 119.90 5.51   0.60 N 
317 1 C5    D DT 42 ? ? C4    D DT 42 ? ? O4    D DT 42 ? ? 115.47 124.90 -9.43  0.70 N 
318 1 C6    D DT 42 ? ? C5    D DT 42 ? ? C7    D DT 42 ? ? 119.19 122.90 -3.71  0.60 N 
319 1 "O3'" D DT 42 ? ? P     D DT 43 ? ? OP1   D DT 43 ? ? 119.31 110.50 8.81   1.10 Y 
320 1 "O5'" D DT 43 ? ? P     D DT 43 ? ? OP2   D DT 43 ? ? 91.85  105.70 -13.85 0.90 N 
321 1 "O5'" D DT 43 ? ? "C5'" D DT 43 ? ? "C4'" D DT 43 ? ? 104.26 109.40 -5.14  0.80 N 
322 1 "O4'" D DT 43 ? ? "C4'" D DT 43 ? ? "C3'" D DT 43 ? ? 100.19 104.50 -4.31  0.40 N 
323 1 "O4'" D DT 43 ? ? "C1'" D DT 43 ? ? "C2'" D DT 43 ? ? 99.03  105.90 -6.87  0.80 N 
324 1 "O4'" D DT 43 ? ? "C1'" D DT 43 ? ? N1    D DT 43 ? ? 112.63 108.30 4.33   0.30 N 
325 1 C6    D DT 43 ? ? N1    D DT 43 ? ? C2    D DT 43 ? ? 117.63 121.30 -3.67  0.50 N 
326 1 N1    D DT 43 ? ? C2    D DT 43 ? ? N3    D DT 43 ? ? 121.71 114.60 7.11   0.60 N 
327 1 C2    D DT 43 ? ? N3    D DT 43 ? ? C4    D DT 43 ? ? 118.04 127.20 -9.16  0.60 N 
328 1 N3    D DT 43 ? ? C4    D DT 43 ? ? C5    D DT 43 ? ? 119.76 115.20 4.56   0.60 N 
329 1 N3    D DT 43 ? ? C2    D DT 43 ? ? O2    D DT 43 ? ? 112.47 122.30 -9.83  0.60 N 
330 1 C5    D DT 43 ? ? C4    D DT 43 ? ? O4    D DT 43 ? ? 119.44 124.90 -5.46  0.70 N 
331 1 "O3'" D DT 43 ? ? P     D DT 44 ? ? "O5'" D DT 44 ? ? 91.85  104.00 -12.15 1.90 Y 
332 1 OP1   D DT 44 ? ? P     D DT 44 ? ? OP2   D DT 44 ? ? 128.78 119.60 9.18   1.50 N 
333 1 "O5'" D DT 44 ? ? P     D DT 44 ? ? OP1   D DT 44 ? ? 122.10 110.70 11.40  1.20 N 
334 1 P     D DT 44 ? ? "O5'" D DT 44 ? ? "C5'" D DT 44 ? ? 110.96 120.90 -9.94  1.60 N 
335 1 "O4'" D DT 44 ? ? "C1'" D DT 44 ? ? N1    D DT 44 ? ? 112.18 108.30 3.88   0.30 N 
336 1 N1    D DT 44 ? ? C2    D DT 44 ? ? N3    D DT 44 ? ? 119.09 114.60 4.49   0.60 N 
337 1 C2    D DT 44 ? ? N3    D DT 44 ? ? C4    D DT 44 ? ? 119.85 127.20 -7.35  0.60 N 
338 1 N3    D DT 44 ? ? C4    D DT 44 ? ? C5    D DT 44 ? ? 121.58 115.20 6.38   0.60 N 
339 1 C5    D DT 44 ? ? C6    D DT 44 ? ? N1    D DT 44 ? ? 119.30 123.70 -4.40  0.60 N 
340 1 N3    D DT 44 ? ? C2    D DT 44 ? ? O2    D DT 44 ? ? 113.59 122.30 -8.71  0.60 N 
341 1 N3    D DT 44 ? ? C4    D DT 44 ? ? O4    D DT 44 ? ? 113.30 119.90 -6.60  0.60 N 
342 1 C4    D DT 44 ? ? C5    D DT 44 ? ? C7    D DT 44 ? ? 114.69 119.00 -4.31  0.60 N 
343 1 C6    D DT 44 ? ? C5    D DT 44 ? ? C7    D DT 44 ? ? 126.67 122.90 3.77   0.60 N 
344 1 "C3'" D DT 44 ? ? "O3'" D DT 44 ? ? P     D DT 45 ? ? 130.50 119.70 10.80  1.20 Y 
345 1 "O3'" D DT 44 ? ? P     D DT 45 ? ? OP1   D DT 45 ? ? 124.68 110.50 14.18  1.10 Y 
346 1 OP1   D DT 45 ? ? P     D DT 45 ? ? OP2   D DT 45 ? ? 90.80  119.60 -28.80 1.50 N 
347 1 "O4'" D DT 45 ? ? "C1'" D DT 45 ? ? N1    D DT 45 ? ? 113.65 108.30 5.35   0.30 N 
348 1 N1    D DT 45 ? ? C2    D DT 45 ? ? N3    D DT 45 ? ? 119.68 114.60 5.08   0.60 N 
349 1 C2    D DT 45 ? ? N3    D DT 45 ? ? C4    D DT 45 ? ? 119.81 127.20 -7.39  0.60 N 
350 1 N3    D DT 45 ? ? C4    D DT 45 ? ? C5    D DT 45 ? ? 118.97 115.20 3.77   0.60 N 
351 1 C5    D DT 45 ? ? C6    D DT 45 ? ? N1    D DT 45 ? ? 119.08 123.70 -4.62  0.60 N 
352 1 N1    D DT 45 ? ? C2    D DT 45 ? ? O2    D DT 45 ? ? 117.79 123.10 -5.31  0.80 N 
353 1 OP1   D DG 46 ? ? P     D DG 46 ? ? OP2   D DG 46 ? ? 154.71 119.60 35.11  1.50 N 
354 1 "O5'" D DG 46 ? ? P     D DG 46 ? ? OP1   D DG 46 ? ? 94.76  105.70 -10.94 0.90 N 
355 1 "O5'" D DG 46 ? ? P     D DG 46 ? ? OP2   D DG 46 ? ? 96.35  105.70 -9.35  0.90 N 
356 1 P     D DG 46 ? ? "O5'" D DG 46 ? ? "C5'" D DG 46 ? ? 111.03 120.90 -9.87  1.60 N 
357 1 "O4'" D DG 46 ? ? "C1'" D DG 46 ? ? N9    D DG 46 ? ? 113.14 108.30 4.84   0.30 N 
358 1 C5    D DG 46 ? ? C6    D DG 46 ? ? O6    D DG 46 ? ? 124.97 128.60 -3.63  0.60 N 
359 1 C8    D DG 46 ? ? N9    D DG 46 ? ? "C1'" D DG 46 ? ? 140.17 127.00 13.17  1.30 N 
360 1 C4    D DG 46 ? ? N9    D DG 46 ? ? "C1'" D DG 46 ? ? 113.53 126.50 -12.97 1.30 N 
361 1 "C3'" D DG 46 ? ? "O3'" D DG 46 ? ? P     D DC 47 ? ? 128.64 119.70 8.94   1.20 Y 
362 1 "O4'" D DC 47 ? ? "C1'" D DC 47 ? ? N1    D DC 47 ? ? 112.59 108.30 4.29   0.30 N 
363 1 N3    D DC 47 ? ? C4    D DC 47 ? ? N4    D DC 47 ? ? 113.72 118.00 -4.28  0.70 N 
364 1 C5    D DC 47 ? ? C4    D DC 47 ? ? N4    D DC 47 ? ? 125.92 120.20 5.72   0.70 N 
365 1 OP1   D DG 48 ? ? P     D DG 48 ? ? OP2   D DG 48 ? ? 145.60 119.60 26.00  1.50 N 
366 1 "O5'" D DG 48 ? ? P     D DG 48 ? ? OP1   D DG 48 ? ? 118.29 110.70 7.59   1.20 N 
367 1 "O5'" D DG 48 ? ? P     D DG 48 ? ? OP2   D DG 48 ? ? 83.16  105.70 -22.54 0.90 N 
368 1 "O4'" D DG 48 ? ? "C1'" D DG 48 ? ? N9    D DG 48 ? ? 113.46 108.30 5.16   0.30 N 
369 1 C6    D DG 48 ? ? N1    D DG 48 ? ? C2    D DG 48 ? ? 121.14 125.10 -3.96  0.60 N 
370 1 C5    D DG 48 ? ? N7    D DG 48 ? ? C8    D DG 48 ? ? 100.74 104.30 -3.56  0.50 N 
371 1 N7    D DG 48 ? ? C8    D DG 48 ? ? N9    D DG 48 ? ? 116.56 113.10 3.46   0.50 N 
372 1 N3    D DG 48 ? ? C4    D DG 48 ? ? N9    D DG 48 ? ? 129.68 126.00 3.68   0.60 N 
373 1 N1    D DG 48 ? ? C2    D DG 48 ? ? N2    D DG 48 ? ? 110.79 116.20 -5.41  0.90 N 
374 1 N1    D DG 48 ? ? C6    D DG 48 ? ? O6    D DG 48 ? ? 124.65 119.90 4.75   0.60 N 
375 1 C5    D DG 48 ? ? C6    D DG 48 ? ? O6    D DG 48 ? ? 120.55 128.60 -8.05  0.60 N 
# 
loop_
_pdbx_validate_planes.id 
_pdbx_validate_planes.PDB_model_num 
_pdbx_validate_planes.auth_comp_id 
_pdbx_validate_planes.auth_asym_id 
_pdbx_validate_planes.auth_seq_id 
_pdbx_validate_planes.PDB_ins_code 
_pdbx_validate_planes.label_alt_id 
_pdbx_validate_planes.rmsd 
_pdbx_validate_planes.type 
1 1 DG B 24 ? ? 0.056 'SIDE CHAIN' 
2 1 DA C 30 ? ? 0.057 'SIDE CHAIN' 
# 
loop_
_refine_B_iso.class 
_refine_B_iso.details 
_refine_B_iso.treatment 
_refine_B_iso.pdbx_refine_id 
'ALL ATOMS'  TR isotropic 'X-RAY DIFFRACTION' 
'ALL WATERS' TR isotropic 'X-RAY DIFFRACTION' 
# 
loop_
_refine_occupancy.class 
_refine_occupancy.treatment 
_refine_occupancy.pdbx_refine_id 
'ALL ATOMS'  fix 'X-RAY DIFFRACTION' 
'ALL WATERS' fix 'X-RAY DIFFRACTION' 
# 
loop_
_chem_comp_atom.comp_id 
_chem_comp_atom.atom_id 
_chem_comp_atom.type_symbol 
_chem_comp_atom.pdbx_aromatic_flag 
_chem_comp_atom.pdbx_stereo_config 
_chem_comp_atom.pdbx_ordinal 
DA  OP3    O  N N 1   
DA  P      P  N N 2   
DA  OP1    O  N N 3   
DA  OP2    O  N N 4   
DA  "O5'"  O  N N 5   
DA  "C5'"  C  N N 6   
DA  "C4'"  C  N R 7   
DA  "O4'"  O  N N 8   
DA  "C3'"  C  N S 9   
DA  "O3'"  O  N N 10  
DA  "C2'"  C  N N 11  
DA  "C1'"  C  N R 12  
DA  N9     N  Y N 13  
DA  C8     C  Y N 14  
DA  N7     N  Y N 15  
DA  C5     C  Y N 16  
DA  C6     C  Y N 17  
DA  N6     N  N N 18  
DA  N1     N  Y N 19  
DA  C2     C  Y N 20  
DA  N3     N  Y N 21  
DA  C4     C  Y N 22  
DA  HOP3   H  N N 23  
DA  HOP2   H  N N 24  
DA  "H5'"  H  N N 25  
DA  "H5''" H  N N 26  
DA  "H4'"  H  N N 27  
DA  "H3'"  H  N N 28  
DA  "HO3'" H  N N 29  
DA  "H2'"  H  N N 30  
DA  "H2''" H  N N 31  
DA  "H1'"  H  N N 32  
DA  H8     H  N N 33  
DA  H61    H  N N 34  
DA  H62    H  N N 35  
DA  H2     H  N N 36  
DC  OP3    O  N N 37  
DC  P      P  N N 38  
DC  OP1    O  N N 39  
DC  OP2    O  N N 40  
DC  "O5'"  O  N N 41  
DC  "C5'"  C  N N 42  
DC  "C4'"  C  N R 43  
DC  "O4'"  O  N N 44  
DC  "C3'"  C  N S 45  
DC  "O3'"  O  N N 46  
DC  "C2'"  C  N N 47  
DC  "C1'"  C  N R 48  
DC  N1     N  N N 49  
DC  C2     C  N N 50  
DC  O2     O  N N 51  
DC  N3     N  N N 52  
DC  C4     C  N N 53  
DC  N4     N  N N 54  
DC  C5     C  N N 55  
DC  C6     C  N N 56  
DC  HOP3   H  N N 57  
DC  HOP2   H  N N 58  
DC  "H5'"  H  N N 59  
DC  "H5''" H  N N 60  
DC  "H4'"  H  N N 61  
DC  "H3'"  H  N N 62  
DC  "HO3'" H  N N 63  
DC  "H2'"  H  N N 64  
DC  "H2''" H  N N 65  
DC  "H1'"  H  N N 66  
DC  H41    H  N N 67  
DC  H42    H  N N 68  
DC  H5     H  N N 69  
DC  H6     H  N N 70  
DG  OP3    O  N N 71  
DG  P      P  N N 72  
DG  OP1    O  N N 73  
DG  OP2    O  N N 74  
DG  "O5'"  O  N N 75  
DG  "C5'"  C  N N 76  
DG  "C4'"  C  N R 77  
DG  "O4'"  O  N N 78  
DG  "C3'"  C  N S 79  
DG  "O3'"  O  N N 80  
DG  "C2'"  C  N N 81  
DG  "C1'"  C  N R 82  
DG  N9     N  Y N 83  
DG  C8     C  Y N 84  
DG  N7     N  Y N 85  
DG  C5     C  Y N 86  
DG  C6     C  N N 87  
DG  O6     O  N N 88  
DG  N1     N  N N 89  
DG  C2     C  N N 90  
DG  N2     N  N N 91  
DG  N3     N  N N 92  
DG  C4     C  Y N 93  
DG  HOP3   H  N N 94  
DG  HOP2   H  N N 95  
DG  "H5'"  H  N N 96  
DG  "H5''" H  N N 97  
DG  "H4'"  H  N N 98  
DG  "H3'"  H  N N 99  
DG  "HO3'" H  N N 100 
DG  "H2'"  H  N N 101 
DG  "H2''" H  N N 102 
DG  "H1'"  H  N N 103 
DG  H8     H  N N 104 
DG  H1     H  N N 105 
DG  H21    H  N N 106 
DG  H22    H  N N 107 
DT  OP3    O  N N 108 
DT  P      P  N N 109 
DT  OP1    O  N N 110 
DT  OP2    O  N N 111 
DT  "O5'"  O  N N 112 
DT  "C5'"  C  N N 113 
DT  "C4'"  C  N R 114 
DT  "O4'"  O  N N 115 
DT  "C3'"  C  N S 116 
DT  "O3'"  O  N N 117 
DT  "C2'"  C  N N 118 
DT  "C1'"  C  N R 119 
DT  N1     N  N N 120 
DT  C2     C  N N 121 
DT  O2     O  N N 122 
DT  N3     N  N N 123 
DT  C4     C  N N 124 
DT  O4     O  N N 125 
DT  C5     C  N N 126 
DT  C7     C  N N 127 
DT  C6     C  N N 128 
DT  HOP3   H  N N 129 
DT  HOP2   H  N N 130 
DT  "H5'"  H  N N 131 
DT  "H5''" H  N N 132 
DT  "H4'"  H  N N 133 
DT  "H3'"  H  N N 134 
DT  "HO3'" H  N N 135 
DT  "H2'"  H  N N 136 
DT  "H2''" H  N N 137 
DT  "H1'"  H  N N 138 
DT  H3     H  N N 139 
DT  H71    H  N N 140 
DT  H72    H  N N 141 
DT  H73    H  N N 142 
DT  H6     H  N N 143 
HOH O      O  N N 144 
HOH H1     H  N N 145 
HOH H2     H  N N 146 
MG  MG     MG N N 147 
# 
loop_
_chem_comp_bond.comp_id 
_chem_comp_bond.atom_id_1 
_chem_comp_bond.atom_id_2 
_chem_comp_bond.value_order 
_chem_comp_bond.pdbx_aromatic_flag 
_chem_comp_bond.pdbx_stereo_config 
_chem_comp_bond.pdbx_ordinal 
DA  OP3   P      sing N N 1   
DA  OP3   HOP3   sing N N 2   
DA  P     OP1    doub N N 3   
DA  P     OP2    sing N N 4   
DA  P     "O5'"  sing N N 5   
DA  OP2   HOP2   sing N N 6   
DA  "O5'" "C5'"  sing N N 7   
DA  "C5'" "C4'"  sing N N 8   
DA  "C5'" "H5'"  sing N N 9   
DA  "C5'" "H5''" sing N N 10  
DA  "C4'" "O4'"  sing N N 11  
DA  "C4'" "C3'"  sing N N 12  
DA  "C4'" "H4'"  sing N N 13  
DA  "O4'" "C1'"  sing N N 14  
DA  "C3'" "O3'"  sing N N 15  
DA  "C3'" "C2'"  sing N N 16  
DA  "C3'" "H3'"  sing N N 17  
DA  "O3'" "HO3'" sing N N 18  
DA  "C2'" "C1'"  sing N N 19  
DA  "C2'" "H2'"  sing N N 20  
DA  "C2'" "H2''" sing N N 21  
DA  "C1'" N9     sing N N 22  
DA  "C1'" "H1'"  sing N N 23  
DA  N9    C8     sing Y N 24  
DA  N9    C4     sing Y N 25  
DA  C8    N7     doub Y N 26  
DA  C8    H8     sing N N 27  
DA  N7    C5     sing Y N 28  
DA  C5    C6     sing Y N 29  
DA  C5    C4     doub Y N 30  
DA  C6    N6     sing N N 31  
DA  C6    N1     doub Y N 32  
DA  N6    H61    sing N N 33  
DA  N6    H62    sing N N 34  
DA  N1    C2     sing Y N 35  
DA  C2    N3     doub Y N 36  
DA  C2    H2     sing N N 37  
DA  N3    C4     sing Y N 38  
DC  OP3   P      sing N N 39  
DC  OP3   HOP3   sing N N 40  
DC  P     OP1    doub N N 41  
DC  P     OP2    sing N N 42  
DC  P     "O5'"  sing N N 43  
DC  OP2   HOP2   sing N N 44  
DC  "O5'" "C5'"  sing N N 45  
DC  "C5'" "C4'"  sing N N 46  
DC  "C5'" "H5'"  sing N N 47  
DC  "C5'" "H5''" sing N N 48  
DC  "C4'" "O4'"  sing N N 49  
DC  "C4'" "C3'"  sing N N 50  
DC  "C4'" "H4'"  sing N N 51  
DC  "O4'" "C1'"  sing N N 52  
DC  "C3'" "O3'"  sing N N 53  
DC  "C3'" "C2'"  sing N N 54  
DC  "C3'" "H3'"  sing N N 55  
DC  "O3'" "HO3'" sing N N 56  
DC  "C2'" "C1'"  sing N N 57  
DC  "C2'" "H2'"  sing N N 58  
DC  "C2'" "H2''" sing N N 59  
DC  "C1'" N1     sing N N 60  
DC  "C1'" "H1'"  sing N N 61  
DC  N1    C2     sing N N 62  
DC  N1    C6     sing N N 63  
DC  C2    O2     doub N N 64  
DC  C2    N3     sing N N 65  
DC  N3    C4     doub N N 66  
DC  C4    N4     sing N N 67  
DC  C4    C5     sing N N 68  
DC  N4    H41    sing N N 69  
DC  N4    H42    sing N N 70  
DC  C5    C6     doub N N 71  
DC  C5    H5     sing N N 72  
DC  C6    H6     sing N N 73  
DG  OP3   P      sing N N 74  
DG  OP3   HOP3   sing N N 75  
DG  P     OP1    doub N N 76  
DG  P     OP2    sing N N 77  
DG  P     "O5'"  sing N N 78  
DG  OP2   HOP2   sing N N 79  
DG  "O5'" "C5'"  sing N N 80  
DG  "C5'" "C4'"  sing N N 81  
DG  "C5'" "H5'"  sing N N 82  
DG  "C5'" "H5''" sing N N 83  
DG  "C4'" "O4'"  sing N N 84  
DG  "C4'" "C3'"  sing N N 85  
DG  "C4'" "H4'"  sing N N 86  
DG  "O4'" "C1'"  sing N N 87  
DG  "C3'" "O3'"  sing N N 88  
DG  "C3'" "C2'"  sing N N 89  
DG  "C3'" "H3'"  sing N N 90  
DG  "O3'" "HO3'" sing N N 91  
DG  "C2'" "C1'"  sing N N 92  
DG  "C2'" "H2'"  sing N N 93  
DG  "C2'" "H2''" sing N N 94  
DG  "C1'" N9     sing N N 95  
DG  "C1'" "H1'"  sing N N 96  
DG  N9    C8     sing Y N 97  
DG  N9    C4     sing Y N 98  
DG  C8    N7     doub Y N 99  
DG  C8    H8     sing N N 100 
DG  N7    C5     sing Y N 101 
DG  C5    C6     sing N N 102 
DG  C5    C4     doub Y N 103 
DG  C6    O6     doub N N 104 
DG  C6    N1     sing N N 105 
DG  N1    C2     sing N N 106 
DG  N1    H1     sing N N 107 
DG  C2    N2     sing N N 108 
DG  C2    N3     doub N N 109 
DG  N2    H21    sing N N 110 
DG  N2    H22    sing N N 111 
DG  N3    C4     sing N N 112 
DT  OP3   P      sing N N 113 
DT  OP3   HOP3   sing N N 114 
DT  P     OP1    doub N N 115 
DT  P     OP2    sing N N 116 
DT  P     "O5'"  sing N N 117 
DT  OP2   HOP2   sing N N 118 
DT  "O5'" "C5'"  sing N N 119 
DT  "C5'" "C4'"  sing N N 120 
DT  "C5'" "H5'"  sing N N 121 
DT  "C5'" "H5''" sing N N 122 
DT  "C4'" "O4'"  sing N N 123 
DT  "C4'" "C3'"  sing N N 124 
DT  "C4'" "H4'"  sing N N 125 
DT  "O4'" "C1'"  sing N N 126 
DT  "C3'" "O3'"  sing N N 127 
DT  "C3'" "C2'"  sing N N 128 
DT  "C3'" "H3'"  sing N N 129 
DT  "O3'" "HO3'" sing N N 130 
DT  "C2'" "C1'"  sing N N 131 
DT  "C2'" "H2'"  sing N N 132 
DT  "C2'" "H2''" sing N N 133 
DT  "C1'" N1     sing N N 134 
DT  "C1'" "H1'"  sing N N 135 
DT  N1    C2     sing N N 136 
DT  N1    C6     sing N N 137 
DT  C2    O2     doub N N 138 
DT  C2    N3     sing N N 139 
DT  N3    C4     sing N N 140 
DT  N3    H3     sing N N 141 
DT  C4    O4     doub N N 142 
DT  C4    C5     sing N N 143 
DT  C5    C7     sing N N 144 
DT  C5    C6     doub N N 145 
DT  C7    H71    sing N N 146 
DT  C7    H72    sing N N 147 
DT  C7    H73    sing N N 148 
DT  C6    H6     sing N N 149 
HOH O     H1     sing N N 150 
HOH O     H2     sing N N 151 
# 
_ndb_struct_conf_na.entry_id   1BDN 
_ndb_struct_conf_na.feature    'triple helix' 
# 
_atom_sites.entry_id                    1BDN 
_atom_sites.fract_transf_matrix[1][1]   0.02360774 
_atom_sites.fract_transf_matrix[1][2]   -0.00129834 
_atom_sites.fract_transf_matrix[1][3]   0.03318963 
_atom_sites.fract_transf_matrix[2][1]   -0.00970730 
_atom_sites.fract_transf_matrix[2][2]   -0.02200862 
_atom_sites.fract_transf_matrix[2][3]   0.00604385 
_atom_sites.fract_transf_matrix[3][1]   0.01085616 
_atom_sites.fract_transf_matrix[3][2]   -0.00698389 
_atom_sites.fract_transf_matrix[3][3]   -0.00799518 
_atom_sites.fract_transf_vector[1]      0.591908 
_atom_sites.fract_transf_vector[2]      0.520966 
_atom_sites.fract_transf_vector[3]      0.128439 
# 
loop_
_atom_type.symbol 
C  
MG 
N  
O  
P  
# 
loop_
_atom_site.group_PDB 
_atom_site.id 
_atom_site.type_symbol 
_atom_site.label_atom_id 
_atom_site.label_alt_id 
_atom_site.label_comp_id 
_atom_site.label_asym_id 
_atom_site.label_entity_id 
_atom_site.label_seq_id 
_atom_site.pdbx_PDB_ins_code 
_atom_site.Cartn_x 
_atom_site.Cartn_y 
_atom_site.Cartn_z 
_atom_site.occupancy 
_atom_site.B_iso_or_equiv 
_atom_site.pdbx_formal_charge 
_atom_site.auth_seq_id 
_atom_site.auth_comp_id 
_atom_site.auth_asym_id 
_atom_site.auth_atom_id 
_atom_site.pdbx_PDB_model_num 
ATOM   1   O  "O5'" . DC  A 1 1  ? 9.309   -19.099 -2.366  0.56 49.97 ? 1  DC  A "O5'" 1 
ATOM   2   C  "C5'" . DC  A 1 1  ? 9.060   -18.693 -0.953  0.56 8.36  ? 1  DC  A "C5'" 1 
ATOM   3   C  "C4'" . DC  A 1 1  ? 9.627   -17.297 -0.705  0.56 8.36  ? 1  DC  A "C4'" 1 
ATOM   4   O  "O4'" . DC  A 1 1  ? 10.221  -16.727 -1.866  0.56 8.36  ? 1  DC  A "O4'" 1 
ATOM   5   C  "C3'" . DC  A 1 1  ? 8.594   -16.261 -0.372  0.56 8.36  ? 1  DC  A "C3'" 1 
ATOM   6   O  "O3'" . DC  A 1 1  ? 9.373   -15.330 0.340   0.56 8.36  ? 1  DC  A "O3'" 1 
ATOM   7   C  "C2'" . DC  A 1 1  ? 8.282   -15.614 -1.674  0.56 8.36  ? 1  DC  A "C2'" 1 
ATOM   8   C  "C1'" . DC  A 1 1  ? 9.662   -15.496 -2.234  0.56 8.36  ? 1  DC  A "C1'" 1 
ATOM   9   N  N1    . DC  A 1 1  ? 9.605   -15.023 -3.654  0.56 6.87  ? 1  DC  A N1    1 
ATOM   10  C  C2    . DC  A 1 1  ? 10.659  -14.238 -4.036  0.56 6.87  ? 1  DC  A C2    1 
ATOM   11  O  O2    . DC  A 1 1  ? 11.559  -13.866 -3.285  0.56 6.87  ? 1  DC  A O2    1 
ATOM   12  N  N3    . DC  A 1 1  ? 10.651  -13.710 -5.287  0.56 6.87  ? 1  DC  A N3    1 
ATOM   13  C  C4    . DC  A 1 1  ? 9.602   -13.983 -6.122  0.56 6.87  ? 1  DC  A C4    1 
ATOM   14  N  N4    . DC  A 1 1  ? 9.706   -13.419 -7.298  0.56 6.87  ? 1  DC  A N4    1 
ATOM   15  C  C5    . DC  A 1 1  ? 8.547   -14.742 -5.723  0.56 6.87  ? 1  DC  A C5    1 
ATOM   16  C  C6    . DC  A 1 1  ? 8.581   -15.246 -4.453  0.56 6.87  ? 1  DC  A C6    1 
ATOM   17  P  P     . DG  A 1 2  ? 9.445   -15.368 1.973   0.56 13.72 ? 2  DG  A P     1 
ATOM   18  O  OP1   . DG  A 1 2  ? 10.546  -16.288 2.231   0.56 13.72 ? 2  DG  A OP1   1 
ATOM   19  O  OP2   . DG  A 1 2  ? 8.266   -14.616 2.325   0.56 13.72 ? 2  DG  A OP2   1 
ATOM   20  O  "O5'" . DG  A 1 2  ? 10.226  -13.739 2.023   0.56 13.72 ? 2  DG  A "O5'" 1 
ATOM   21  C  "C5'" . DG  A 1 2  ? 11.643  -13.853 1.952   0.56 28.17 ? 2  DG  A "C5'" 1 
ATOM   22  C  "C4'" . DG  A 1 2  ? 12.242  -12.521 1.536   0.56 28.17 ? 2  DG  A "C4'" 1 
ATOM   23  O  "O4'" . DG  A 1 2  ? 12.000  -12.230 0.145   0.56 28.17 ? 2  DG  A "O4'" 1 
ATOM   24  C  "C3'" . DG  A 1 2  ? 11.501  -11.432 2.317   0.56 28.17 ? 2  DG  A "C3'" 1 
ATOM   25  O  "O3'" . DG  A 1 2  ? 12.435  -10.350 2.571   0.56 28.17 ? 2  DG  A "O3'" 1 
ATOM   26  C  "C2'" . DG  A 1 2  ? 10.402  -11.096 1.319   0.56 28.17 ? 2  DG  A "C2'" 1 
ATOM   27  C  "C1'" . DG  A 1 2  ? 11.095  -11.095 0.024   0.56 28.17 ? 2  DG  A "C1'" 1 
ATOM   28  N  N9    . DG  A 1 2  ? 10.242  -11.205 -1.148  0.56 2.00  ? 2  DG  A N9    1 
ATOM   29  C  C8    . DG  A 1 2  ? 9.083   -11.929 -1.313  0.56 2.00  ? 2  DG  A C8    1 
ATOM   30  N  N7    . DG  A 1 2  ? 8.531   -11.845 -2.504  0.56 2.00  ? 2  DG  A N7    1 
ATOM   31  C  C5    . DG  A 1 2  ? 9.445   -10.917 -3.151  0.56 2.00  ? 2  DG  A C5    1 
ATOM   32  C  C6    . DG  A 1 2  ? 9.457   -10.453 -4.468  0.56 2.00  ? 2  DG  A C6    1 
ATOM   33  O  O6    . DG  A 1 2  ? 8.614   -10.698 -5.340  0.56 2.00  ? 2  DG  A O6    1 
ATOM   34  N  N1    . DG  A 1 2  ? 10.476  -9.648  -4.809  0.56 2.00  ? 2  DG  A N1    1 
ATOM   35  C  C2    . DG  A 1 2  ? 11.455  -9.353  -3.925  0.56 2.00  ? 2  DG  A C2    1 
ATOM   36  N  N2    . DG  A 1 2  ? 12.407  -8.563  -4.471  0.56 2.00  ? 2  DG  A N2    1 
ATOM   37  N  N3    . DG  A 1 2  ? 11.530  -9.805  -2.677  0.56 2.00  ? 2  DG  A N3    1 
ATOM   38  C  C4    . DG  A 1 2  ? 10.514  -10.615 -2.389  0.56 2.00  ? 2  DG  A C4    1 
ATOM   39  P  P     . DC  A 1 3  ? 12.123  -9.374  3.889   0.56 28.50 ? 3  DC  A P     1 
ATOM   40  O  OP1   . DC  A 1 3  ? 12.734  -10.375 4.907   0.56 28.50 ? 3  DC  A OP1   1 
ATOM   41  O  OP2   . DC  A 1 3  ? 10.596  -9.407  3.839   0.56 28.50 ? 3  DC  A OP2   1 
ATOM   42  O  "O5'" . DC  A 1 3  ? 12.751  -8.210  3.354   0.56 28.50 ? 3  DC  A "O5'" 1 
ATOM   43  C  "C5'" . DC  A 1 3  ? 13.135  -7.921  1.986   0.56 2.00  ? 3  DC  A "C5'" 1 
ATOM   44  C  "C4'" . DC  A 1 3  ? 12.534  -6.785  1.269   0.56 2.00  ? 3  DC  A "C4'" 1 
ATOM   45  O  "O4'" . DC  A 1 3  ? 11.751  -7.051  0.133   0.56 2.00  ? 3  DC  A "O4'" 1 
ATOM   46  C  "C3'" . DC  A 1 3  ? 11.718  -5.756  2.030   0.56 2.00  ? 3  DC  A "C3'" 1 
ATOM   47  O  "O3'" . DC  A 1 3  ? 12.181  -4.411  1.866   0.56 2.00  ? 3  DC  A "O3'" 1 
ATOM   48  C  "C2'" . DC  A 1 3  ? 10.372  -5.827  1.300   0.56 2.00  ? 3  DC  A "C2'" 1 
ATOM   49  C  "C1'" . DC  A 1 3  ? 10.707  -6.139  -0.103  0.56 2.00  ? 3  DC  A "C1'" 1 
ATOM   50  N  N1    . DC  A 1 3  ? 9.604   -6.874  -0.660  0.56 2.00  ? 3  DC  A N1    1 
ATOM   51  C  C2    . DC  A 1 3  ? 9.368   -6.845  -2.004  0.56 2.00  ? 3  DC  A C2    1 
ATOM   52  O  O2    . DC  A 1 3  ? 10.030  -6.219  -2.830  0.56 2.00  ? 3  DC  A O2    1 
ATOM   53  N  N3    . DC  A 1 3  ? 8.233   -7.461  -2.444  0.56 2.00  ? 3  DC  A N3    1 
ATOM   54  C  C4    . DC  A 1 3  ? 7.510   -8.281  -1.678  0.56 2.00  ? 3  DC  A C4    1 
ATOM   55  N  N4    . DC  A 1 3  ? 6.502   -8.949  -2.214  0.56 2.00  ? 3  DC  A N4    1 
ATOM   56  C  C5    . DC  A 1 3  ? 7.749   -8.315  -0.277  0.56 2.00  ? 3  DC  A C5    1 
ATOM   57  C  C6    . DC  A 1 3  ? 8.781   -7.604  0.170   0.56 2.00  ? 3  DC  A C6    1 
ATOM   58  P  P     . DA  A 1 4  ? 12.099  -3.310  3.076   0.56 3.62  ? 4  DA  A P     1 
ATOM   59  O  OP1   . DA  A 1 4  ? 13.556  -3.143  3.441   0.56 3.62  ? 4  DA  A OP1   1 
ATOM   60  O  OP2   . DA  A 1 4  ? 10.693  -3.518  3.593   0.56 3.62  ? 4  DA  A OP2   1 
ATOM   61  O  "O5'" . DA  A 1 4  ? 11.996  -2.009  1.798   0.56 3.62  ? 4  DA  A "O5'" 1 
ATOM   62  C  "C5'" . DA  A 1 4  ? 13.182  -2.064  0.972   0.56 10.83 ? 4  DA  A "C5'" 1 
ATOM   63  C  "C4'" . DA  A 1 4  ? 12.854  -1.398  -0.368  0.56 10.83 ? 4  DA  A "C4'" 1 
ATOM   64  O  "O4'" . DA  A 1 4  ? 11.879  -2.134  -1.130  0.56 10.83 ? 4  DA  A "O4'" 1 
ATOM   65  C  "C3'" . DA  A 1 4  ? 12.129  -0.081  -0.091  0.56 10.83 ? 4  DA  A "C3'" 1 
ATOM   66  O  "O3'" . DA  A 1 4  ? 12.406  0.768   -1.241  0.56 10.83 ? 4  DA  A "O3'" 1 
ATOM   67  C  "C2'" . DA  A 1 4  ? 10.646  -0.462  -0.041  0.56 10.83 ? 4  DA  A "C2'" 1 
ATOM   68  C  "C1'" . DA  A 1 4  ? 10.606  -1.477  -1.188  0.56 10.83 ? 4  DA  A "C1'" 1 
ATOM   69  N  N9    . DA  A 1 4  ? 9.535   -2.423  -0.908  0.56 2.00  ? 4  DA  A N9    1 
ATOM   70  C  C8    . DA  A 1 4  ? 9.113   -2.807  0.351   0.56 2.00  ? 4  DA  A C8    1 
ATOM   71  N  N7    . DA  A 1 4  ? 8.082   -3.628  0.313   0.56 2.00  ? 4  DA  A N7    1 
ATOM   72  C  C5    . DA  A 1 4  ? 7.806   -3.760  -1.075  0.56 2.00  ? 4  DA  A C5    1 
ATOM   73  C  C6    . DA  A 1 4  ? 6.824   -4.520  -1.728  0.56 2.00  ? 4  DA  A C6    1 
ATOM   74  N  N6    . DA  A 1 4  ? 5.880   -5.263  -1.095  0.56 2.00  ? 4  DA  A N6    1 
ATOM   75  N  N1    . DA  A 1 4  ? 6.813   -4.284  -3.055  0.56 2.00  ? 4  DA  A N1    1 
ATOM   76  C  C2    . DA  A 1 4  ? 7.721   -3.495  -3.696  0.56 2.00  ? 4  DA  A C2    1 
ATOM   77  N  N3    . DA  A 1 4  ? 8.685   -2.739  -3.158  0.56 2.00  ? 4  DA  A N3    1 
ATOM   78  C  C4    . DA  A 1 4  ? 8.663   -2.990  -1.810  0.56 2.00  ? 4  DA  A C4    1 
ATOM   79  P  P     . DA  A 1 5  ? 11.772  2.251   -1.328  0.56 11.78 ? 5  DA  A P     1 
ATOM   80  O  OP1   . DA  A 1 5  ? 12.752  3.093   -0.657  0.56 11.78 ? 5  DA  A OP1   1 
ATOM   81  O  OP2   . DA  A 1 5  ? 10.476  2.211   -0.749  0.56 11.78 ? 5  DA  A OP2   1 
ATOM   82  O  "O5'" . DA  A 1 5  ? 11.731  2.307   -2.947  0.56 11.78 ? 5  DA  A "O5'" 1 
ATOM   83  C  "C5'" . DA  A 1 5  ? 11.012  1.191   -3.607  0.56 41.00 ? 5  DA  A "C5'" 1 
ATOM   84  C  "C4'" . DA  A 1 5  ? 9.677   1.660   -4.221  0.56 41.00 ? 5  DA  A "C4'" 1 
ATOM   85  O  "O4'" . DA  A 1 5  ? 8.600   0.751   -3.979  0.56 41.00 ? 5  DA  A "O4'" 1 
ATOM   86  C  "C3'" . DA  A 1 5  ? 9.072   2.949   -3.687  0.56 41.00 ? 5  DA  A "C3'" 1 
ATOM   87  O  "O3'" . DA  A 1 5  ? 8.268   3.513   -4.742  0.56 41.00 ? 5  DA  A "O3'" 1 
ATOM   88  C  "C2'" . DA  A 1 5  ? 8.094   2.489   -2.632  0.56 41.00 ? 5  DA  A "C2'" 1 
ATOM   89  C  "C1'" . DA  A 1 5  ? 7.481   1.295   -3.339  0.56 41.00 ? 5  DA  A "C1'" 1 
ATOM   90  N  N9    . DA  A 1 5  ? 6.792   0.460   -2.368  0.56 11.20 ? 5  DA  A N9    1 
ATOM   91  C  C8    . DA  A 1 5  ? 6.921   0.386   -1.013  0.56 11.20 ? 5  DA  A C8    1 
ATOM   92  N  N7    . DA  A 1 5  ? 6.059   -0.466  -0.424  0.56 11.20 ? 5  DA  A N7    1 
ATOM   93  C  C5    . DA  A 1 5  ? 5.387   -0.997  -1.532  0.56 11.20 ? 5  DA  A C5    1 
ATOM   94  C  C6    . DA  A 1 5  ? 4.452   -2.024  -1.570  0.56 11.20 ? 5  DA  A C6    1 
ATOM   95  N  N6    . DA  A 1 5  ? 3.953   -2.680  -0.509  0.56 11.20 ? 5  DA  A N6    1 
ATOM   96  N  N1    . DA  A 1 5  ? 3.899   -2.307  -2.812  0.56 11.20 ? 5  DA  A N1    1 
ATOM   97  C  C2    . DA  A 1 5  ? 4.424   -1.612  -3.845  0.56 11.20 ? 5  DA  A C2    1 
ATOM   98  N  N3    . DA  A 1 5  ? 5.396   -0.698  -3.964  0.56 11.20 ? 5  DA  A N3    1 
ATOM   99  C  C4    . DA  A 1 5  ? 5.832   -0.484  -2.699  0.56 11.20 ? 5  DA  A C4    1 
ATOM   100 P  P     . DA  A 1 6  ? 7.589   4.964   -4.819  0.56 28.05 ? 6  DA  A P     1 
ATOM   101 O  OP1   . DA  A 1 6  ? 8.777   5.703   -5.647  0.56 28.05 ? 6  DA  A OP1   1 
ATOM   102 O  OP2   . DA  A 1 6  ? 6.728   5.084   -3.664  0.56 28.05 ? 6  DA  A OP2   1 
ATOM   103 O  "O5'" . DA  A 1 6  ? 6.718   4.728   -6.207  0.56 28.05 ? 6  DA  A "O5'" 1 
ATOM   104 C  "C5'" . DA  A 1 6  ? 6.554   3.369   -6.674  0.56 6.25  ? 6  DA  A "C5'" 1 
ATOM   105 C  "C4'" . DA  A 1 6  ? 5.131   2.937   -6.895  0.56 6.25  ? 6  DA  A "C4'" 1 
ATOM   106 O  "O4'" . DA  A 1 6  ? 4.598   2.138   -5.828  0.56 6.25  ? 6  DA  A "O4'" 1 
ATOM   107 C  "C3'" . DA  A 1 6  ? 4.110   4.059   -6.937  0.56 6.25  ? 6  DA  A "C3'" 1 
ATOM   108 O  "O3'" . DA  A 1 6  ? 3.070   3.619   -7.811  0.56 6.25  ? 6  DA  A "O3'" 1 
ATOM   109 C  "C2'" . DA  A 1 6  ? 3.560   4.114   -5.527  0.56 6.25  ? 6  DA  A "C2'" 1 
ATOM   110 C  "C1'" . DA  A 1 6  ? 3.463   2.632   -5.202  0.56 6.25  ? 6  DA  A "C1'" 1 
ATOM   111 N  N9    . DA  A 1 6  ? 3.460   2.364   -3.769  0.56 2.00  ? 6  DA  A N9    1 
ATOM   112 C  C8    . DA  A 1 6  ? 4.147   2.974   -2.759  0.56 2.00  ? 6  DA  A C8    1 
ATOM   113 N  N7    . DA  A 1 6  ? 3.883   2.520   -1.529  0.56 2.00  ? 6  DA  A N7    1 
ATOM   114 C  C5    . DA  A 1 6  ? 3.007   1.461   -1.805  0.56 2.00  ? 6  DA  A C5    1 
ATOM   115 C  C6    . DA  A 1 6  ? 2.354   0.630   -0.925  0.56 2.00  ? 6  DA  A C6    1 
ATOM   116 N  N6    . DA  A 1 6  ? 2.496   0.558   0.402   0.56 2.00  ? 6  DA  A N6    1 
ATOM   117 N  N1    . DA  A 1 6  ? 1.466   -0.252  -1.537  0.56 2.00  ? 6  DA  A N1    1 
ATOM   118 C  C2    . DA  A 1 6  ? 1.335   -0.175  -2.889  0.56 2.00  ? 6  DA  A C2    1 
ATOM   119 N  N3    . DA  A 1 6  ? 1.889   0.614   -3.789  0.56 2.00  ? 6  DA  A N3    1 
ATOM   120 C  C4    . DA  A 1 6  ? 2.730   1.392   -3.151  0.56 2.00  ? 6  DA  A C4    1 
ATOM   121 P  P     . DA  A 1 7  ? 1.900   4.616   -8.251  0.56 2.00  ? 7  DA  A P     1 
ATOM   122 O  OP1   . DA  A 1 7  ? 1.733   4.821   -9.670  0.56 2.00  ? 7  DA  A OP1   1 
ATOM   123 O  OP2   . DA  A 1 7  ? 1.815   5.882   -7.475  0.56 2.00  ? 7  DA  A OP2   1 
ATOM   124 O  "O5'" . DA  A 1 7  ? 0.588   3.901   -7.617  0.56 2.00  ? 7  DA  A "O5'" 1 
ATOM   125 C  "C5'" . DA  A 1 7  ? 0.117   2.668   -8.256  0.56 7.82  ? 7  DA  A "C5'" 1 
ATOM   126 C  "C4'" . DA  A 1 7  ? -1.060  2.060   -7.537  0.56 7.82  ? 7  DA  A "C4'" 1 
ATOM   127 O  "O4'" . DA  A 1 7  ? -0.814  1.763   -6.149  0.56 7.82  ? 7  DA  A "O4'" 1 
ATOM   128 C  "C3'" . DA  A 1 7  ? -2.265  2.977   -7.483  0.56 7.82  ? 7  DA  A "C3'" 1 
ATOM   129 O  "O3'" . DA  A 1 7  ? -3.392  2.161   -7.696  0.56 7.82  ? 7  DA  A "O3'" 1 
ATOM   130 C  "C2'" . DA  A 1 7  ? -2.210  3.586   -6.067  0.56 7.82  ? 7  DA  A "C2'" 1 
ATOM   131 C  "C1'" . DA  A 1 7  ? -1.712  2.396   -5.260  0.56 7.82  ? 7  DA  A "C1'" 1 
ATOM   132 N  N9    . DA  A 1 7  ? -1.029  2.759   -4.003  0.56 8.89  ? 7  DA  A N9    1 
ATOM   133 C  C8    . DA  A 1 7  ? -0.275  3.784   -3.638  0.56 8.89  ? 7  DA  A C8    1 
ATOM   134 N  N7    . DA  A 1 7  ? 0.134   3.831   -2.362  0.56 8.89  ? 7  DA  A N7    1 
ATOM   135 C  C5    . DA  A 1 7  ? -0.523  2.697   -1.864  0.56 8.89  ? 7  DA  A C5    1 
ATOM   136 C  C6    . DA  A 1 7  ? -0.505  2.157   -0.584  0.56 8.89  ? 7  DA  A C6    1 
ATOM   137 N  N6    . DA  A 1 7  ? 0.151   2.733   0.420   0.56 8.89  ? 7  DA  A N6    1 
ATOM   138 N  N1    . DA  A 1 7  ? -1.357  1.119   -0.313  0.56 8.89  ? 7  DA  A N1    1 
ATOM   139 C  C2    . DA  A 1 7  ? -2.069  0.560   -1.373  0.56 8.89  ? 7  DA  A C2    1 
ATOM   140 N  N3    . DA  A 1 7  ? -2.109  0.982   -2.669  0.56 8.89  ? 7  DA  A N3    1 
ATOM   141 C  C4    . DA  A 1 7  ? -1.277  2.076   -2.815  0.56 8.89  ? 7  DA  A C4    1 
ATOM   142 P  P     . DA  A 1 8  ? -4.699  2.775   -8.525  0.56 18.26 ? 8  DA  A P     1 
ATOM   143 O  OP1   . DA  A 1 8  ? -4.828  1.838   -9.627  0.56 18.26 ? 8  DA  A OP1   1 
ATOM   144 O  OP2   . DA  A 1 8  ? -4.567  4.204   -8.323  0.56 18.26 ? 8  DA  A OP2   1 
ATOM   145 O  "O5'" . DA  A 1 8  ? -5.761  2.450   -7.261  0.56 18.26 ? 8  DA  A "O5'" 1 
ATOM   146 C  "C5'" . DA  A 1 8  ? -5.564  1.053   -6.821  0.56 2.00  ? 8  DA  A "C5'" 1 
ATOM   147 C  "C4'" . DA  A 1 8  ? -6.257  0.820   -5.480  0.56 2.00  ? 8  DA  A "C4'" 1 
ATOM   148 O  "O4'" . DA  A 1 8  ? -5.508  1.194   -4.318  0.56 2.00  ? 8  DA  A "O4'" 1 
ATOM   149 C  "C3'" . DA  A 1 8  ? -7.613  1.522   -5.249  0.56 2.00  ? 8  DA  A "C3'" 1 
ATOM   150 O  "O3'" . DA  A 1 8  ? -8.573  0.672   -4.607  0.56 2.00  ? 8  DA  A "O3'" 1 
ATOM   151 C  "C2'" . DA  A 1 8  ? -7.269  2.714   -4.352  0.56 2.00  ? 8  DA  A "C2'" 1 
ATOM   152 C  "C1'" . DA  A 1 8  ? -6.200  2.080   -3.469  0.56 2.00  ? 8  DA  A "C1'" 1 
ATOM   153 N  N9    . DA  A 1 8  ? -5.247  3.017   -2.871  0.56 6.39  ? 8  DA  A N9    1 
ATOM   154 C  C8    . DA  A 1 8  ? -4.665  4.157   -3.388  0.56 6.39  ? 8  DA  A C8    1 
ATOM   155 N  N7    . DA  A 1 8  ? -3.908  4.754   -2.490  0.56 6.39  ? 8  DA  A N7    1 
ATOM   156 C  C5    . DA  A 1 8  ? -4.050  3.970   -1.308  0.56 6.39  ? 8  DA  A C5    1 
ATOM   157 C  C6    . DA  A 1 8  ? -3.517  4.108   -0.028  0.56 6.39  ? 8  DA  A C6    1 
ATOM   158 N  N6    . DA  A 1 8  ? -2.594  4.979   0.355   0.56 6.39  ? 8  DA  A N6    1 
ATOM   159 N  N1    . DA  A 1 8  ? -3.827  3.182   0.946   0.56 6.39  ? 8  DA  A N1    1 
ATOM   160 C  C2    . DA  A 1 8  ? -4.727  2.128   0.645   0.56 6.39  ? 8  DA  A C2    1 
ATOM   161 N  N3    . DA  A 1 8  ? -5.249  1.989   -0.621  0.56 6.39  ? 8  DA  A N3    1 
ATOM   162 C  C4    . DA  A 1 8  ? -4.873  2.906   -1.529  0.56 6.39  ? 8  DA  A C4    1 
ATOM   163 P  P     . DT  A 1 9  ? -10.127 0.944   -4.283  0.56 15.43 ? 9  DT  A P     1 
ATOM   164 O  OP1   . DT  A 1 9  ? -11.146 0.764   -5.292  0.56 15.43 ? 9  DT  A OP1   1 
ATOM   165 O  OP2   . DT  A 1 9  ? -10.315 2.616   -4.506  0.56 15.43 ? 9  DT  A OP2   1 
ATOM   166 O  "O5'" . DT  A 1 9  ? -10.098 0.925   -2.644  0.56 15.43 ? 9  DT  A "O5'" 1 
ATOM   167 C  "C5'" . DT  A 1 9  ? -9.426  -0.299  -2.063  0.56 2.00  ? 9  DT  A "C5'" 1 
ATOM   168 C  "C4'" . DT  A 1 9  ? -9.750  -0.216  -0.564  0.56 2.00  ? 9  DT  A "C4'" 1 
ATOM   169 O  "O4'" . DT  A 1 9  ? -8.791  0.634   0.064   0.56 2.00  ? 9  DT  A "O4'" 1 
ATOM   170 C  "C3'" . DT  A 1 9  ? -10.996 0.507   -0.240  0.56 2.00  ? 9  DT  A "C3'" 1 
ATOM   171 O  "O3'" . DT  A 1 9  ? -11.412 0.061   1.045   0.56 2.00  ? 9  DT  A "O3'" 1 
ATOM   172 C  "C2'" . DT  A 1 9  ? -10.603 2.004   -0.019  0.56 2.00  ? 9  DT  A "C2'" 1 
ATOM   173 C  "C1'" . DT  A 1 9  ? -9.292  1.809   0.698   0.56 2.00  ? 9  DT  A "C1'" 1 
ATOM   174 N  N1    . DT  A 1 9  ? -8.424  2.981   0.540   0.56 7.20  ? 9  DT  A N1    1 
ATOM   175 C  C2    . DT  A 1 9  ? -7.696  3.338   1.660   0.56 7.20  ? 9  DT  A C2    1 
ATOM   176 O  O2    . DT  A 1 9  ? -7.754  2.625   2.658   0.56 7.20  ? 9  DT  A O2    1 
ATOM   177 N  N3    . DT  A 1 9  ? -6.915  4.451   1.620   0.56 7.20  ? 9  DT  A N3    1 
ATOM   178 C  C4    . DT  A 1 9  ? -6.954  5.290   0.554   0.56 7.20  ? 9  DT  A C4    1 
ATOM   179 O  O4    . DT  A 1 9  ? -6.211  6.314   0.533   0.56 7.20  ? 9  DT  A O4    1 
ATOM   180 C  C5    . DT  A 1 9  ? -7.762  4.940   -0.579  0.56 7.20  ? 9  DT  A C5    1 
ATOM   181 C  C7    . DT  A 1 9  ? -7.689  5.877   -1.764  0.56 7.20  ? 9  DT  A C7    1 
ATOM   182 C  C6    . DT  A 1 9  ? -8.415  3.788   -0.573  0.56 7.20  ? 9  DT  A C6    1 
ATOM   183 P  P     . DG  A 1 10 ? -12.959 -0.478  1.064   0.56 13.27 ? 10 DG  A P     1 
ATOM   184 O  OP1   . DG  A 1 10 ? -12.906 -1.861  1.216   0.56 13.27 ? 10 DG  A OP1   1 
ATOM   185 O  OP2   . DG  A 1 10 ? -13.831 0.584   0.470   0.56 13.27 ? 10 DG  A OP2   1 
ATOM   186 O  "O5'" . DG  A 1 10 ? -13.228 0.706   2.470   0.56 13.27 ? 10 DG  A "O5'" 1 
ATOM   187 C  "C5'" . DG  A 1 10 ? -12.375 0.078   3.458   0.56 23.16 ? 10 DG  A "C5'" 1 
ATOM   188 C  "C4'" . DG  A 1 10 ? -12.097 1.114   4.568   0.56 23.16 ? 10 DG  A "C4'" 1 
ATOM   189 O  "O4'" . DG  A 1 10 ? -11.185 2.118   4.141   0.56 23.16 ? 10 DG  A "O4'" 1 
ATOM   190 C  "C3'" . DG  A 1 10 ? -13.275 1.925   5.138   0.56 23.16 ? 10 DG  A "C3'" 1 
ATOM   191 O  "O3'" . DG  A 1 10 ? -12.954 2.148   6.541   0.56 23.16 ? 10 DG  A "O3'" 1 
ATOM   192 C  "C2'" . DG  A 1 10 ? -13.232 3.283   4.456   0.56 23.16 ? 10 DG  A "C2'" 1 
ATOM   193 C  "C1'" . DG  A 1 10 ? -11.723 3.431   4.384   0.56 23.16 ? 10 DG  A "C1'" 1 
ATOM   194 N  N9    . DG  A 1 10 ? -11.348 4.422   3.363   0.56 2.07  ? 10 DG  A N9    1 
ATOM   195 C  C8    . DG  A 1 10 ? -11.801 4.665   2.112   0.56 2.07  ? 10 DG  A C8    1 
ATOM   196 N  N7    . DG  A 1 10 ? -11.191 5.646   1.461   0.56 2.07  ? 10 DG  A N7    1 
ATOM   197 C  C5    . DG  A 1 10 ? -10.210 6.048   2.390   0.56 2.07  ? 10 DG  A C5    1 
ATOM   198 C  C6    . DG  A 1 10 ? -9.319  7.134   2.346   0.56 2.07  ? 10 DG  A C6    1 
ATOM   199 O  O6    . DG  A 1 10 ? -9.201  7.871   1.301   0.56 2.07  ? 10 DG  A O6    1 
ATOM   200 N  N1    . DG  A 1 10 ? -8.558  7.193   3.501   0.56 2.07  ? 10 DG  A N1    1 
ATOM   201 C  C2    . DG  A 1 10 ? -8.655  6.363   4.525   0.56 2.07  ? 10 DG  A C2    1 
ATOM   202 N  N2    . DG  A 1 10 ? -7.865  6.516   5.594   0.56 2.07  ? 10 DG  A N2    1 
ATOM   203 N  N3    . DG  A 1 10 ? -9.549  5.380   4.659   0.56 2.07  ? 10 DG  A N3    1 
ATOM   204 C  C4    . DG  A 1 10 ? -10.304 5.318   3.539   0.56 2.07  ? 10 DG  A C4    1 
ATOM   205 P  P     . DC  A 1 11 ? -13.897 1.297   7.615   0.56 26.20 ? 11 DC  A P     1 
ATOM   206 O  OP1   . DC  A 1 11 ? -13.337 -0.114  7.185   0.56 26.20 ? 11 DC  A OP1   1 
ATOM   207 O  OP2   . DC  A 1 11 ? -15.250 1.903   7.407   0.56 26.20 ? 11 DC  A OP2   1 
ATOM   208 O  "O5'" . DC  A 1 11 ? -13.017 1.826   8.949   0.56 26.20 ? 11 DC  A "O5'" 1 
ATOM   209 C  "C5'" . DC  A 1 11 ? -11.638 1.308   9.034   0.56 30.19 ? 11 DC  A "C5'" 1 
ATOM   210 C  "C4'" . DC  A 1 11 ? -10.860 2.312   9.896   0.56 30.19 ? 11 DC  A "C4'" 1 
ATOM   211 O  "O4'" . DC  A 1 11 ? -10.525 3.456   9.073   0.56 30.19 ? 11 DC  A "O4'" 1 
ATOM   212 C  "C3'" . DC  A 1 11 ? -11.569 2.985   11.063  0.56 30.19 ? 11 DC  A "C3'" 1 
ATOM   213 O  "O3'" . DC  A 1 11 ? -10.547 3.171   12.031  0.56 30.19 ? 11 DC  A "O3'" 1 
ATOM   214 C  "C2'" . DC  A 1 11 ? -12.080 4.284   10.494  0.56 30.19 ? 11 DC  A "C2'" 1 
ATOM   215 C  "C1'" . DC  A 1 11 ? -10.972 4.712   9.561   0.56 30.19 ? 11 DC  A "C1'" 1 
ATOM   216 N  N1    . DC  A 1 11 ? -11.419 5.533   8.420   0.56 17.28 ? 11 DC  A N1    1 
ATOM   217 C  C2    . DC  A 1 11 ? -10.660 6.622   8.042   0.56 17.28 ? 11 DC  A C2    1 
ATOM   218 O  O2    . DC  A 1 11 ? -9.652  7.000   8.680   0.56 17.28 ? 11 DC  A O2    1 
ATOM   219 N  N3    . DC  A 1 11 ? -11.036 7.391   6.975   0.56 17.28 ? 11 DC  A N3    1 
ATOM   220 C  C4    . DC  A 1 11 ? -12.158 7.065   6.318   0.56 17.28 ? 11 DC  A C4    1 
ATOM   221 N  N4    . DC  A 1 11 ? -12.509 7.769   5.261   0.56 17.28 ? 11 DC  A N4    1 
ATOM   222 C  C5    . DC  A 1 11 ? -12.940 5.971   6.707   0.56 17.28 ? 11 DC  A C5    1 
ATOM   223 C  C6    . DC  A 1 11 ? -12.549 5.242   7.763   0.56 17.28 ? 11 DC  A C6    1 
ATOM   224 P  P     . DG  A 1 12 ? -11.058 3.135   13.551  0.56 17.14 ? 12 DG  A P     1 
ATOM   225 O  OP1   . DG  A 1 12 ? -9.732  3.006   14.447  0.56 17.14 ? 12 DG  A OP1   1 
ATOM   226 O  OP2   . DG  A 1 12 ? -12.403 2.907   13.682  0.56 17.14 ? 12 DG  A OP2   1 
ATOM   227 O  "O5'" . DG  A 1 12 ? -11.345 4.908   13.586  0.56 17.14 ? 12 DG  A "O5'" 1 
ATOM   228 C  "C5'" . DG  A 1 12 ? -10.149 5.654   13.385  0.56 7.20  ? 12 DG  A "C5'" 1 
ATOM   229 C  "C4'" . DG  A 1 12 ? -10.535 7.100   13.617  0.56 7.20  ? 12 DG  A "C4'" 1 
ATOM   230 O  "O4'" . DG  A 1 12 ? -10.969 7.809   12.450  0.56 7.20  ? 12 DG  A "O4'" 1 
ATOM   231 C  "C3'" . DG  A 1 12 ? -11.682 7.319   14.647  0.56 7.20  ? 12 DG  A "C3'" 1 
ATOM   232 O  "O3'" . DG  A 1 12 ? -11.280 8.257   15.644  0.56 7.20  ? 12 DG  A "O3'" 1 
ATOM   233 C  "C2'" . DG  A 1 12 ? -12.871 7.738   13.754  0.56 7.20  ? 12 DG  A "C2'" 1 
ATOM   234 C  "C1'" . DG  A 1 12 ? -12.218 8.494   12.641  0.56 7.20  ? 12 DG  A "C1'" 1 
ATOM   235 N  N9    . DG  A 1 12 ? -12.939 8.485   11.375  0.56 21.64 ? 12 DG  A N9    1 
ATOM   236 C  C8    . DG  A 1 12 ? -14.021 7.752   11.022  0.56 21.64 ? 12 DG  A C8    1 
ATOM   237 N  N7    . DG  A 1 12 ? -14.635 8.022   9.887   0.56 21.64 ? 12 DG  A N7    1 
ATOM   238 C  C5    . DG  A 1 12 ? -13.771 9.034   9.424   0.56 21.64 ? 12 DG  A C5    1 
ATOM   239 C  C6    . DG  A 1 12 ? -13.777 9.676   8.153   0.56 21.64 ? 12 DG  A C6    1 
ATOM   240 O  O6    . DG  A 1 12 ? -14.588 9.454   7.290   0.56 21.64 ? 12 DG  A O6    1 
ATOM   241 N  N1    . DG  A 1 12 ? -12.892 10.673  8.061   0.56 21.64 ? 12 DG  A N1    1 
ATOM   242 C  C2    . DG  A 1 12 ? -11.978 10.981  9.001   0.56 21.64 ? 12 DG  A C2    1 
ATOM   243 N  N2    . DG  A 1 12 ? -11.192 11.929  8.527   0.56 21.64 ? 12 DG  A N2    1 
ATOM   244 N  N3    . DG  A 1 12 ? -11.859 10.371  10.191  0.56 21.64 ? 12 DG  A N3    1 
ATOM   245 C  C4    . DG  A 1 12 ? -12.772 9.376   10.321  0.56 21.64 ? 12 DG  A C4    1 
ATOM   246 O  "O5'" . DC  B 2 1  ? -13.055 17.855  1.651   0.56 60.00 ? 13 DC  B "O5'" 1 
ATOM   247 C  "C5'" . DC  B 2 1  ? -12.857 18.024  3.076   0.56 2.45  ? 13 DC  B "C5'" 1 
ATOM   248 C  "C4'" . DC  B 2 1  ? -11.546 17.385  3.586   0.56 2.45  ? 13 DC  B "C4'" 1 
ATOM   249 O  "O4'" . DC  B 2 1  ? -11.866 16.349  4.560   0.56 2.45  ? 13 DC  B "O4'" 1 
ATOM   250 C  "C3'" . DC  B 2 1  ? -10.697 16.720  2.549   0.56 2.45  ? 13 DC  B "C3'" 1 
ATOM   251 O  "O3'" . DC  B 2 1  ? -9.333  16.708  3.039   0.56 2.45  ? 13 DC  B "O3'" 1 
ATOM   252 C  "C2'" . DC  B 2 1  ? -11.213 15.294  2.584   0.56 2.45  ? 13 DC  B "C2'" 1 
ATOM   253 C  "C1'" . DC  B 2 1  ? -11.358 15.116  4.079   0.56 2.45  ? 13 DC  B "C1'" 1 
ATOM   254 N  N1    . DC  B 2 1  ? -12.198 13.960  4.286   0.56 21.62 ? 13 DC  B N1    1 
ATOM   255 C  C2    . DC  B 2 1  ? -11.939 13.164  5.405   0.56 21.62 ? 13 DC  B C2    1 
ATOM   256 O  O2    . DC  B 2 1  ? -11.141 13.495  6.220   0.56 21.62 ? 13 DC  B O2    1 
ATOM   257 N  N3    . DC  B 2 1  ? -12.618 11.999  5.585   0.56 21.62 ? 13 DC  B N3    1 
ATOM   258 C  C4    . DC  B 2 1  ? -13.566 11.668  4.633   0.56 21.62 ? 13 DC  B C4    1 
ATOM   259 N  N4    . DC  B 2 1  ? -14.187 10.516  4.836   0.56 21.62 ? 13 DC  B N4    1 
ATOM   260 C  C5    . DC  B 2 1  ? -13.805 12.430  3.455   0.56 21.62 ? 13 DC  B C5    1 
ATOM   261 C  C6    . DC  B 2 1  ? -13.097 13.567  3.349   0.56 21.62 ? 13 DC  B C6    1 
ATOM   262 P  P     . DG  B 2 2  ? -8.112  17.138  2.050   0.56 11.10 ? 14 DG  B P     1 
ATOM   263 O  OP1   . DG  B 2 2  ? -8.025  18.561  2.292   0.56 11.10 ? 14 DG  B OP1   1 
ATOM   264 O  OP2   . DG  B 2 2  ? -8.119  16.147  1.063   0.56 11.10 ? 14 DG  B OP2   1 
ATOM   265 O  "O5'" . DG  B 2 2  ? -6.938  16.719  3.272   0.56 11.10 ? 14 DG  B "O5'" 1 
ATOM   266 C  "C5'" . DG  B 2 2  ? -7.262  17.199  4.648   0.56 4.05  ? 14 DG  B "C5'" 1 
ATOM   267 C  "C4'" . DG  B 2 2  ? -6.602  16.398  5.743   0.56 4.05  ? 14 DG  B "C4'" 1 
ATOM   268 O  "O4'" . DG  B 2 2  ? -7.441  15.305  6.187   0.56 4.05  ? 14 DG  B "O4'" 1 
ATOM   269 C  "C3'" . DG  B 2 2  ? -5.259  15.710  5.455   0.56 4.05  ? 14 DG  B "C3'" 1 
ATOM   270 O  "O3'" . DG  B 2 2  ? -4.436  15.651  6.645   0.56 4.05  ? 14 DG  B "O3'" 1 
ATOM   271 C  "C2'" . DG  B 2 2  ? -5.635  14.286  5.081   0.56 4.05  ? 14 DG  B "C2'" 1 
ATOM   272 C  "C1'" . DG  B 2 2  ? -6.782  14.047  6.060   0.56 4.05  ? 14 DG  B "C1'" 1 
ATOM   273 N  N9    . DG  B 2 2  ? -7.724  13.123  5.377   0.56 8.42  ? 14 DG  B N9    1 
ATOM   274 C  C8    . DG  B 2 2  ? -8.213  13.320  4.098   0.56 8.42  ? 14 DG  B C8    1 
ATOM   275 N  N7    . DG  B 2 2  ? -9.038  12.353  3.713   0.56 8.42  ? 14 DG  B N7    1 
ATOM   276 C  C5    . DG  B 2 2  ? -9.135  11.518  4.872   0.56 8.42  ? 14 DG  B C5    1 
ATOM   277 C  C6    . DG  B 2 2  ? -9.764  10.277  5.068   0.56 8.42  ? 14 DG  B C6    1 
ATOM   278 O  O6    . DG  B 2 2  ? -10.566 9.628   4.339   0.56 8.42  ? 14 DG  B O6    1 
ATOM   279 N  N1    . DG  B 2 2  ? -9.495  9.704   6.278   0.56 8.42  ? 14 DG  B N1    1 
ATOM   280 C  C2    . DG  B 2 2  ? -8.667  10.269  7.191   0.56 8.42  ? 14 DG  B C2    1 
ATOM   281 N  N2    . DG  B 2 2  ? -8.534  9.621   8.349   0.56 8.42  ? 14 DG  B N2    1 
ATOM   282 N  N3    . DG  B 2 2  ? -8.041  11.422  7.054   0.56 8.42  ? 14 DG  B N3    1 
ATOM   283 C  C4    . DG  B 2 2  ? -8.310  11.976  5.857   0.56 8.42  ? 14 DG  B C4    1 
ATOM   284 P  P     . DC  B 2 3  ? -2.836  15.440  6.367   0.56 21.42 ? 15 DC  B P     1 
ATOM   285 O  OP1   . DC  B 2 3  ? -2.206  16.403  7.293   0.56 21.42 ? 15 DC  B OP1   1 
ATOM   286 O  OP2   . DC  B 2 3  ? -2.654  15.739  4.972   0.56 21.42 ? 15 DC  B OP2   1 
ATOM   287 O  "O5'" . DC  B 2 3  ? -2.733  13.941  6.745   0.56 21.42 ? 15 DC  B "O5'" 1 
ATOM   288 C  "C5'" . DC  B 2 3  ? -2.971  13.483  8.110   0.56 2.00  ? 15 DC  B "C5'" 1 
ATOM   289 C  "C4'" . DC  B 2 3  ? -3.232  12.014  8.024   0.56 2.00  ? 15 DC  B "C4'" 1 
ATOM   290 O  "O4'" . DC  B 2 3  ? -4.213  11.810  7.013   0.56 2.00  ? 15 DC  B "O4'" 1 
ATOM   291 C  "C3'" . DC  B 2 3  ? -2.123  11.109  7.546   0.56 2.00  ? 15 DC  B "C3'" 1 
ATOM   292 O  "O3'" . DC  B 2 3  ? -1.608  10.187  8.431   0.56 2.00  ? 15 DC  B "O3'" 1 
ATOM   293 C  "C2'" . DC  B 2 3  ? -2.775  10.194  6.446   0.56 2.00  ? 15 DC  B "C2'" 1 
ATOM   294 C  "C1'" . DC  B 2 3  ? -4.225  10.434  6.631   0.56 2.00  ? 15 DC  B "C1'" 1 
ATOM   295 N  N1    . DC  B 2 3  ? -4.994  10.186  5.415   0.56 2.00  ? 15 DC  B N1    1 
ATOM   296 C  C2    . DC  B 2 3  ? -5.916  9.184   5.339   0.56 2.00  ? 15 DC  B C2    1 
ATOM   297 O  O2    . DC  B 2 3  ? -6.143  8.554   6.361   0.56 2.00  ? 15 DC  B O2    1 
ATOM   298 N  N3    . DC  B 2 3  ? -6.596  9.018   4.177   0.56 2.00  ? 15 DC  B N3    1 
ATOM   299 C  C4    . DC  B 2 3  ? -6.338  9.828   3.103   0.56 2.00  ? 15 DC  B C4    1 
ATOM   300 N  N4    . DC  B 2 3  ? -7.005  9.543   1.937   0.56 2.00  ? 15 DC  B N4    1 
ATOM   301 C  C5    . DC  B 2 3  ? -5.348  10.784  3.147   0.56 2.00  ? 15 DC  B C5    1 
ATOM   302 C  C6    . DC  B 2 3  ? -4.742  10.897  4.331   0.56 2.00  ? 15 DC  B C6    1 
ATOM   303 P  P     . DA  B 2 4  ? -0.044  9.692   8.287   0.56 15.50 ? 16 DA  B P     1 
ATOM   304 O  OP1   . DA  B 2 4  ? 0.409   10.040  9.673   0.56 15.50 ? 16 DA  B OP1   1 
ATOM   305 O  OP2   . DA  B 2 4  ? 0.252   10.110  7.067   0.56 15.50 ? 16 DA  B OP2   1 
ATOM   306 O  "O5'" . DA  B 2 4  ? -0.585  8.064   8.772   0.56 15.50 ? 16 DA  B "O5'" 1 
ATOM   307 C  "C5'" . DA  B 2 4  ? -1.050  7.878   10.122  0.56 2.00  ? 16 DA  B "C5'" 1 
ATOM   308 C  "C4'" . DA  B 2 4  ? -1.900  6.690   10.325  0.56 2.00  ? 16 DA  B "C4'" 1 
ATOM   309 O  "O4'" . DA  B 2 4  ? -2.840  6.644   9.192   0.56 2.00  ? 16 DA  B "O4'" 1 
ATOM   310 C  "C3'" . DA  B 2 4  ? -1.155  5.413   10.129  0.56 2.00  ? 16 DA  B "C3'" 1 
ATOM   311 O  "O3'" . DA  B 2 4  ? -1.879  4.338   10.767  0.56 2.00  ? 16 DA  B "O3'" 1 
ATOM   312 C  "C2'" . DA  B 2 4  ? -1.189  5.235   8.595   0.56 2.00  ? 16 DA  B "C2'" 1 
ATOM   313 C  "C1'" . DA  B 2 4  ? -2.616  5.605   8.254   0.56 2.00  ? 16 DA  B "C1'" 1 
ATOM   314 N  N9    . DA  B 2 4  ? -2.736  6.042   6.850   0.56 2.45  ? 16 DA  B N9    1 
ATOM   315 C  C8    . DA  B 2 4  ? -1.925  6.763   6.034   0.56 2.45  ? 16 DA  B C8    1 
ATOM   316 N  N7    . DA  B 2 4  ? -2.331  6.968   4.807   0.56 2.45  ? 16 DA  B N7    1 
ATOM   317 C  C5    . DA  B 2 4  ? -3.456  6.233   4.765   0.56 2.45  ? 16 DA  B C5    1 
ATOM   318 C  C6    . DA  B 2 4  ? -4.347  6.019   3.712   0.56 2.45  ? 16 DA  B C6    1 
ATOM   319 N  N6    . DA  B 2 4  ? -4.158  6.590   2.557   0.56 2.45  ? 16 DA  B N6    1 
ATOM   320 N  N1    . DA  B 2 4  ? -5.425  5.205   3.982   0.56 2.45  ? 16 DA  B N1    1 
ATOM   321 C  C2    . DA  B 2 4  ? -5.555  4.675   5.209   0.56 2.45  ? 16 DA  B C2    1 
ATOM   322 N  N3    . DA  B 2 4  ? -4.763  4.828   6.298   0.56 2.45  ? 16 DA  B N3    1 
ATOM   323 C  C4    . DA  B 2 4  ? -3.746  5.667   5.982   0.56 2.45  ? 16 DA  B C4    1 
ATOM   324 P  P     . DT  B 2 5  ? -1.344  2.989   11.314  0.56 18.40 ? 17 DT  B P     1 
ATOM   325 O  OP1   . DT  B 2 5  ? -1.047  2.951   12.817  0.56 18.40 ? 17 DT  B OP1   1 
ATOM   326 O  OP2   . DT  B 2 5  ? 0.152   2.644   10.630  0.56 18.40 ? 17 DT  B OP2   1 
ATOM   327 O  "O5'" . DT  B 2 5  ? -2.333  1.903   10.676  0.56 18.40 ? 17 DT  B "O5'" 1 
ATOM   328 C  "C5'" . DT  B 2 5  ? -3.643  2.435   10.242  0.56 13.75 ? 17 DT  B "C5'" 1 
ATOM   329 C  "C4'" . DT  B 2 5  ? -4.179  1.558   9.129   0.56 13.75 ? 17 DT  B "C4'" 1 
ATOM   330 O  "O4'" . DT  B 2 5  ? -4.139  2.077   7.823   0.56 13.75 ? 17 DT  B "O4'" 1 
ATOM   331 C  "C3'" . DT  B 2 5  ? -3.295  0.337   9.068   0.56 13.75 ? 17 DT  B "C3'" 1 
ATOM   332 O  "O3'" . DT  B 2 5  ? -4.162  -0.768  8.956   0.56 13.75 ? 17 DT  B "O3'" 1 
ATOM   333 C  "C2'" . DT  B 2 5  ? -2.454  0.651   7.788   0.56 13.75 ? 17 DT  B "C2'" 1 
ATOM   334 C  "C1'" . DT  B 2 5  ? -3.406  1.337   6.851   0.56 13.75 ? 17 DT  B "C1'" 1 
ATOM   335 N  N1    . DT  B 2 5  ? -2.798  2.142   5.790   0.56 8.16  ? 17 DT  B N1    1 
ATOM   336 C  C2    . DT  B 2 5  ? -3.391  2.220   4.543   0.56 8.16  ? 17 DT  B C2    1 
ATOM   337 O  O2    . DT  B 2 5  ? -4.485  1.701   4.351   0.56 8.16  ? 17 DT  B O2    1 
ATOM   338 N  N3    . DT  B 2 5  ? -2.845  2.951   3.525   0.56 8.16  ? 17 DT  B N3    1 
ATOM   339 C  C4    . DT  B 2 5  ? -1.664  3.589   3.712   0.56 8.16  ? 17 DT  B C4    1 
ATOM   340 O  O4    . DT  B 2 5  ? -1.202  4.308   2.765   0.56 8.16  ? 17 DT  B O4    1 
ATOM   341 C  C5    . DT  B 2 5  ? -0.960  3.353   4.953   0.56 8.16  ? 17 DT  B C5    1 
ATOM   342 C  C7    . DT  B 2 5  ? 0.384   3.977   5.284   0.56 8.16  ? 17 DT  B C7    1 
ATOM   343 C  C6    . DT  B 2 5  ? -1.544  2.647   5.902   0.56 8.16  ? 17 DT  B C6    1 
ATOM   344 P  P     . DT  B 2 6  ? -3.701  -2.310  8.612   0.56 58.35 ? 18 DT  B P     1 
ATOM   345 O  OP1   . DT  B 2 6  ? -4.625  -3.028  9.553   0.56 58.35 ? 18 DT  B OP1   1 
ATOM   346 O  OP2   . DT  B 2 6  ? -2.341  -2.297  9.096   0.56 58.35 ? 18 DT  B OP2   1 
ATOM   347 O  "O5'" . DT  B 2 6  ? -4.263  -2.284  7.214   0.56 58.35 ? 18 DT  B "O5'" 1 
ATOM   348 C  "C5'" . DT  B 2 6  ? -5.645  -2.050  6.785   0.56 29.66 ? 18 DT  B "C5'" 1 
ATOM   349 C  "C4'" . DT  B 2 6  ? -5.791  -2.409  5.282   0.56 29.66 ? 18 DT  B "C4'" 1 
ATOM   350 O  "O4'" . DT  B 2 6  ? -5.028  -1.523  4.436   0.56 29.66 ? 18 DT  B "O4'" 1 
ATOM   351 C  "C3'" . DT  B 2 6  ? -5.262  -3.801  4.852   0.56 29.66 ? 18 DT  B "C3'" 1 
ATOM   352 O  "O3'" . DT  B 2 6  ? -6.188  -4.319  3.860   0.56 29.66 ? 18 DT  B "O3'" 1 
ATOM   353 C  "C2'" . DT  B 2 6  ? -3.857  -3.468  4.383   0.56 29.66 ? 18 DT  B "C2'" 1 
ATOM   354 C  "C1'" . DT  B 2 6  ? -4.007  -2.166  3.633   0.56 29.66 ? 18 DT  B "C1'" 1 
ATOM   355 N  N1    . DT  B 2 6  ? -2.784  -1.381  3.468   0.56 8.01  ? 18 DT  B N1    1 
ATOM   356 C  C2    . DT  B 2 6  ? -2.611  -0.690  2.274   0.56 8.01  ? 18 DT  B C2    1 
ATOM   357 O  O2    . DT  B 2 6  ? -3.367  -0.659  1.289   0.56 8.01  ? 18 DT  B O2    1 
ATOM   358 N  N3    . DT  B 2 6  ? -1.498  0.088   2.058   0.56 8.01  ? 18 DT  B N3    1 
ATOM   359 C  C4    . DT  B 2 6  ? -0.518  0.166   2.998   0.56 8.01  ? 18 DT  B C4    1 
ATOM   360 O  O4    . DT  B 2 6  ? 0.432   0.999   2.798   0.56 8.01  ? 18 DT  B O4    1 
ATOM   361 C  C5    . DT  B 2 6  ? -0.696  -0.569  4.185   0.56 8.01  ? 18 DT  B C5    1 
ATOM   362 C  C7    . DT  B 2 6  ? 0.376   -0.382  5.213   0.56 8.01  ? 18 DT  B C7    1 
ATOM   363 C  C6    . DT  B 2 6  ? -1.855  -1.241  4.444   0.56 8.01  ? 18 DT  B C6    1 
ATOM   364 P  P     . DT  B 2 7  ? -6.213  -5.914  3.571   0.56 13.64 ? 19 DT  B P     1 
ATOM   365 O  OP1   . DT  B 2 7  ? -7.486  -6.121  3.036   0.56 13.64 ? 19 DT  B OP1   1 
ATOM   366 O  OP2   . DT  B 2 7  ? -5.120  -6.443  4.446   0.56 13.64 ? 19 DT  B OP2   1 
ATOM   367 O  "O5'" . DT  B 2 7  ? -5.133  -5.661  2.118   0.56 13.64 ? 19 DT  B "O5'" 1 
ATOM   368 C  "C5'" . DT  B 2 7  ? -6.110  -5.266  1.061   0.56 7.67  ? 19 DT  B "C5'" 1 
ATOM   369 C  "C4'" . DT  B 2 7  ? -5.391  -4.864  -0.183  0.56 7.67  ? 19 DT  B "C4'" 1 
ATOM   370 O  "O4'" . DT  B 2 7  ? -4.330  -3.943  -0.003  0.56 7.67  ? 19 DT  B "O4'" 1 
ATOM   371 C  "C3'" . DT  B 2 7  ? -4.697  -5.997  -0.991  0.56 7.67  ? 19 DT  B "C3'" 1 
ATOM   372 O  "O3'" . DT  B 2 7  ? -4.940  -5.819  -2.357  0.56 7.67  ? 19 DT  B "O3'" 1 
ATOM   373 C  "C2'" . DT  B 2 7  ? -3.213  -5.753  -0.671  0.56 7.67  ? 19 DT  B "C2'" 1 
ATOM   374 C  "C1'" . DT  B 2 7  ? -3.076  -4.253  -0.616  0.56 7.67  ? 19 DT  B "C1'" 1 
ATOM   375 N  N1    . DT  B 2 7  ? -1.897  -3.656  0.029   0.56 3.52  ? 19 DT  B N1    1 
ATOM   376 C  C2    . DT  B 2 7  ? -1.179  -2.704  -0.697  0.56 3.52  ? 19 DT  B C2    1 
ATOM   377 O  O2    . DT  B 2 7  ? -1.488  -2.296  -1.827  0.56 3.52  ? 19 DT  B O2    1 
ATOM   378 N  N3    . DT  B 2 7  ? -0.083  -2.106  -0.155  0.56 3.52  ? 19 DT  B N3    1 
ATOM   379 C  C4    . DT  B 2 7  ? 0.356   -2.479  1.103   0.56 3.52  ? 19 DT  B C4    1 
ATOM   380 O  O4    . DT  B 2 7  ? 1.437   -1.923  1.567   0.56 3.52  ? 19 DT  B O4    1 
ATOM   381 C  C5    . DT  B 2 7  ? -0.338  -3.524  1.747   0.56 3.52  ? 19 DT  B C5    1 
ATOM   382 C  C7    . DT  B 2 7  ? -0.011  -4.057  3.133   0.56 3.52  ? 19 DT  B C7    1 
ATOM   383 C  C6    . DT  B 2 7  ? -1.422  -4.080  1.199   0.56 3.52  ? 19 DT  B C6    1 
ATOM   384 P  P     . DT  B 2 8  ? -5.614  -6.794  -3.382  0.56 39.36 ? 20 DT  B P     1 
ATOM   385 O  OP1   . DT  B 2 8  ? -7.080  -6.694  -3.457  0.56 39.36 ? 20 DT  B OP1   1 
ATOM   386 O  OP2   . DT  B 2 8  ? -4.760  -8.050  -3.625  0.56 39.36 ? 20 DT  B OP2   1 
ATOM   387 O  "O5'" . DT  B 2 8  ? -5.193  -6.082  -4.810  0.56 39.36 ? 20 DT  B "O5'" 1 
ATOM   388 C  "C5'" . DT  B 2 8  ? -4.750  -4.721  -4.717  0.56 22.68 ? 20 DT  B "C5'" 1 
ATOM   389 C  "C4'" . DT  B 2 8  ? -3.465  -4.510  -5.436  0.56 22.68 ? 20 DT  B "C4'" 1 
ATOM   390 O  "O4'" . DT  B 2 8  ? -2.301  -4.133  -4.748  0.56 22.68 ? 20 DT  B "O4'" 1 
ATOM   391 C  "C3'" . DT  B 2 8  ? -2.994  -5.706  -6.256  0.56 22.68 ? 20 DT  B "C3'" 1 
ATOM   392 O  "O3'" . DT  B 2 8  ? -2.732  -5.110  -7.540  0.56 22.68 ? 20 DT  B "O3'" 1 
ATOM   393 C  "C2'" . DT  B 2 8  ? -1.771  -6.176  -5.513  0.56 22.68 ? 20 DT  B "C2'" 1 
ATOM   394 C  "C1'" . DT  B 2 8  ? -1.140  -4.849  -5.067  0.56 22.68 ? 20 DT  B "C1'" 1 
ATOM   395 N  N1    . DT  B 2 8  ? -0.236  -4.858  -3.931  0.56 13.97 ? 20 DT  B N1    1 
ATOM   396 C  C2    . DT  B 2 8  ? 0.847   -3.987  -3.918  0.56 13.97 ? 20 DT  B C2    1 
ATOM   397 O  O2    . DT  B 2 8  ? 1.158   -3.086  -4.700  0.56 13.97 ? 20 DT  B O2    1 
ATOM   398 N  N3    . DT  B 2 8  ? 1.688   -3.962  -2.792  0.56 13.97 ? 20 DT  B N3    1 
ATOM   399 C  C4    . DT  B 2 8  ? 1.422   -4.871  -1.824  0.56 13.97 ? 20 DT  B C4    1 
ATOM   400 O  O4    . DT  B 2 8  ? 2.230   -4.740  -0.861  0.56 13.97 ? 20 DT  B O4    1 
ATOM   401 C  C5    . DT  B 2 8  ? 0.328   -5.752  -1.821  0.56 13.97 ? 20 DT  B C5    1 
ATOM   402 C  C7    . DT  B 2 8  ? 0.248   -6.788  -0.711  0.56 13.97 ? 20 DT  B C7    1 
ATOM   403 C  C6    . DT  B 2 8  ? -0.494  -5.703  -2.879  0.56 13.97 ? 20 DT  B C6    1 
ATOM   404 P  P     . DT  B 2 9  ? -2.227  -6.074  -8.754  0.56 12.11 ? 21 DT  B P     1 
ATOM   405 O  OP1   . DT  B 2 9  ? -2.813  -5.375  -9.962  0.56 12.11 ? 21 DT  B OP1   1 
ATOM   406 O  OP2   . DT  B 2 9  ? -2.121  -7.341  -8.227  0.56 12.11 ? 21 DT  B OP2   1 
ATOM   407 O  "O5'" . DT  B 2 9  ? -0.586  -5.676  -8.460  0.56 12.11 ? 21 DT  B "O5'" 1 
ATOM   408 C  "C5'" . DT  B 2 9  ? -0.328  -4.222  -8.313  0.56 7.66  ? 21 DT  B "C5'" 1 
ATOM   409 C  "C4'" . DT  B 2 9  ? 1.140   -3.977  -8.551  0.56 7.66  ? 21 DT  B "C4'" 1 
ATOM   410 O  "O4'" . DT  B 2 9  ? 1.934   -4.082  -7.385  0.56 7.66  ? 21 DT  B "O4'" 1 
ATOM   411 C  "C3'" . DT  B 2 9  ? 1.770   -4.891  -9.577  0.56 7.66  ? 21 DT  B "C3'" 1 
ATOM   412 O  "O3'" . DT  B 2 9  ? 2.635   -4.109  -10.465 0.56 7.66  ? 21 DT  B "O3'" 1 
ATOM   413 C  "C2'" . DT  B 2 9  ? 2.563   -5.843  -8.677  0.56 7.66  ? 21 DT  B "C2'" 1 
ATOM   414 C  "C1'" . DT  B 2 9  ? 3.061   -4.941  -7.567  0.56 7.66  ? 21 DT  B "C1'" 1 
ATOM   415 N  N1    . DT  B 2 9  ? 3.382   -5.487  -6.271  0.56 2.00  ? 21 DT  B N1    1 
ATOM   416 C  C2    . DT  B 2 9  ? 4.313   -4.894  -5.432  0.56 2.00  ? 21 DT  B C2    1 
ATOM   417 O  O2    . DT  B 2 9  ? 5.016   -3.994  -5.882  0.56 2.00  ? 21 DT  B O2    1 
ATOM   418 N  N3    . DT  B 2 9  ? 4.533   -5.411  -4.160  0.56 2.00  ? 21 DT  B N3    1 
ATOM   419 C  C4    . DT  B 2 9  ? 3.769   -6.479  -3.778  0.56 2.00  ? 21 DT  B C4    1 
ATOM   420 O  O4    . DT  B 2 9  ? 3.884   -6.857  -2.557  0.56 2.00  ? 21 DT  B O4    1 
ATOM   421 C  C5    . DT  B 2 9  ? 2.721   -6.963  -4.547  0.56 2.00  ? 21 DT  B C5    1 
ATOM   422 C  C7    . DT  B 2 9  ? 1.805   -8.088  -4.137  0.56 2.00  ? 21 DT  B C7    1 
ATOM   423 C  C6    . DT  B 2 9  ? 2.571   -6.452  -5.776  0.56 2.00  ? 21 DT  B C6    1 
ATOM   424 P  P     . DG  B 2 10 ? 2.811   -4.479  -11.993 0.56 47.18 ? 22 DG  B P     1 
ATOM   425 O  OP1   . DG  B 2 10 ? 2.152   -3.587  -12.915 0.56 47.18 ? 22 DG  B OP1   1 
ATOM   426 O  OP2   . DG  B 2 10 ? 2.102   -5.921  -12.221 0.56 47.18 ? 22 DG  B OP2   1 
ATOM   427 O  "O5'" . DG  B 2 10 ? 4.319   -4.954  -12.067 0.56 47.18 ? 22 DG  B "O5'" 1 
ATOM   428 C  "C5'" . DG  B 2 10 ? 5.350   -3.944  -12.149 0.56 18.54 ? 22 DG  B "C5'" 1 
ATOM   429 C  "C4'" . DG  B 2 10 ? 6.686   -4.445  -11.578 0.56 18.54 ? 22 DG  B "C4'" 1 
ATOM   430 O  "O4'" . DG  B 2 10 ? 6.647   -4.911  -10.234 0.56 18.54 ? 22 DG  B "O4'" 1 
ATOM   431 C  "C3'" . DG  B 2 10 ? 7.287   -5.616  -12.307 0.56 18.54 ? 22 DG  B "C3'" 1 
ATOM   432 O  "O3'" . DG  B 2 10 ? 8.704   -5.562  -12.235 0.56 18.54 ? 22 DG  B "O3'" 1 
ATOM   433 C  "C2'" . DG  B 2 10 ? 6.950   -6.835  -11.426 0.56 18.54 ? 22 DG  B "C2'" 1 
ATOM   434 C  "C1'" . DG  B 2 10 ? 7.168   -6.219  -10.094 0.56 18.54 ? 22 DG  B "C1'" 1 
ATOM   435 N  N9    . DG  B 2 10 ? 6.599   -6.979  -8.960  0.56 3.37  ? 22 DG  B N9    1 
ATOM   436 C  C8    . DG  B 2 10 ? 5.615   -7.927  -8.911  0.56 3.37  ? 22 DG  B C8    1 
ATOM   437 N  N7    . DG  B 2 10 ? 5.372   -8.400  -7.713  0.56 3.37  ? 22 DG  B N7    1 
ATOM   438 C  C5    . DG  B 2 10 ? 6.309   -7.676  -6.945  0.56 3.37  ? 22 DG  B C5    1 
ATOM   439 C  C6    . DG  B 2 10 ? 6.614   -7.819  -5.562  0.56 3.37  ? 22 DG  B C6    1 
ATOM   440 O  O6    . DG  B 2 10 ? 6.059   -8.616  -4.840  0.56 3.37  ? 22 DG  B O6    1 
ATOM   441 N  N1    . DG  B 2 10 ? 7.607   -7.031  -5.174  0.56 3.37  ? 22 DG  B N1    1 
ATOM   442 C  C2    . DG  B 2 10 ? 8.334   -6.208  -5.970  0.56 3.37  ? 22 DG  B C2    1 
ATOM   443 N  N2    . DG  B 2 10 ? 9.342   -5.631  -5.344  0.56 3.37  ? 22 DG  B N2    1 
ATOM   444 N  N3    . DG  B 2 10 ? 8.126   -6.097  -7.253  0.56 3.37  ? 22 DG  B N3    1 
ATOM   445 C  C4    . DG  B 2 10 ? 7.106   -6.883  -7.660  0.56 3.37  ? 22 DG  B C4    1 
ATOM   446 P  P     . DC  B 2 11 ? 9.487   -5.293  -13.660 0.56 16.64 ? 23 DC  B P     1 
ATOM   447 O  OP1   . DC  B 2 11 ? 9.206   -3.860  -13.858 0.56 16.64 ? 23 DC  B OP1   1 
ATOM   448 O  OP2   . DC  B 2 11 ? 9.173   -6.472  -14.388 0.56 16.64 ? 23 DC  B OP2   1 
ATOM   449 O  "O5'" . DC  B 2 11 ? 11.039  -5.590  -12.878 0.56 16.64 ? 23 DC  B "O5'" 1 
ATOM   450 C  "C5'" . DC  B 2 11 ? 11.457  -4.363  -12.187 0.56 13.37 ? 23 DC  B "C5'" 1 
ATOM   451 C  "C4'" . DC  B 2 11 ? 12.535  -4.740  -11.183 0.56 13.37 ? 23 DC  B "C4'" 1 
ATOM   452 O  "O4'" . DC  B 2 11 ? 11.952  -5.254  -9.962  0.56 13.37 ? 23 DC  B "O4'" 1 
ATOM   453 C  "C3'" . DC  B 2 11 ? 13.470  -5.808  -11.729 0.56 13.37 ? 23 DC  B "C3'" 1 
ATOM   454 O  "O3'" . DC  B 2 11 ? 14.826  -5.731  -11.234 0.56 13.37 ? 23 DC  B "O3'" 1 
ATOM   455 C  "C2'" . DC  B 2 11 ? 12.825  -7.034  -11.133 0.56 13.37 ? 23 DC  B "C2'" 1 
ATOM   456 C  "C1'" . DC  B 2 11 ? 12.369  -6.598  -9.741  0.56 13.37 ? 23 DC  B "C1'" 1 
ATOM   457 N  N1    . DC  B 2 11 ? 11.335  -7.582  -9.313  0.56 17.04 ? 23 DC  B N1    1 
ATOM   458 C  C2    . DC  B 2 11 ? 11.378  -7.998  -8.000  0.56 17.04 ? 23 DC  B C2    1 
ATOM   459 O  O2    . DC  B 2 11 ? 12.182  -7.558  -7.185  0.56 17.04 ? 23 DC  B O2    1 
ATOM   460 N  N3    . DC  B 2 11 ? 10.450  -8.941  -7.578  0.56 17.04 ? 23 DC  B N3    1 
ATOM   461 C  C4    . DC  B 2 11 ? 9.566   -9.444  -8.459  0.56 17.04 ? 23 DC  B C4    1 
ATOM   462 N  N4    . DC  B 2 11 ? 8.655   -10.307 -8.015  0.56 17.04 ? 23 DC  B N4    1 
ATOM   463 C  C5    . DC  B 2 11 ? 9.506   -9.001  -9.822  0.56 17.04 ? 23 DC  B C5    1 
ATOM   464 C  C6    . DC  B 2 11 ? 10.405  -8.126  -10.174 0.56 17.04 ? 23 DC  B C6    1 
ATOM   465 P  P     . DG  B 2 12 ? 16.045  -6.508  -11.872 0.56 18.29 ? 24 DG  B P     1 
ATOM   466 O  OP1   . DG  B 2 12 ? 17.118  -5.667  -12.364 0.56 18.29 ? 24 DG  B OP1   1 
ATOM   467 O  OP2   . DG  B 2 12 ? 15.501  -7.672  -12.802 0.56 18.29 ? 24 DG  B OP2   1 
ATOM   468 O  "O5'" . DG  B 2 12 ? 16.695  -7.167  -10.557 0.56 18.29 ? 24 DG  B "O5'" 1 
ATOM   469 C  "C5'" . DG  B 2 12 ? 17.084  -6.232  -9.523  0.56 2.00  ? 24 DG  B "C5'" 1 
ATOM   470 C  "C4'" . DG  B 2 12 ? 17.667  -7.073  -8.401  0.56 2.00  ? 24 DG  B "C4'" 1 
ATOM   471 O  "O4'" . DG  B 2 12 ? 16.670  -7.513  -7.481  0.56 2.00  ? 24 DG  B "O4'" 1 
ATOM   472 C  "C3'" . DG  B 2 12 ? 18.440  -8.278  -8.855  0.56 2.00  ? 24 DG  B "C3'" 1 
ATOM   473 O  "O3'" . DG  B 2 12 ? 19.582  -8.633  -8.091  0.56 2.00  ? 24 DG  B "O3'" 1 
ATOM   474 C  "C2'" . DG  B 2 12 ? 17.293  -9.312  -8.686  0.56 2.00  ? 24 DG  B "C2'" 1 
ATOM   475 C  "C1'" . DG  B 2 12 ? 16.564  -8.899  -7.413  0.56 2.00  ? 24 DG  B "C1'" 1 
ATOM   476 N  N9    . DG  B 2 12 ? 15.254  -9.445  -7.778  0.56 5.23  ? 24 DG  B N9    1 
ATOM   477 C  C8    . DG  B 2 12 ? 14.820  -9.449  -9.098  0.56 5.23  ? 24 DG  B C8    1 
ATOM   478 N  N7    . DG  B 2 12 ? 13.779  -10.220 -9.312  0.56 5.23  ? 24 DG  B N7    1 
ATOM   479 C  C5    . DG  B 2 12 ? 13.555  -10.824 -8.053  0.56 5.23  ? 24 DG  B C5    1 
ATOM   480 C  C6    . DG  B 2 12 ? 12.575  -11.685 -7.629  0.56 5.23  ? 24 DG  B C6    1 
ATOM   481 O  O6    . DG  B 2 12 ? 11.642  -12.055 -8.349  0.56 5.23  ? 24 DG  B O6    1 
ATOM   482 N  N1    . DG  B 2 12 ? 12.667  -12.045 -6.368  0.56 5.23  ? 24 DG  B N1    1 
ATOM   483 C  C2    . DG  B 2 12 ? 13.575  -11.601 -5.496  0.56 5.23  ? 24 DG  B C2    1 
ATOM   484 N  N2    . DG  B 2 12 ? 13.550  -12.181 -4.251  0.56 5.23  ? 24 DG  B N2    1 
ATOM   485 N  N3    . DG  B 2 12 ? 14.565  -10.833 -5.890  0.56 5.23  ? 24 DG  B N3    1 
ATOM   486 C  C4    . DG  B 2 12 ? 14.457  -10.380 -7.132  0.56 5.23  ? 24 DG  B C4    1 
ATOM   487 O  "O5'" . DC  C 1 1  ? -14.429 18.082  2.371   0.44 44.94 ? 25 DC  C "O5'" 1 
ATOM   488 C  "C5'" . DC  C 1 1  ? -13.217 17.571  1.530   0.44 8.47  ? 25 DC  C "C5'" 1 
ATOM   489 C  "C4'" . DC  C 1 1  ? -12.157 16.899  2.374   0.44 8.47  ? 25 DC  C "C4'" 1 
ATOM   490 O  "O4'" . DC  C 1 1  ? -12.791 16.197  3.485   0.44 8.47  ? 25 DC  C "O4'" 1 
ATOM   491 C  "C3'" . DC  C 1 1  ? -11.178 15.896  1.824   0.44 8.47  ? 25 DC  C "C3'" 1 
ATOM   492 O  "O3'" . DC  C 1 1  ? -9.910  16.095  2.502   0.44 8.47  ? 25 DC  C "O3'" 1 
ATOM   493 C  "C2'" . DC  C 1 1  ? -11.765 14.528  2.243   0.44 8.47  ? 25 DC  C "C2'" 1 
ATOM   494 C  "C1'" . DC  C 1 1  ? -12.279 14.878  3.612   0.44 8.47  ? 25 DC  C "C1'" 1 
ATOM   495 N  N1    . DC  C 1 1  ? -13.192 13.838  4.089   0.44 30.58 ? 25 DC  C N1    1 
ATOM   496 C  C2    . DC  C 1 1  ? -12.809 13.106  5.207   0.44 30.58 ? 25 DC  C C2    1 
ATOM   497 O  O2    . DC  C 1 1  ? -11.804 13.404  5.800   0.44 30.58 ? 25 DC  C O2    1 
ATOM   498 N  N3    . DC  C 1 1  ? -13.608 12.107  5.595   0.44 30.58 ? 25 DC  C N3    1 
ATOM   499 C  C4    . DC  C 1 1  ? -14.794 11.849  4.938   0.44 30.58 ? 25 DC  C C4    1 
ATOM   500 N  N4    . DC  C 1 1  ? -15.425 10.805  5.473   0.44 30.58 ? 25 DC  C N4    1 
ATOM   501 C  C5    . DC  C 1 1  ? -15.188 12.600  3.839   0.44 30.58 ? 25 DC  C C5    1 
ATOM   502 C  C6    . DC  C 1 1  ? -14.352 13.563  3.447   0.44 30.58 ? 25 DC  C C6    1 
ATOM   503 P  P     . DG  C 1 2  ? -8.816  17.004  1.673   0.44 60.00 ? 26 DG  C P     1 
ATOM   504 O  OP1   . DG  C 1 2  ? -9.334  18.337  1.973   0.44 60.00 ? 26 DG  C OP1   1 
ATOM   505 O  OP2   . DG  C 1 2  ? -8.493  16.132  0.636   0.44 60.00 ? 26 DG  C OP2   1 
ATOM   506 O  "O5'" . DG  C 1 2  ? -7.727  17.095  2.950   0.44 60.00 ? 26 DG  C "O5'" 1 
ATOM   507 C  "C5'" . DG  C 1 2  ? -8.181  16.869  4.300   0.44 32.22 ? 26 DG  C "C5'" 1 
ATOM   508 C  "C4'" . DG  C 1 2  ? -7.311  15.913  5.058   0.44 32.22 ? 26 DG  C "C4'" 1 
ATOM   509 O  "O4'" . DG  C 1 2  ? -8.016  14.693  5.359   0.44 32.22 ? 26 DG  C "O4'" 1 
ATOM   510 C  "C3'" . DG  C 1 2  ? -5.956  15.456  4.469   0.44 32.22 ? 26 DG  C "C3'" 1 
ATOM   511 O  "O3'" . DG  C 1 2  ? -4.870  15.494  5.407   0.44 32.22 ? 26 DG  C "O3'" 1 
ATOM   512 C  "C2'" . DG  C 1 2  ? -6.265  14.006  4.016   0.44 32.22 ? 26 DG  C "C2'" 1 
ATOM   513 C  "C1'" . DG  C 1 2  ? -7.275  13.519  5.037   0.44 32.22 ? 26 DG  C "C1'" 1 
ATOM   514 N  N9    . DG  C 1 2  ? -8.237  12.616  4.377   0.44 22.25 ? 26 DG  C N9    1 
ATOM   515 C  C8    . DG  C 1 2  ? -8.636  12.787  3.072   0.44 22.25 ? 26 DG  C C8    1 
ATOM   516 N  N7    . DG  C 1 2  ? -9.521  11.888  2.704   0.44 22.25 ? 26 DG  C N7    1 
ATOM   517 C  C5    . DG  C 1 2  ? -9.747  11.090  3.854   0.44 22.25 ? 26 DG  C C5    1 
ATOM   518 C  C6    . DG  C 1 2  ? -10.478 9.887   4.035   0.44 22.25 ? 26 DG  C C6    1 
ATOM   519 O  O6    . DG  C 1 2  ? -11.266 9.309   3.213   0.44 22.25 ? 26 DG  C O6    1 
ATOM   520 N  N1    . DG  C 1 2  ? -10.366 9.341   5.299   0.44 22.25 ? 26 DG  C N1    1 
ATOM   521 C  C2    . DG  C 1 2  ? -9.508  9.854   6.225   0.44 22.25 ? 26 DG  C C2    1 
ATOM   522 N  N2    . DG  C 1 2  ? -9.430  9.276   7.421   0.44 22.25 ? 26 DG  C N2    1 
ATOM   523 N  N3    . DG  C 1 2  ? -8.755  10.955  6.055   0.44 22.25 ? 26 DG  C N3    1 
ATOM   524 C  C4    . DG  C 1 2  ? -8.932  11.531  4.853   0.44 22.25 ? 26 DG  C C4    1 
ATOM   525 P  P     . DC  C 1 3  ? -3.525  14.681  5.139   0.44 4.32  ? 27 DC  C P     1 
ATOM   526 O  OP1   . DC  C 1 3  ? -2.523  15.443  5.929   0.44 4.32  ? 27 DC  C OP1   1 
ATOM   527 O  OP2   . DC  C 1 3  ? -3.445  14.638  3.702   0.44 4.32  ? 27 DC  C OP2   1 
ATOM   528 O  "O5'" . DC  C 1 3  ? -4.075  13.371  5.833   0.44 4.32  ? 27 DC  C "O5'" 1 
ATOM   529 C  "C5'" . DC  C 1 3  ? -4.338  13.318  7.258   0.44 27.96 ? 27 DC  C "C5'" 1 
ATOM   530 C  "C4'" . DC  C 1 3  ? -4.037  11.903  7.744   0.44 27.96 ? 27 DC  C "C4'" 1 
ATOM   531 O  "O4'" . DC  C 1 3  ? -4.951  10.979  7.133   0.44 27.96 ? 27 DC  C "O4'" 1 
ATOM   532 C  "C3'" . DC  C 1 3  ? -2.711  11.269  7.282   0.44 27.96 ? 27 DC  C "C3'" 1 
ATOM   533 O  "O3'" . DC  C 1 3  ? -2.128  10.375  8.184   0.44 27.96 ? 27 DC  C "O3'" 1 
ATOM   534 C  "C2'" . DC  C 1 3  ? -3.082  10.446  6.029   0.44 27.96 ? 27 DC  C "C2'" 1 
ATOM   535 C  "C1'" . DC  C 1 3  ? -4.436  9.884   6.378   0.44 27.96 ? 27 DC  C "C1'" 1 
ATOM   536 N  N1    . DC  C 1 3  ? -5.217  9.513   5.193   0.44 17.18 ? 27 DC  C N1    1 
ATOM   537 C  C2    . DC  C 1 3  ? -6.076  8.436   5.145   0.44 17.18 ? 27 DC  C C2    1 
ATOM   538 O  O2    . DC  C 1 3  ? -6.255  7.828   6.172   0.44 17.18 ? 27 DC  C O2    1 
ATOM   539 N  N3    . DC  C 1 3  ? -6.746  8.142   3.995   0.44 17.18 ? 27 DC  C N3    1 
ATOM   540 C  C4    . DC  C 1 3  ? -6.485  8.932   2.890   0.44 17.18 ? 27 DC  C C4    1 
ATOM   541 N  N4    . DC  C 1 3  ? -7.181  8.642   1.765   0.44 17.18 ? 27 DC  C N4    1 
ATOM   542 C  C5    . DC  C 1 3  ? -5.551  9.943   2.873   0.44 17.18 ? 27 DC  C C5    1 
ATOM   543 C  C6    . DC  C 1 3  ? -4.961  10.169  4.041   0.44 17.18 ? 27 DC  C C6    1 
ATOM   544 P  P     . DA  C 1 4  ? -0.505  10.356  8.369   0.44 37.53 ? 28 DA  C P     1 
ATOM   545 O  OP1   . DA  C 1 4  ? -0.403  11.208  9.679   0.44 37.53 ? 28 DA  C OP1   1 
ATOM   546 O  OP2   . DA  C 1 4  ? -0.014  11.121  7.321   0.44 37.53 ? 28 DA  C OP2   1 
ATOM   547 O  "O5'" . DA  C 1 4  ? -0.456  8.856   8.865   0.44 37.53 ? 28 DA  C "O5'" 1 
ATOM   548 C  "C5'" . DA  C 1 4  ? -1.105  8.348   10.018  0.44 2.00  ? 28 DA  C "C5'" 1 
ATOM   549 C  "C4'" . DA  C 1 4  ? -1.619  6.982   9.851   0.44 2.00  ? 28 DA  C "C4'" 1 
ATOM   550 O  "O4'" . DA  C 1 4  ? -2.553  6.847   8.760   0.44 2.00  ? 28 DA  C "O4'" 1 
ATOM   551 C  "C3'" . DA  C 1 4  ? -0.543  5.941   9.583   0.44 2.00  ? 28 DA  C "C3'" 1 
ATOM   552 O  "O3'" . DA  C 1 4  ? -0.859  4.733   10.308  0.44 2.00  ? 28 DA  C "O3'" 1 
ATOM   553 C  "C2'" . DA  C 1 4  ? -0.616  5.778   8.054   0.44 2.00  ? 28 DA  C "C2'" 1 
ATOM   554 C  "C1'" . DA  C 1 4  ? -2.112  5.864   7.794   0.44 2.00  ? 28 DA  C "C1'" 1 
ATOM   555 N  N9    . DA  C 1 4  ? -2.383  6.208   6.389   0.44 8.43  ? 28 DA  C N9    1 
ATOM   556 C  C8    . DA  C 1 4  ? -1.700  7.047   5.540   0.44 8.43  ? 28 DA  C C8    1 
ATOM   557 N  N7    . DA  C 1 4  ? -2.206  7.204   4.336   0.44 8.43  ? 28 DA  C N7    1 
ATOM   558 C  C5    . DA  C 1 4  ? -3.285  6.356   4.404   0.44 8.43  ? 28 DA  C C5    1 
ATOM   559 C  C6    . DA  C 1 4  ? -4.237  6.056   3.417   0.44 8.43  ? 28 DA  C C6    1 
ATOM   560 N  N6    . DA  C 1 4  ? -4.160  6.653   2.249   0.44 8.43  ? 28 DA  C N6    1 
ATOM   561 N  N1    . DA  C 1 4  ? -5.216  5.202   3.758   0.44 8.43  ? 28 DA  C N1    1 
ATOM   562 C  C2    . DA  C 1 4  ? -5.257  4.702   5.020   0.44 8.43  ? 28 DA  C C2    1 
ATOM   563 N  N3    . DA  C 1 4  ? -4.399  4.919   5.992   0.44 8.43  ? 28 DA  C N3    1 
ATOM   564 C  C4    . DA  C 1 4  ? -3.426  5.752   5.615   0.44 8.43  ? 28 DA  C C4    1 
ATOM   565 P  P     . DA  C 1 5  ? -0.324  3.292   10.322  0.44 2.00  ? 29 DA  C P     1 
ATOM   566 O  OP1   . DA  C 1 5  ? 0.428   2.815   11.468  0.44 2.00  ? 29 DA  C OP1   1 
ATOM   567 O  OP2   . DA  C 1 5  ? 0.867   3.222   9.235   0.44 2.00  ? 29 DA  C OP2   1 
ATOM   568 O  "O5'" . DA  C 1 5  ? -1.455  2.486   9.515   0.44 2.00  ? 29 DA  C "O5'" 1 
ATOM   569 C  "C5'" . DA  C 1 5  ? -2.593  2.083   10.293  0.44 22.69 ? 29 DA  C "C5'" 1 
ATOM   570 C  "C4'" . DA  C 1 5  ? -3.477  1.213   9.445   0.44 22.69 ? 29 DA  C "C4'" 1 
ATOM   571 O  "O4'" . DA  C 1 5  ? -3.539  1.791   8.125   0.44 22.69 ? 29 DA  C "O4'" 1 
ATOM   572 C  "C3'" . DA  C 1 5  ? -2.951  -0.159  9.095   0.44 22.69 ? 29 DA  C "C3'" 1 
ATOM   573 O  "O3'" . DA  C 1 5  ? -4.044  -0.983  8.866   0.44 22.69 ? 29 DA  C "O3'" 1 
ATOM   574 C  "C2'" . DA  C 1 5  ? -2.233  0.065   7.736   0.44 22.69 ? 29 DA  C "C2'" 1 
ATOM   575 C  "C1'" . DA  C 1 5  ? -3.162  1.043   7.029   0.44 22.69 ? 29 DA  C "C1'" 1 
ATOM   576 N  N9    . DA  C 1 5  ? -2.517  1.862   5.986   0.44 23.87 ? 29 DA  C N9    1 
ATOM   577 C  C8    . DA  C 1 5  ? -1.295  2.451   5.988   0.44 23.87 ? 29 DA  C C8    1 
ATOM   578 N  N7    . DA  C 1 5  ? -0.961  3.166   4.902   0.44 23.87 ? 29 DA  C N7    1 
ATOM   579 C  C5    . DA  C 1 5  ? -2.062  2.890   4.122   0.44 23.87 ? 29 DA  C C5    1 
ATOM   580 C  C6    . DA  C 1 5  ? -2.339  3.345   2.827   0.44 23.87 ? 29 DA  C C6    1 
ATOM   581 N  N6    . DA  C 1 5  ? -1.532  4.145   2.129   0.44 23.87 ? 29 DA  C N6    1 
ATOM   582 N  N1    . DA  C 1 5  ? -3.447  2.826   2.176   0.44 23.87 ? 29 DA  C N1    1 
ATOM   583 C  C2    . DA  C 1 5  ? -4.293  2.010   2.891   0.44 23.87 ? 29 DA  C C2    1 
ATOM   584 N  N3    . DA  C 1 5  ? -4.151  1.642   4.194   0.44 23.87 ? 29 DA  C N3    1 
ATOM   585 C  C4    . DA  C 1 5  ? -2.992  2.094   4.723   0.44 23.87 ? 29 DA  C C4    1 
ATOM   586 P  P     . DA  C 1 6  ? -3.796  -2.700  9.030   0.44 5.97  ? 30 DA  C P     1 
ATOM   587 O  OP1   . DA  C 1 6  ? -5.292  -2.933  9.283   0.44 5.97  ? 30 DA  C OP1   1 
ATOM   588 O  OP2   . DA  C 1 6  ? -2.802  -2.614  10.088  0.44 5.97  ? 30 DA  C OP2   1 
ATOM   589 O  "O5'" . DA  C 1 6  ? -3.596  -2.831  7.467   0.44 5.97  ? 30 DA  C "O5'" 1 
ATOM   590 C  "C5'" . DA  C 1 6  ? -4.588  -2.011  6.659   0.44 17.66 ? 30 DA  C "C5'" 1 
ATOM   591 C  "C4'" . DA  C 1 6  ? -4.511  -2.248  5.138   0.44 17.66 ? 30 DA  C "C4'" 1 
ATOM   592 O  "O4'" . DA  C 1 6  ? -3.786  -1.304  4.363   0.44 17.66 ? 30 DA  C "O4'" 1 
ATOM   593 C  "C3'" . DA  C 1 6  ? -3.873  -3.636  4.862   0.44 17.66 ? 30 DA  C "C3'" 1 
ATOM   594 O  "O3'" . DA  C 1 6  ? -4.684  -4.358  3.911   0.44 17.66 ? 30 DA  C "O3'" 1 
ATOM   595 C  "C2'" . DA  C 1 6  ? -2.481  -3.181  4.423   0.44 17.66 ? 30 DA  C "C2'" 1 
ATOM   596 C  "C1'" . DA  C 1 6  ? -2.722  -1.919  3.652   0.44 17.66 ? 30 DA  C "C1'" 1 
ATOM   597 N  N9    . DA  C 1 6  ? -1.593  -0.961  3.636   0.44 27.06 ? 30 DA  C N9    1 
ATOM   598 C  C8    . DA  C 1 6  ? -0.571  -0.557  4.440   0.44 27.06 ? 30 DA  C C8    1 
ATOM   599 N  N7    . DA  C 1 6  ? 0.306   0.361   3.923   0.44 27.06 ? 30 DA  C N7    1 
ATOM   600 C  C5    . DA  C 1 6  ? -0.300  0.537   2.660   0.44 27.06 ? 30 DA  C C5    1 
ATOM   601 C  C6    . DA  C 1 6  ? 0.032   1.410   1.661   0.44 27.06 ? 30 DA  C C6    1 
ATOM   602 N  N6    . DA  C 1 6  ? 0.982   2.339   1.741   0.44 27.06 ? 30 DA  C N6    1 
ATOM   603 N  N1    . DA  C 1 6  ? -0.695  1.295   0.488   0.44 27.06 ? 30 DA  C N1    1 
ATOM   604 C  C2    . DA  C 1 6  ? -1.804  0.507   0.441   0.44 27.06 ? 30 DA  C C2    1 
ATOM   605 N  N3    . DA  C 1 6  ? -2.279  -0.304  1.419   0.44 27.06 ? 30 DA  C N3    1 
ATOM   606 C  C4    . DA  C 1 6  ? -1.435  -0.206  2.480   0.44 27.06 ? 30 DA  C C4    1 
ATOM   607 P  P     . DA  C 1 7  ? -4.776  -6.012  3.868   0.44 35.33 ? 31 DA  C P     1 
ATOM   608 O  OP1   . DA  C 1 7  ? -5.909  -6.458  4.626   0.44 35.33 ? 31 DA  C OP1   1 
ATOM   609 O  OP2   . DA  C 1 7  ? -3.366  -6.640  3.663   0.44 35.33 ? 31 DA  C OP2   1 
ATOM   610 O  "O5'" . DA  C 1 7  ? -5.337  -6.249  2.325   0.44 35.33 ? 31 DA  C "O5'" 1 
ATOM   611 C  "C5'" . DA  C 1 7  ? -5.890  -4.941  1.635   0.44 60.00 ? 31 DA  C "C5'" 1 
ATOM   612 C  "C4'" . DA  C 1 7  ? -5.242  -4.811  0.285   0.44 60.00 ? 31 DA  C "C4'" 1 
ATOM   613 O  "O4'" . DA  C 1 7  ? -4.123  -3.914  0.270   0.44 60.00 ? 31 DA  C "O4'" 1 
ATOM   614 C  "C3'" . DA  C 1 7  ? -4.618  -6.062  -0.391  0.44 60.00 ? 31 DA  C "C3'" 1 
ATOM   615 O  "O3'" . DA  C 1 7  ? -4.833  -5.879  -1.781  0.44 60.00 ? 31 DA  C "O3'" 1 
ATOM   616 C  "C2'" . DA  C 1 7  ? -3.131  -5.961  -0.086  0.44 60.00 ? 31 DA  C "C2'" 1 
ATOM   617 C  "C1'" . DA  C 1 7  ? -2.906  -4.471  -0.238  0.44 60.00 ? 31 DA  C "C1'" 1 
ATOM   618 N  N9    . DA  C 1 7  ? -1.743  -3.891  0.452   0.44 24.50 ? 31 DA  C N9    1 
ATOM   619 C  C8    . DA  C 1 7  ? -1.071  -4.170  1.603   0.44 24.50 ? 31 DA  C C8    1 
ATOM   620 N  N7    . DA  C 1 7  ? 0.027   -3.458  1.844   0.44 24.50 ? 31 DA  C N7    1 
ATOM   621 C  C5    . DA  C 1 7  ? 0.042   -2.647  0.707   0.44 24.50 ? 31 DA  C C5    1 
ATOM   622 C  C6    . DA  C 1 7  ? 0.938   -1.657  0.333   0.44 24.50 ? 31 DA  C C6    1 
ATOM   623 N  N6    . DA  C 1 7  ? 2.078   -1.223  0.865   0.44 24.50 ? 31 DA  C N6    1 
ATOM   624 N  N1    . DA  C 1 7  ? 0.758   -1.143  -0.951  0.44 24.50 ? 31 DA  C N1    1 
ATOM   625 C  C2    . DA  C 1 7  ? -0.367  -1.516  -1.654  0.44 24.50 ? 31 DA  C C2    1 
ATOM   626 N  N3    . DA  C 1 7  ? -1.259  -2.408  -1.378  0.44 24.50 ? 31 DA  C N3    1 
ATOM   627 C  C4    . DA  C 1 7  ? -0.976  -2.936  -0.166  0.44 24.50 ? 31 DA  C C4    1 
ATOM   628 P  P     . DA  C 1 8  ? -4.807  -7.191  -2.752  0.44 9.12  ? 32 DA  C P     1 
ATOM   629 O  OP1   . DA  C 1 8  ? -6.053  -7.917  -2.826  0.44 9.12  ? 32 DA  C OP1   1 
ATOM   630 O  OP2   . DA  C 1 8  ? -3.759  -8.214  -1.976  0.44 9.12  ? 32 DA  C OP2   1 
ATOM   631 O  "O5'" . DA  C 1 8  ? -3.810  -6.852  -3.957  0.44 9.12  ? 32 DA  C "O5'" 1 
ATOM   632 C  "C5'" . DA  C 1 8  ? -4.424  -5.974  -4.960  0.44 2.00  ? 32 DA  C "C5'" 1 
ATOM   633 C  "C4'" . DA  C 1 8  ? -3.357  -5.169  -5.679  0.44 2.00  ? 32 DA  C "C4'" 1 
ATOM   634 O  "O4'" . DA  C 1 8  ? -2.361  -4.591  -4.833  0.44 2.00  ? 32 DA  C "O4'" 1 
ATOM   635 C  "C3'" . DA  C 1 8  ? -2.547  -5.804  -6.776  0.44 2.00  ? 32 DA  C "C3'" 1 
ATOM   636 O  "O3'" . DA  C 1 8  ? -2.444  -4.820  -7.859  0.44 2.00  ? 32 DA  C "O3'" 1 
ATOM   637 C  "C2'" . DA  C 1 8  ? -1.245  -6.076  -6.092  0.44 2.00  ? 32 DA  C "C2'" 1 
ATOM   638 C  "C1'" . DA  C 1 8  ? -1.053  -4.840  -5.265  0.44 2.00  ? 32 DA  C "C1'" 1 
ATOM   639 N  N9    . DA  C 1 8  ? -0.256  -4.866  -4.041  0.44 19.66 ? 32 DA  C N9    1 
ATOM   640 C  C8    . DA  C 1 8  ? -0.244  -5.536  -2.843  0.44 19.66 ? 32 DA  C C8    1 
ATOM   641 N  N7    . DA  C 1 8  ? 0.718   -5.201  -1.986  0.44 19.66 ? 32 DA  C N7    1 
ATOM   642 C  C5    . DA  C 1 8  ? 1.415   -4.208  -2.729  0.44 19.66 ? 32 DA  C C5    1 
ATOM   643 C  C6    . DA  C 1 8  ? 2.512   -3.483  -2.444  0.44 19.66 ? 32 DA  C C6    1 
ATOM   644 N  N6    . DA  C 1 8  ? 3.223   -3.484  -1.317  0.44 19.66 ? 32 DA  C N6    1 
ATOM   645 N  N1    . DA  C 1 8  ? 2.965   -2.621  -3.419  0.44 19.66 ? 32 DA  C N1    1 
ATOM   646 C  C2    . DA  C 1 8  ? 2.299   -2.491  -4.618  0.44 19.66 ? 32 DA  C C2    1 
ATOM   647 N  N3    . DA  C 1 8  ? 1.225   -3.198  -5.005  0.44 19.66 ? 32 DA  C N3    1 
ATOM   648 C  C4    . DA  C 1 8  ? 0.871   -4.037  -3.999  0.44 19.66 ? 32 DA  C C4    1 
ATOM   649 P  P     . DT  C 1 9  ? -2.274  -5.269  -9.384  0.44 41.89 ? 33 DT  C P     1 
ATOM   650 O  OP1   . DT  C 1 9  ? -3.403  -5.147  -10.246 0.44 41.89 ? 33 DT  C OP1   1 
ATOM   651 O  OP2   . DT  C 1 9  ? -1.463  -6.617  -9.489  0.44 41.89 ? 33 DT  C OP2   1 
ATOM   652 O  "O5'" . DT  C 1 9  ? -1.005  -4.340  -9.867  0.44 41.89 ? 33 DT  C "O5'" 1 
ATOM   653 C  "C5'" . DT  C 1 9  ? -0.259  -3.725  -8.854  0.44 21.77 ? 33 DT  C "C5'" 1 
ATOM   654 C  "C4'" . DT  C 1 9  ? 1.232   -3.861  -9.040  0.44 21.77 ? 33 DT  C "C4'" 1 
ATOM   655 O  "O4'" . DT  C 1 9  ? 1.995   -4.144  -7.873  0.44 21.77 ? 33 DT  C "O4'" 1 
ATOM   656 C  "C3'" . DT  C 1 9  ? 1.679   -4.831  -10.126 0.44 21.77 ? 33 DT  C "C3'" 1 
ATOM   657 O  "O3'" . DT  C 1 9  ? 2.653   -4.238  -11.049 0.44 21.77 ? 33 DT  C "O3'" 1 
ATOM   658 C  "C2'" . DT  C 1 9  ? 2.262   -5.947  -9.236  0.44 21.77 ? 33 DT  C "C2'" 1 
ATOM   659 C  "C1'" . DT  C 1 9  ? 2.918   -5.188  -8.097  0.44 21.77 ? 33 DT  C "C1'" 1 
ATOM   660 N  N1    . DT  C 1 9  ? 3.133   -5.764  -6.778  0.44 32.35 ? 33 DT  C N1    1 
ATOM   661 C  C2    . DT  C 1 9  ? 4.046   -5.208  -5.899  0.44 32.35 ? 33 DT  C C2    1 
ATOM   662 O  O2    . DT  C 1 9  ? 4.873   -4.395  -6.265  0.44 32.35 ? 33 DT  C O2    1 
ATOM   663 N  N3    . DT  C 1 9  ? 4.146   -5.766  -4.630  0.44 32.35 ? 33 DT  C N3    1 
ATOM   664 C  C4    . DT  C 1 9  ? 3.321   -6.789  -4.315  0.44 32.35 ? 33 DT  C C4    1 
ATOM   665 O  O4    . DT  C 1 9  ? 3.397   -7.122  -3.096  0.44 32.35 ? 33 DT  C O4    1 
ATOM   666 C  C5    . DT  C 1 9  ? 2.327   -7.264  -5.170  0.44 32.35 ? 33 DT  C C5    1 
ATOM   667 C  C7    . DT  C 1 9  ? 1.245   -8.274  -4.851  0.44 32.35 ? 33 DT  C C7    1 
ATOM   668 C  C6    . DT  C 1 9  ? 2.274   -6.720  -6.386  0.44 32.35 ? 33 DT  C C6    1 
ATOM   669 P  P     . DG  C 1 10 ? 3.548   -5.053  -12.070 0.44 23.09 ? 34 DG  C P     1 
ATOM   670 O  OP1   . DG  C 1 10 ? 3.067   -5.009  -13.386 0.44 23.09 ? 34 DG  C OP1   1 
ATOM   671 O  OP2   . DG  C 1 10 ? 3.541   -6.518  -11.748 0.44 23.09 ? 34 DG  C OP2   1 
ATOM   672 O  "O5'" . DG  C 1 10 ? 5.019   -4.440  -11.734 0.44 23.09 ? 34 DG  C "O5'" 1 
ATOM   673 C  "C5'" . DG  C 1 10 ? 5.556   -4.318  -10.369 0.44 58.36 ? 34 DG  C "C5'" 1 
ATOM   674 C  "C4'" . DG  C 1 10 ? 7.064   -4.541  -10.229 0.44 58.36 ? 34 DG  C "C4'" 1 
ATOM   675 O  "O4'" . DG  C 1 10 ? 7.341   -4.822  -8.819  0.44 58.36 ? 34 DG  C "O4'" 1 
ATOM   676 C  "C3'" . DG  C 1 10 ? 7.427   -5.847  -10.848 0.44 58.36 ? 34 DG  C "C3'" 1 
ATOM   677 O  "O3'" . DG  C 1 10 ? 8.868   -5.789  -10.888 0.44 58.36 ? 34 DG  C "O3'" 1 
ATOM   678 C  "C2'" . DG  C 1 10 ? 7.084   -6.908  -9.832  0.44 58.36 ? 34 DG  C "C2'" 1 
ATOM   679 C  "C1'" . DG  C 1 10 ? 7.663   -6.194  -8.646  0.44 58.36 ? 34 DG  C "C1'" 1 
ATOM   680 N  N9    . DG  C 1 10 ? 7.193   -6.900  -7.426  0.44 2.00  ? 34 DG  C N9    1 
ATOM   681 C  C8    . DG  C 1 10 ? 6.188   -7.818  -7.302  0.44 2.00  ? 34 DG  C C8    1 
ATOM   682 N  N7    . DG  C 1 10 ? 6.031   -8.259  -6.095  0.44 2.00  ? 34 DG  C N7    1 
ATOM   683 C  C5    . DG  C 1 10 ? 7.090   -7.595  -5.423  0.44 2.00  ? 34 DG  C C5    1 
ATOM   684 C  C6    . DG  C 1 10 ? 7.496   -7.736  -4.059  0.44 2.00  ? 34 DG  C C6    1 
ATOM   685 O  O6    . DG  C 1 10 ? 6.912   -8.483  -3.284  0.44 2.00  ? 34 DG  C O6    1 
ATOM   686 N  N1    . DG  C 1 10 ? 8.540   -6.948  -3.773  0.44 2.00  ? 34 DG  C N1    1 
ATOM   687 C  C2    . DG  C 1 10 ? 9.233   -6.139  -4.625  0.44 2.00  ? 34 DG  C C2    1 
ATOM   688 N  N2    . DG  C 1 10 ? 10.290  -5.579  -4.038  0.44 2.00  ? 34 DG  C N2    1 
ATOM   689 N  N3    . DG  C 1 10 ? 8.892   -5.984  -5.895  0.44 2.00  ? 34 DG  C N3    1 
ATOM   690 C  C4    . DG  C 1 10 ? 7.830   -6.797  -6.194  0.44 2.00  ? 34 DG  C C4    1 
ATOM   691 P  P     . DC  C 1 11 ? 9.468   -6.079  -12.389 0.44 60.00 ? 35 DC  C P     1 
ATOM   692 O  OP1   . DC  C 1 11 ? 8.411   -5.503  -13.234 0.44 60.00 ? 35 DC  C OP1   1 
ATOM   693 O  OP2   . DC  C 1 11 ? 9.904   -7.376  -12.304 0.44 60.00 ? 35 DC  C OP2   1 
ATOM   694 O  "O5'" . DC  C 1 11 ? 10.633  -4.858  -12.320 0.44 60.00 ? 35 DC  C "O5'" 1 
ATOM   695 C  "C5'" . DC  C 1 11 ? 10.698  -4.064  -11.096 0.44 11.58 ? 35 DC  C "C5'" 1 
ATOM   696 C  "C4'" . DC  C 1 11 ? 11.839  -4.573  -10.210 0.44 11.58 ? 35 DC  C "C4'" 1 
ATOM   697 O  "O4'" . DC  C 1 11 ? 11.334  -5.329  -9.087  0.44 11.58 ? 35 DC  C "O4'" 1 
ATOM   698 C  "C3'" . DC  C 1 11 ? 12.897  -5.408  -10.860 0.44 11.58 ? 35 DC  C "C3'" 1 
ATOM   699 O  "O3'" . DC  C 1 11 ? 14.287  -5.209  -10.414 0.44 11.58 ? 35 DC  C "O3'" 1 
ATOM   700 C  "C2'" . DC  C 1 11 ? 12.489  -6.808  -10.394 0.44 11.58 ? 35 DC  C "C2'" 1 
ATOM   701 C  "C1'" . DC  C 1 11 ? 11.979  -6.548  -8.975  0.44 11.58 ? 35 DC  C "C1'" 1 
ATOM   702 N  N1    . DC  C 1 11 ? 11.121  -7.680  -8.558  0.44 8.69  ? 35 DC  C N1    1 
ATOM   703 C  C2    . DC  C 1 11 ? 11.193  -8.004  -7.226  0.44 8.69  ? 35 DC  C C2    1 
ATOM   704 O  O2    . DC  C 1 11 ? 11.846  -7.423  -6.382  0.44 8.69  ? 35 DC  C O2    1 
ATOM   705 N  N3    . DC  C 1 11 ? 10.455  -9.097  -6.791  0.44 8.69  ? 35 DC  C N3    1 
ATOM   706 C  C4    . DC  C 1 11 ? 9.719   -9.789  -7.675  0.44 8.69  ? 35 DC  C C4    1 
ATOM   707 N  N4    . DC  C 1 11 ? 8.987   -10.711 -7.097  0.44 8.69  ? 35 DC  C N4    1 
ATOM   708 C  C5    . DC  C 1 11 ? 9.595   -9.413  -9.050  0.44 8.69  ? 35 DC  C C5    1 
ATOM   709 C  C6    . DC  C 1 11 ? 10.315  -8.381  -9.413  0.44 8.69  ? 35 DC  C C6    1 
ATOM   710 P  P     . DG  C 1 12 ? 15.527  -5.839  -11.196 0.44 39.01 ? 36 DG  C P     1 
ATOM   711 O  OP1   . DG  C 1 12 ? 16.615  -4.924  -11.188 0.44 39.01 ? 36 DG  C OP1   1 
ATOM   712 O  OP2   . DG  C 1 12 ? 14.949  -6.459  -12.483 0.44 39.01 ? 36 DG  C OP2   1 
ATOM   713 O  "O5'" . DG  C 1 12 ? 15.921  -7.034  -10.224 0.44 39.01 ? 36 DG  C "O5'" 1 
ATOM   714 C  "C5'" . DG  C 1 12 ? 17.237  -7.123  -9.658  0.44 19.13 ? 36 DG  C "C5'" 1 
ATOM   715 C  "C4'" . DG  C 1 12 ? 17.258  -7.596  -8.287  0.44 19.13 ? 36 DG  C "C4'" 1 
ATOM   716 O  "O4'" . DG  C 1 12 ? 16.074  -7.735  -7.504  0.44 19.13 ? 36 DG  C "O4'" 1 
ATOM   717 C  "C3'" . DG  C 1 12 ? 18.134  -8.841  -8.005  0.44 19.13 ? 36 DG  C "C3'" 1 
ATOM   718 O  "O3'" . DG  C 1 12 ? 19.055  -8.773  -6.930  0.44 19.13 ? 36 DG  C "O3'" 1 
ATOM   719 C  "C2'" . DG  C 1 12 ? 17.027  -9.825  -7.660  0.44 19.13 ? 36 DG  C "C2'" 1 
ATOM   720 C  "C1'" . DG  C 1 12 ? 16.022  -9.025  -6.872  0.44 19.13 ? 36 DG  C "C1'" 1 
ATOM   721 N  N9    . DG  C 1 12 ? 14.819  -9.811  -7.169  0.44 14.00 ? 36 DG  C N9    1 
ATOM   722 C  C8    . DG  C 1 12 ? 14.260  -9.807  -8.439  0.44 14.00 ? 36 DG  C C8    1 
ATOM   723 N  N7    . DG  C 1 12 ? 13.263  -10.641 -8.617  0.44 14.00 ? 36 DG  C N7    1 
ATOM   724 C  C5    . DG  C 1 12 ? 13.143  -11.198 -7.331  0.44 14.00 ? 36 DG  C C5    1 
ATOM   725 C  C6    . DG  C 1 12 ? 12.223  -12.092 -6.817  0.44 14.00 ? 36 DG  C C6    1 
ATOM   726 O  O6    . DG  C 1 12 ? 11.295  -12.588 -7.397  0.44 14.00 ? 36 DG  C O6    1 
ATOM   727 N  N1    . DG  C 1 12 ? 12.446  -12.458 -5.548  0.44 14.00 ? 36 DG  C N1    1 
ATOM   728 C  C2    . DG  C 1 12 ? 13.391  -11.954 -4.743  0.44 14.00 ? 36 DG  C C2    1 
ATOM   729 N  N2    . DG  C 1 12 ? 13.401  -12.509 -3.527  0.44 14.00 ? 36 DG  C N2    1 
ATOM   730 N  N3    . DG  C 1 12 ? 14.275  -11.095 -5.171  0.44 14.00 ? 36 DG  C N3    1 
ATOM   731 C  C4    . DG  C 1 12 ? 14.085  -10.704 -6.452  0.44 14.00 ? 36 DG  C C4    1 
ATOM   732 O  "O5'" . DC  D 2 1  ? 7.939   -18.967 -1.086  0.44 60.00 ? 37 DC  D "O5'" 1 
ATOM   733 C  "C5'" . DC  D 2 1  ? 8.894   -19.076 -0.146  0.44 13.63 ? 37 DC  D "C5'" 1 
ATOM   734 C  "C4'" . DC  D 2 1  ? 9.711   -17.806 0.036   0.44 13.63 ? 37 DC  D "C4'" 1 
ATOM   735 O  "O4'" . DC  D 2 1  ? 10.181  -17.340 -1.240  0.44 13.63 ? 37 DC  D "O4'" 1 
ATOM   736 C  "C3'" . DC  D 2 1  ? 9.027   -16.575 0.589   0.44 13.63 ? 37 DC  D "C3'" 1 
ATOM   737 O  "O3'" . DC  D 2 1  ? 10.057  -15.817 1.227   0.44 13.63 ? 37 DC  D "O3'" 1 
ATOM   738 C  "C2'" . DC  D 2 1  ? 8.568   -15.794 -0.632  0.44 13.63 ? 37 DC  D "C2'" 1 
ATOM   739 C  "C1'" . DC  D 2 1  ? 9.776   -15.993 -1.523  0.44 13.63 ? 37 DC  D "C1'" 1 
ATOM   740 N  N1    . DC  D 2 1  ? 9.519   -15.583 -2.925  0.44 21.57 ? 37 DC  D N1    1 
ATOM   741 C  C2    . DC  D 2 1  ? 10.490  -14.754 -3.422  0.44 21.57 ? 37 DC  D C2    1 
ATOM   742 O  O2    . DC  D 2 1  ? 11.438  -14.389 -2.715  0.44 21.57 ? 37 DC  D O2    1 
ATOM   743 N  N3    . DC  D 2 1  ? 10.402  -14.197 -4.658  0.44 21.57 ? 37 DC  D N3    1 
ATOM   744 C  C4    . DC  D 2 1  ? 9.345   -14.521 -5.458  0.44 21.57 ? 37 DC  D C4    1 
ATOM   745 N  N4    . DC  D 2 1  ? 9.207   -14.008 -6.705  0.44 21.57 ? 37 DC  D N4    1 
ATOM   746 C  C5    . DC  D 2 1  ? 8.400   -15.445 -4.975  0.44 21.57 ? 37 DC  D C5    1 
ATOM   747 C  C6    . DC  D 2 1  ? 8.484   -15.891 -3.708  0.44 21.57 ? 37 DC  D C6    1 
ATOM   748 P  P     . DG  D 2 2  ? 9.904   -15.448 2.774   0.44 50.59 ? 38 DG  D P     1 
ATOM   749 O  OP1   . DG  D 2 2  ? 10.445  -16.525 3.612   0.44 50.59 ? 38 DG  D OP1   1 
ATOM   750 O  OP2   . DG  D 2 2  ? 8.952   -14.318 2.890   0.44 50.59 ? 38 DG  D OP2   1 
ATOM   751 O  "O5'" . DG  D 2 2  ? 11.103  -14.443 3.053   0.44 50.59 ? 38 DG  D "O5'" 1 
ATOM   752 C  "C5'" . DG  D 2 2  ? 12.132  -14.132 2.086   0.44 15.33 ? 38 DG  D "C5'" 1 
ATOM   753 C  "C4'" . DG  D 2 2  ? 12.448  -12.642 2.096   0.44 15.33 ? 38 DG  D "C4'" 1 
ATOM   754 O  "O4'" . DG  D 2 2  ? 12.225  -12.113 0.752   0.44 15.33 ? 38 DG  D "O4'" 1 
ATOM   755 C  "C3'" . DG  D 2 2  ? 11.434  -11.928 2.929   0.44 15.33 ? 38 DG  D "C3'" 1 
ATOM   756 O  "O3'" . DG  D 2 2  ? 12.007  -10.609 3.242   0.44 15.33 ? 38 DG  D "O3'" 1 
ATOM   757 C  "C2'" . DG  D 2 2  ? 10.279  -11.690 1.976   0.44 15.33 ? 38 DG  D "C2'" 1 
ATOM   758 C  "C1'" . DG  D 2 2  ? 11.060  -11.256 0.762   0.44 15.33 ? 38 DG  D "C1'" 1 
ATOM   759 N  N9    . DG  D 2 2  ? 10.189  -11.366 -0.393  0.44 10.65 ? 38 DG  D N9    1 
ATOM   760 C  C8    . DG  D 2 2  ? 9.049   -12.151 -0.492  0.44 10.65 ? 38 DG  D C8    1 
ATOM   761 N  N7    . DG  D 2 2  ? 8.452   -12.091 -1.652  0.44 10.65 ? 38 DG  D N7    1 
ATOM   762 C  C5    . DG  D 2 2  ? 9.289   -11.175 -2.352  0.44 10.65 ? 38 DG  D C5    1 
ATOM   763 C  C6    . DG  D 2 2  ? 9.236   -10.700 -3.687  0.44 10.65 ? 38 DG  D C6    1 
ATOM   764 O  O6    . DG  D 2 2  ? 8.339   -11.039 -4.449  0.44 10.65 ? 38 DG  D O6    1 
ATOM   765 N  N1    . DG  D 2 2  ? 10.239  -9.894  -4.052  0.44 10.65 ? 38 DG  D N1    1 
ATOM   766 C  C2    . DG  D 2 2  ? 11.186  -9.485  -3.205  0.44 10.65 ? 38 DG  D C2    1 
ATOM   767 N  N2    . DG  D 2 2  ? 12.107  -8.636  -3.711  0.44 10.65 ? 38 DG  D N2    1 
ATOM   768 N  N3    . DG  D 2 2  ? 11.334  -9.955  -1.960  0.44 10.65 ? 38 DG  D N3    1 
ATOM   769 C  C4    . DG  D 2 2  ? 10.352  -10.750 -1.602  0.44 10.65 ? 38 DG  D C4    1 
ATOM   770 P  P     . DC  D 2 3  ? 11.303  -9.469  4.188   0.44 5.41  ? 39 DC  D P     1 
ATOM   771 O  OP1   . DC  D 2 3  ? 11.958  -9.693  5.491   0.44 5.41  ? 39 DC  D OP1   1 
ATOM   772 O  OP2   . DC  D 2 3  ? 9.845   -9.634  3.890   0.44 5.41  ? 39 DC  D OP2   1 
ATOM   773 O  "O5'" . DC  D 2 3  ? 11.817  -8.222  3.449   0.44 5.41  ? 39 DC  D "O5'" 1 
ATOM   774 C  "C5'" . DC  D 2 3  ? 13.175  -7.707  3.350   0.44 60.00 ? 39 DC  D "C5'" 1 
ATOM   775 C  "C4'" . DC  D 2 3  ? 13.396  -6.761  2.224   0.44 60.00 ? 39 DC  D "C4'" 1 
ATOM   776 O  "O4'" . DC  D 2 3  ? 12.687  -7.234  1.035   0.44 60.00 ? 39 DC  D "O4'" 1 
ATOM   777 C  "C3'" . DC  D 2 3  ? 12.937  -5.297  2.278   0.44 60.00 ? 39 DC  D "C3'" 1 
ATOM   778 O  "O3'" . DC  D 2 3  ? 13.648  -4.363  1.467   0.44 60.00 ? 39 DC  D "O3'" 1 
ATOM   779 C  "C2'" . DC  D 2 3  ? 11.590  -5.327  1.567   0.44 60.00 ? 39 DC  D "C2'" 1 
ATOM   780 C  "C1'" . DC  D 2 3  ? 11.869  -6.250  0.445   0.44 60.00 ? 39 DC  D "C1'" 1 
ATOM   781 N  N1    . DC  D 2 3  ? 10.655  -6.873  0.023   0.44 2.00  ? 39 DC  D N1    1 
ATOM   782 C  C2    . DC  D 2 3  ? 10.254  -6.679  -1.279  0.44 2.00  ? 39 DC  D C2    1 
ATOM   783 O  O2    . DC  D 2 3  ? 11.007  -6.056  -2.010  0.44 2.00  ? 39 DC  D O2    1 
ATOM   784 N  N3    . DC  D 2 3  ? 9.047   -7.192  -1.607  0.44 2.00  ? 39 DC  D N3    1 
ATOM   785 C  C4    . DC  D 2 3  ? 8.354   -7.987  -0.752  0.44 2.00  ? 39 DC  D C4    1 
ATOM   786 N  N4    . DC  D 2 3  ? 7.215   -8.520  -1.189  0.44 2.00  ? 39 DC  D N4    1 
ATOM   787 C  C5    . DC  D 2 3  ? 8.762   -8.154  0.582   0.44 2.00  ? 39 DC  D C5    1 
ATOM   788 C  C6    . DC  D 2 3  ? 9.893   -7.550  0.943   0.44 2.00  ? 39 DC  D C6    1 
ATOM   789 P  P     . DA  D 2 4  ? 13.530  -2.724  1.645   0.44 14.35 ? 40 DA  D P     1 
ATOM   790 O  OP1   . DA  D 2 4  ? 14.976  -2.415  1.591   0.44 14.35 ? 40 DA  D OP1   1 
ATOM   791 O  OP2   . DA  D 2 4  ? 12.619  -2.541  2.645   0.44 14.35 ? 40 DA  D OP2   1 
ATOM   792 O  "O5'" . DA  D 2 4  ? 12.647  -2.818  0.113   0.44 14.35 ? 40 DA  D "O5'" 1 
ATOM   793 C  "C5'" . DA  D 2 4  ? 13.301  -1.945  -0.846  0.44 37.32 ? 40 DA  D "C5'" 1 
ATOM   794 C  "C4'" . DA  D 2 4  ? 12.270  -1.146  -1.453  0.44 37.32 ? 40 DA  D "C4'" 1 
ATOM   795 O  "O4'" . DA  D 2 4  ? 11.150  -1.690  -2.124  0.44 37.32 ? 40 DA  D "O4'" 1 
ATOM   796 C  "C3'" . DA  D 2 4  ? 11.704  -0.327  -0.328  0.44 37.32 ? 40 DA  D "C3'" 1 
ATOM   797 O  "O3'" . DA  D 2 4  ? 11.379  0.961   -0.962  0.44 37.32 ? 40 DA  D "O3'" 1 
ATOM   798 C  "C2'" . DA  D 2 4  ? 10.395  -1.008  0.025   0.44 37.32 ? 40 DA  D "C2'" 1 
ATOM   799 C  "C1'" . DA  D 2 4  ? 9.939   -1.375  -1.418  0.44 37.32 ? 40 DA  D "C1'" 1 
ATOM   800 N  N9    . DA  D 2 4  ? 9.011   -2.485  -1.257  0.44 29.62 ? 40 DA  D N9    1 
ATOM   801 C  C8    . DA  D 2 4  ? 8.710   -3.163  -0.110  0.44 29.62 ? 40 DA  D C8    1 
ATOM   802 N  N7    . DA  D 2 4  ? 7.775   -4.084  -0.202  0.44 29.62 ? 40 DA  D N7    1 
ATOM   803 C  C5    . DA  D 2 4  ? 7.427   -3.971  -1.572  0.44 29.62 ? 40 DA  D C5    1 
ATOM   804 C  C6    . DA  D 2 4  ? 6.483   -4.685  -2.316  0.44 29.62 ? 40 DA  D C6    1 
ATOM   805 N  N6    . DA  D 2 4  ? 5.750   -5.701  -1.779  0.44 29.62 ? 40 DA  D N6    1 
ATOM   806 N  N1    . DA  D 2 4  ? 6.389   -4.302  -3.606  0.44 29.62 ? 40 DA  D N1    1 
ATOM   807 C  C2    . DA  D 2 4  ? 7.167   -3.322  -4.161  0.44 29.62 ? 40 DA  D C2    1 
ATOM   808 N  N3    . DA  D 2 4  ? 8.089   -2.588  -3.530  0.44 29.62 ? 40 DA  D N3    1 
ATOM   809 C  C4    . DA  D 2 4  ? 8.140   -2.989  -2.213  0.44 29.62 ? 40 DA  D C4    1 
ATOM   810 P  P     . DT  D 2 5  ? 11.050  2.203   -0.066  0.44 60.00 ? 41 DT  D P     1 
ATOM   811 O  OP1   . DT  D 2 5  ? 12.317  3.033   0.276   0.44 60.00 ? 41 DT  D OP1   1 
ATOM   812 O  OP2   . DT  D 2 5  ? 10.158  2.083   1.015   0.44 60.00 ? 41 DT  D OP2   1 
ATOM   813 O  "O5'" . DT  D 2 5  ? 10.069  3.050   -1.240  0.44 60.00 ? 41 DT  D "O5'" 1 
ATOM   814 C  "C5'" . DT  D 2 5  ? 10.694  2.992   -2.558  0.44 6.01  ? 41 DT  D "C5'" 1 
ATOM   815 C  "C4'" . DT  D 2 5  ? 9.675   2.617   -3.611  0.44 6.01  ? 41 DT  D "C4'" 1 
ATOM   816 O  "O4'" . DT  D 2 5  ? 9.037   1.370   -3.375  0.44 6.01  ? 41 DT  D "O4'" 1 
ATOM   817 C  "C3'" . DT  D 2 5  ? 8.475   3.561   -3.885  0.44 6.01  ? 41 DT  D "C3'" 1 
ATOM   818 O  "O3'" . DT  D 2 5  ? 8.331   3.703   -5.325  0.44 6.01  ? 41 DT  D "O3'" 1 
ATOM   819 C  "C2'" . DT  D 2 5  ? 7.325   2.820   -3.303  0.44 6.01  ? 41 DT  D "C2'" 1 
ATOM   820 C  "C1'" . DT  D 2 5  ? 7.620   1.388   -3.592  0.44 6.01  ? 41 DT  D "C1'" 1 
ATOM   821 N  N1    . DT  D 2 5  ? 6.883   0.515   -2.704  0.44 6.50  ? 41 DT  D N1    1 
ATOM   822 C  C2    . DT  D 2 5  ? 5.951   -0.403  -3.139  0.44 6.50  ? 41 DT  D C2    1 
ATOM   823 O  O2    . DT  D 2 5  ? 5.702   -0.472  -4.363  0.44 6.50  ? 41 DT  D O2    1 
ATOM   824 N  N3    . DT  D 2 5  ? 5.278   -1.137  -2.193  0.44 6.50  ? 41 DT  D N3    1 
ATOM   825 C  C4    . DT  D 2 5  ? 5.634   -0.934  -0.871  0.44 6.50  ? 41 DT  D C4    1 
ATOM   826 O  O4    . DT  D 2 5  ? 5.109   -1.624  0.089   0.44 6.50  ? 41 DT  D O4    1 
ATOM   827 C  C5    . DT  D 2 5  ? 6.520   0.073   -0.440  0.44 6.50  ? 41 DT  D C5    1 
ATOM   828 C  C7    . DT  D 2 5  ? 6.959   0.284   1.001   0.44 6.50  ? 41 DT  D C7    1 
ATOM   829 C  C6    . DT  D 2 5  ? 7.136   0.759   -1.385  0.44 6.50  ? 41 DT  D C6    1 
ATOM   830 P  P     . DT  D 2 6  ? 7.445   4.922   -5.911  0.44 2.14  ? 42 DT  D P     1 
ATOM   831 O  OP1   . DT  D 2 6  ? 7.873   4.889   -7.439  0.44 2.14  ? 42 DT  D OP1   1 
ATOM   832 O  OP2   . DT  D 2 6  ? 7.429   5.939   -4.961  0.44 2.14  ? 42 DT  D OP2   1 
ATOM   833 O  "O5'" . DT  D 2 6  ? 6.055   4.060   -6.234  0.44 2.14  ? 42 DT  D "O5'" 1 
ATOM   834 C  "C5'" . DT  D 2 6  ? 5.726   3.744   -7.612  0.44 2.00  ? 42 DT  D "C5'" 1 
ATOM   835 C  "C4'" . DT  D 2 6  ? 4.445   2.976   -7.682  0.44 2.00  ? 42 DT  D "C4'" 1 
ATOM   836 O  "O4'" . DT  D 2 6  ? 4.245   2.186   -6.498  0.44 2.00  ? 42 DT  D "O4'" 1 
ATOM   837 C  "C3'" . DT  D 2 6  ? 3.227   3.912   -7.689  0.44 2.00  ? 42 DT  D "C3'" 1 
ATOM   838 O  "O3'" . DT  D 2 6  ? 2.238   3.414   -8.585  0.44 2.00  ? 42 DT  D "O3'" 1 
ATOM   839 C  "C2'" . DT  D 2 6  ? 2.791   3.921   -6.218  0.44 2.00  ? 42 DT  D "C2'" 1 
ATOM   840 C  "C1'" . DT  D 2 6  ? 3.035   2.514   -5.772  0.44 2.00  ? 42 DT  D "C1'" 1 
ATOM   841 N  N1    . DT  D 2 6  ? 3.039   2.277   -4.295  0.44 12.22 ? 42 DT  D N1    1 
ATOM   842 C  C2    . DT  D 2 6  ? 2.135   1.318   -3.858  0.44 12.22 ? 42 DT  D C2    1 
ATOM   843 O  O2    . DT  D 2 6  ? 1.425   0.829   -4.730  0.44 12.22 ? 42 DT  D O2    1 
ATOM   844 N  N3    . DT  D 2 6  ? 1.919   0.986   -2.548  0.44 12.22 ? 42 DT  D N3    1 
ATOM   845 C  C4    . DT  D 2 6  ? 2.682   1.658   -1.636  0.44 12.22 ? 42 DT  D C4    1 
ATOM   846 O  O4    . DT  D 2 6  ? 2.639   1.491   -0.363  0.44 12.22 ? 42 DT  D O4    1 
ATOM   847 C  C5    . DT  D 2 6  ? 3.593   2.662   -2.095  0.44 12.22 ? 42 DT  D C5    1 
ATOM   848 C  C7    . DT  D 2 6  ? 4.403   3.416   -1.049  0.44 12.22 ? 42 DT  D C7    1 
ATOM   849 C  C6    . DT  D 2 6  ? 3.718   2.994   -3.373  0.44 12.22 ? 42 DT  D C6    1 
ATOM   850 P  P     . DT  D 2 7  ? 1.225   4.297   -9.420  0.44 2.83  ? 43 DT  D P     1 
ATOM   851 O  OP1   . DT  D 2 7  ? 1.040   4.028   -10.766 0.44 2.83  ? 43 DT  D OP1   1 
ATOM   852 O  OP2   . DT  D 2 7  ? 1.197   5.729   -9.008  0.44 2.83  ? 43 DT  D OP2   1 
ATOM   853 O  "O5'" . DT  D 2 7  ? -0.122  3.960   -8.533  0.44 2.83  ? 43 DT  D "O5'" 1 
ATOM   854 C  "C5'" . DT  D 2 7  ? -0.359  2.499   -8.415  0.44 2.00  ? 43 DT  D "C5'" 1 
ATOM   855 C  "C4'" . DT  D 2 7  ? -1.227  2.366   -7.233  0.44 2.00  ? 43 DT  D "C4'" 1 
ATOM   856 O  "O4'" . DT  D 2 7  ? -0.473  2.707   -6.009  0.44 2.00  ? 43 DT  D "O4'" 1 
ATOM   857 C  "C3'" . DT  D 2 7  ? -2.384  3.404   -7.142  0.44 2.00  ? 43 DT  D "C3'" 1 
ATOM   858 O  "O3'" . DT  D 2 7  ? -3.500  2.798   -7.767  0.44 2.00  ? 43 DT  D "O3'" 1 
ATOM   859 C  "C2'" . DT  D 2 7  ? -2.454  3.731   -5.646  0.44 2.00  ? 43 DT  D "C2'" 1 
ATOM   860 C  "C1'" . DT  D 2 7  ? -1.481  2.770   -4.974  0.44 2.00  ? 43 DT  D "C1'" 1 
ATOM   861 N  N1    . DT  D 2 7  ? -0.922  3.120   -3.661  0.44 2.00  ? 43 DT  D N1    1 
ATOM   862 C  C2    . DT  D 2 7  ? -1.274  2.390   -2.528  0.44 2.00  ? 43 DT  D C2    1 
ATOM   863 O  O2    . DT  D 2 7  ? -1.993  1.371   -2.518  0.44 2.00  ? 43 DT  D O2    1 
ATOM   864 N  N3    . DT  D 2 7  ? -0.717  2.665   -1.271  0.44 2.00  ? 43 DT  D N3    1 
ATOM   865 C  C4    . DT  D 2 7  ? 0.124   3.709   -1.167  0.44 2.00  ? 43 DT  D C4    1 
ATOM   866 O  O4    . DT  D 2 7  ? 0.638   4.011   -0.061  0.44 2.00  ? 43 DT  D O4    1 
ATOM   867 C  C5    . DT  D 2 7  ? 0.373   4.527   -2.299  0.44 2.00  ? 43 DT  D C5    1 
ATOM   868 C  C7    . DT  D 2 7  ? 1.352   5.690   -2.149  0.44 2.00  ? 43 DT  D C7    1 
ATOM   869 C  C6    . DT  D 2 7  ? -0.098  4.161   -3.497  0.44 2.00  ? 43 DT  D C6    1 
ATOM   870 P  P     . DT  D 2 8  ? -5.012  3.411   -7.780  0.44 13.33 ? 44 DT  D P     1 
ATOM   871 O  OP1   . DT  D 2 8  ? -5.495  2.937   -9.038  0.44 13.33 ? 44 DT  D OP1   1 
ATOM   872 O  OP2   . DT  D 2 8  ? -4.799  4.805   -7.336  0.44 13.33 ? 44 DT  D OP2   1 
ATOM   873 O  "O5'" . DT  D 2 8  ? -5.390  2.653   -6.343  0.44 13.33 ? 44 DT  D "O5'" 1 
ATOM   874 C  "C5'" . DT  D 2 8  ? -5.818  1.211   -6.584  0.44 32.44 ? 44 DT  D "C5'" 1 
ATOM   875 C  "C4'" . DT  D 2 8  ? -6.260  0.608   -5.292  0.44 32.44 ? 44 DT  D "C4'" 1 
ATOM   876 O  "O4'" . DT  D 2 8  ? -5.337  0.901   -4.216  0.44 32.44 ? 44 DT  D "O4'" 1 
ATOM   877 C  "C3'" . DT  D 2 8  ? -7.641  1.128   -4.769  0.44 32.44 ? 44 DT  D "C3'" 1 
ATOM   878 O  "O3'" . DT  D 2 8  ? -8.402  0.081   -4.217  0.44 32.44 ? 44 DT  D "O3'" 1 
ATOM   879 C  "C2'" . DT  D 2 8  ? -7.280  2.184   -3.725  0.44 32.44 ? 44 DT  D "C2'" 1 
ATOM   880 C  "C1'" . DT  D 2 8  ? -6.037  1.584   -3.116  0.44 32.44 ? 44 DT  D "C1'" 1 
ATOM   881 N  N1    . DT  D 2 8  ? -5.182  2.578   -2.447  0.44 31.86 ? 44 DT  D N1    1 
ATOM   882 C  C2    . DT  D 2 8  ? -4.939  2.281   -1.119  0.44 31.86 ? 44 DT  D C2    1 
ATOM   883 O  O2    . DT  D 2 8  ? -5.324  1.288   -0.494  0.44 31.86 ? 44 DT  D O2    1 
ATOM   884 N  N3    . DT  D 2 8  ? -4.126  3.097   -0.398  0.44 31.86 ? 44 DT  D N3    1 
ATOM   885 C  C4    . DT  D 2 8  ? -3.630  4.175   -0.949  0.44 31.86 ? 44 DT  D C4    1 
ATOM   886 O  O4    . DT  D 2 8  ? -2.896  4.836   -0.175  0.44 31.86 ? 44 DT  D O4    1 
ATOM   887 C  C5    . DT  D 2 8  ? -3.928  4.529   -2.307  0.44 31.86 ? 44 DT  D C5    1 
ATOM   888 C  C7    . DT  D 2 8  ? -3.270  5.843   -2.791  0.44 31.86 ? 44 DT  D C7    1 
ATOM   889 C  C6    . DT  D 2 8  ? -4.670  3.701   -3.031  0.44 31.86 ? 44 DT  D C6    1 
ATOM   890 P  P     . DT  D 2 9  ? -9.932  -0.165  -4.227  0.44 40.36 ? 45 DT  D P     1 
ATOM   891 O  OP1   . DT  D 2 9  ? -10.675 -0.727  -5.348  0.44 40.36 ? 45 DT  D OP1   1 
ATOM   892 O  OP2   . DT  D 2 9  ? -10.662 1.300   -4.448  0.44 40.36 ? 45 DT  D OP2   1 
ATOM   893 O  "O5'" . DT  D 2 9  ? -10.384 -0.710  -2.726  0.44 40.36 ? 45 DT  D "O5'" 1 
ATOM   894 C  "C5'" . DT  D 2 9  ? -10.452 0.292   -1.752  0.44 60.00 ? 45 DT  D "C5'" 1 
ATOM   895 C  "C4'" . DT  D 2 9  ? -9.965  -0.223  -0.385  0.44 60.00 ? 45 DT  D "C4'" 1 
ATOM   896 O  "O4'" . DT  D 2 9  ? -8.697  0.404   -0.060  0.44 60.00 ? 45 DT  D "O4'" 1 
ATOM   897 C  "C3'" . DT  D 2 9  ? -10.873 0.225   0.697   0.44 60.00 ? 45 DT  D "C3'" 1 
ATOM   898 O  "O3'" . DT  D 2 9  ? -10.563 -0.556  1.836   0.44 60.00 ? 45 DT  D "O3'" 1 
ATOM   899 C  "C2'" . DT  D 2 9  ? -10.335 1.624   1.048   0.44 60.00 ? 45 DT  D "C2'" 1 
ATOM   900 C  "C1'" . DT  D 2 9  ? -8.851  1.323   1.013   0.44 60.00 ? 45 DT  D "C1'" 1 
ATOM   901 N  N1    . DT  D 2 9  ? -8.143  2.587   0.809   0.44 31.72 ? 45 DT  D N1    1 
ATOM   902 C  C2    . DT  D 2 9  ? -7.405  3.026   1.910   0.44 31.72 ? 45 DT  D C2    1 
ATOM   903 O  O2    . DT  D 2 9  ? -7.417  2.328   2.923   0.44 31.72 ? 45 DT  D O2    1 
ATOM   904 N  N3    . DT  D 2 9  ? -6.754  4.205   1.851   0.44 31.72 ? 45 DT  D N3    1 
ATOM   905 C  C4    . DT  D 2 9  ? -6.879  5.003   0.728   0.44 31.72 ? 45 DT  D C4    1 
ATOM   906 O  O4    . DT  D 2 9  ? -6.228  6.110   0.660   0.44 31.72 ? 45 DT  D O4    1 
ATOM   907 C  C5    . DT  D 2 9  ? -7.647  4.538   -0.359  0.44 31.72 ? 45 DT  D C5    1 
ATOM   908 C  C7    . DT  D 2 9  ? -7.702  5.337   -1.625  0.44 31.72 ? 45 DT  D C7    1 
ATOM   909 C  C6    . DT  D 2 9  ? -8.252  3.331   -0.312  0.44 31.72 ? 45 DT  D C6    1 
ATOM   910 P  P     . DG  D 2 10 ? -11.606 -1.646  2.448   0.44 40.52 ? 46 DG  D P     1 
ATOM   911 O  OP1   . DG  D 2 10 ? -10.765 -2.632  2.955   0.44 40.52 ? 46 DG  D OP1   1 
ATOM   912 O  OP2   . DG  D 2 10 ? -12.887 -1.122  1.799   0.44 40.52 ? 46 DG  D OP2   1 
ATOM   913 O  "O5'" . DG  D 2 10 ? -11.820 -0.844  3.969   0.44 40.52 ? 46 DG  D "O5'" 1 
ATOM   914 C  "C5'" . DG  D 2 10 ? -10.895 0.276   4.105   0.44 17.84 ? 46 DG  D "C5'" 1 
ATOM   915 C  "C4'" . DG  D 2 10 ? -11.612 1.367   4.932   0.44 17.84 ? 46 DG  D "C4'" 1 
ATOM   916 O  "O4'" . DG  D 2 10 ? -11.085 2.662   4.565   0.44 17.84 ? 46 DG  D "O4'" 1 
ATOM   917 C  "C3'" . DG  D 2 10 ? -13.131 1.446   4.667   0.44 17.84 ? 46 DG  D "C3'" 1 
ATOM   918 O  "O3'" . DG  D 2 10 ? -13.876 1.981   5.756   0.44 17.84 ? 46 DG  D "O3'" 1 
ATOM   919 C  "C2'" . DG  D 2 10 ? -13.234 2.525   3.574   0.44 17.84 ? 46 DG  D "C2'" 1 
ATOM   920 C  "C1'" . DG  D 2 10 ? -12.201 3.487   4.025   0.44 17.84 ? 46 DG  D "C1'" 1 
ATOM   921 N  N9    . DG  D 2 10 ? -11.770 4.437   3.007   0.44 60.00 ? 46 DG  D N9    1 
ATOM   922 C  C8    . DG  D 2 10 ? -12.046 4.789   1.699   0.44 60.00 ? 46 DG  D C8    1 
ATOM   923 N  N7    . DG  D 2 10 ? -11.277 5.758   1.291   0.44 60.00 ? 46 DG  D N7    1 
ATOM   924 C  C5    . DG  D 2 10 ? -10.325 5.950   2.302   0.44 60.00 ? 46 DG  D C5    1 
ATOM   925 C  C6    . DG  D 2 10 ? -9.272  6.855   2.407   0.44 60.00 ? 46 DG  D C6    1 
ATOM   926 O  O6    . DG  D 2 10 ? -8.941  7.696   1.512   0.44 60.00 ? 46 DG  D O6    1 
ATOM   927 N  N1    . DG  D 2 10 ? -8.627  6.769   3.632   0.44 60.00 ? 46 DG  D N1    1 
ATOM   928 C  C2    . DG  D 2 10 ? -8.969  5.911   4.570   0.44 60.00 ? 46 DG  D C2    1 
ATOM   929 N  N2    . DG  D 2 10 ? -8.228  5.994   5.667   0.44 60.00 ? 46 DG  D N2    1 
ATOM   930 N  N3    . DG  D 2 10 ? -9.985  5.049   4.542   0.44 60.00 ? 46 DG  D N3    1 
ATOM   931 C  C4    . DG  D 2 10 ? -10.646 5.172   3.372   0.44 60.00 ? 46 DG  D C4    1 
ATOM   932 P  P     . DC  D 2 11 ? -14.783 1.205   6.822   0.44 60.00 ? 47 DC  D P     1 
ATOM   933 O  OP1   . DC  D 2 11 ? -14.385 -0.291  6.652   0.44 60.00 ? 47 DC  D OP1   1 
ATOM   934 O  OP2   . DC  D 2 11 ? -16.198 1.731   6.731   0.44 60.00 ? 47 DC  D OP2   1 
ATOM   935 O  "O5'" . DC  D 2 11 ? -14.131 1.655   8.219   0.44 60.00 ? 47 DC  D "O5'" 1 
ATOM   936 C  "C5'" . DC  D 2 11 ? -12.790 1.043   8.644   0.44 2.97  ? 47 DC  D "C5'" 1 
ATOM   937 C  "C4'" . DC  D 2 11 ? -11.938 2.158   9.343   0.44 2.97  ? 47 DC  D "C4'" 1 
ATOM   938 O  "O4'" . DC  D 2 11 ? -11.645 3.247   8.470   0.44 2.97  ? 47 DC  D "O4'" 1 
ATOM   939 C  "C3'" . DC  D 2 11 ? -12.623 2.846   10.497  0.44 2.97  ? 47 DC  D "C3'" 1 
ATOM   940 O  "O3'" . DC  D 2 11 ? -11.605 3.224   11.417  0.44 2.97  ? 47 DC  D "O3'" 1 
ATOM   941 C  "C2'" . DC  D 2 11 ? -13.204 4.113   9.909   0.44 2.97  ? 47 DC  D "C2'" 1 
ATOM   942 C  "C1'" . DC  D 2 11 ? -12.110 4.534   8.960   0.44 2.97  ? 47 DC  D "C1'" 1 
ATOM   943 N  N1    . DC  D 2 11 ? -12.515 5.436   7.878   0.44 11.60 ? 47 DC  D N1    1 
ATOM   944 C  C2    . DC  D 2 11 ? -11.716 6.515   7.573   0.44 11.60 ? 47 DC  D C2    1 
ATOM   945 O  O2    . DC  D 2 11 ? -10.744 6.753   8.281   0.44 11.60 ? 47 DC  D O2    1 
ATOM   946 N  N3    . DC  D 2 11 ? -12.018 7.309   6.523   0.44 11.60 ? 47 DC  D N3    1 
ATOM   947 C  C4    . DC  D 2 11 ? -13.173 7.101   5.807   0.44 11.60 ? 47 DC  D C4    1 
ATOM   948 N  N4    . DC  D 2 11 ? -13.339 7.956   4.793   0.44 11.60 ? 47 DC  D N4    1 
ATOM   949 C  C5    . DC  D 2 11 ? -14.021 6.046   6.133   0.44 11.60 ? 47 DC  D C5    1 
ATOM   950 C  C6    . DC  D 2 11 ? -13.627 5.201   7.118   0.44 11.60 ? 47 DC  D C6    1 
ATOM   951 P  P     . DG  D 2 12 ? -11.827 3.543   12.993  0.44 60.00 ? 48 DG  D P     1 
ATOM   952 O  OP1   . DG  D 2 12 ? -10.795 2.544   13.592  0.44 60.00 ? 48 DG  D OP1   1 
ATOM   953 O  OP2   . DG  D 2 12 ? -13.241 4.057   13.058  0.44 60.00 ? 48 DG  D OP2   1 
ATOM   954 O  "O5'" . DG  D 2 12 ? -11.470 5.070   12.995  0.44 60.00 ? 48 DG  D "O5'" 1 
ATOM   955 C  "C5'" . DG  D 2 12 ? -10.597 5.654   13.960  0.44 42.20 ? 48 DG  D "C5'" 1 
ATOM   956 C  "C4'" . DG  D 2 12 ? -10.018 6.988   13.538  0.44 42.20 ? 48 DG  D "C4'" 1 
ATOM   957 O  "O4'" . DG  D 2 12 ? -10.310 7.284   12.152  0.44 42.20 ? 48 DG  D "O4'" 1 
ATOM   958 C  "C3'" . DG  D 2 12 ? -10.449 8.284   14.278  0.44 42.20 ? 48 DG  D "C3'" 1 
ATOM   959 O  "O3'" . DG  D 2 12 ? -9.354  9.162   14.638  0.44 42.20 ? 48 DG  D "O3'" 1 
ATOM   960 C  "C2'" . DG  D 2 12 ? -11.487 8.923   13.297  0.44 42.20 ? 48 DG  D "C2'" 1 
ATOM   961 C  "C1'" . DG  D 2 12 ? -10.906 8.573   11.951  0.44 42.20 ? 48 DG  D "C1'" 1 
ATOM   962 N  N9    . DG  D 2 12 ? -11.961 8.574   10.949  0.44 17.17 ? 48 DG  D N9    1 
ATOM   963 C  C8    . DG  D 2 12 ? -12.868 7.591   10.790  0.44 17.17 ? 48 DG  D C8    1 
ATOM   964 N  N7    . DG  D 2 12 ? -13.826 7.813   9.933   0.44 17.17 ? 48 DG  D N7    1 
ATOM   965 C  C5    . DG  D 2 12 ? -13.385 9.007   9.353   0.44 17.17 ? 48 DG  D C5    1 
ATOM   966 C  C6    . DG  D 2 12 ? -13.950 9.706   8.240   0.44 17.17 ? 48 DG  D C6    1 
ATOM   967 O  O6    . DG  D 2 12 ? -14.952 9.282   7.683   0.44 17.17 ? 48 DG  D O6    1 
ATOM   968 N  N1    . DG  D 2 12 ? -13.390 10.918  8.002   0.44 17.17 ? 48 DG  D N1    1 
ATOM   969 C  C2    . DG  D 2 12 ? -12.286 11.339  8.699   0.44 17.17 ? 48 DG  D C2    1 
ATOM   970 N  N2    . DG  D 2 12 ? -11.822 12.493  8.202   0.44 17.17 ? 48 DG  D N2    1 
ATOM   971 N  N3    . DG  D 2 12 ? -11.656 10.682  9.678   0.44 17.17 ? 48 DG  D N3    1 
ATOM   972 C  C4    . DG  D 2 12 ? -12.271 9.510   9.979   0.44 17.17 ? 48 DG  D C4    1 
HETATM 973 MG MG    . MG  E 3 .  ? 0.341   6.979   -5.529  1.00 55.37 ? 50 MG  A MG    1 
HETATM 974 MG MG    . MG  F 3 .  ? 5.167   8.147   -8.840  1.00 21.25 ? 49 MG  D MG    1 
HETATM 975 O  O     . HOH G 4 .  ? -11.096 4.396   17.545  1.00 37.61 ? 56 HOH A O     1 
HETATM 976 O  O     . HOH G 4 .  ? -16.228 3.956   7.341   1.00 33.20 ? 58 HOH A O     1 
HETATM 977 O  O     . HOH G 4 .  ? 9.096   -19.972 -4.950  1.00 46.72 ? 60 HOH A O     1 
HETATM 978 O  O     . HOH G 4 .  ? 15.493  0.569   -1.159  1.00 56.50 ? 61 HOH A O     1 
HETATM 979 O  O     . HOH G 4 .  ? 9.170   -1.628  5.296   1.00 60.00 ? 65 HOH A O     1 
HETATM 980 O  O     . HOH G 4 .  ? -10.618 8.842   -2.550  1.00 55.78 ? 66 HOH A O     1 
HETATM 981 O  O     . HOH G 4 .  ? -9.349  7.419   17.539  1.00 29.98 ? 71 HOH A O     1 
HETATM 982 O  O     . HOH H 4 .  ? 0.240   10.335  4.138   1.00 49.99 ? 51 HOH B O     1 
HETATM 983 O  O     . HOH H 4 .  ? 0.654   -0.839  8.468   1.00 31.21 ? 53 HOH B O     1 
HETATM 984 O  O     . HOH H 4 .  ? 7.460   -5.390  -17.010 1.00 39.61 ? 55 HOH B O     1 
HETATM 985 O  O     . HOH I 4 .  ? 3.365   2.315   2.808   1.00 30.84 ? 52 HOH C O     1 
HETATM 986 O  O     . HOH I 4 .  ? 7.316   -1.647  -8.290  1.00 55.05 ? 62 HOH C O     1 
HETATM 987 O  O     . HOH I 4 .  ? 4.629   4.734   5.409   1.00 58.77 ? 64 HOH C O     1 
HETATM 988 O  O     . HOH J 4 .  ? 2.690   -0.342  -8.250  1.00 55.39 ? 54 HOH D O     1 
HETATM 989 O  O     . HOH J 4 .  ? 5.595   -10.063 0.314   1.00 42.46 ? 57 HOH D O     1 
HETATM 990 O  O     . HOH J 4 .  ? -17.494 8.358   6.516   1.00 45.52 ? 59 HOH D O     1 
HETATM 991 O  O     . HOH J 4 .  ? -13.741 -2.393  6.718   1.00 45.46 ? 63 HOH D O     1 
HETATM 992 O  O     . HOH J 4 .  ? -19.025 7.928   8.215   1.00 53.50 ? 67 HOH D O     1 
HETATM 993 O  O     . HOH J 4 .  ? -6.095  7.197   -8.446  1.00 60.00 ? 68 HOH D O     1 
HETATM 994 O  O     . HOH J 4 .  ? 6.511   -12.130 -5.292  1.00 41.44 ? 69 HOH D O     1 
HETATM 995 O  O     . HOH J 4 .  ? -9.154  1.778   5.947   1.00 39.52 ? 70 HOH D O     1 
# 
